data_6GH4
#
_entry.id   6GH4
#
_cell.length_a   48.317
_cell.length_b   76.412
_cell.length_c   111.309
_cell.angle_alpha   99.39
_cell.angle_beta   99.83
_cell.angle_gamma   93.50
#
_symmetry.space_group_name_H-M   'P 1'
#
loop_
_entity.id
_entity.type
_entity.pdbx_description
1 polymer 'MHC class I antigen'
2 polymer Beta-2-microglobulin
3 polymer ARG-GLN-PRO-ALA-LYS-ALA-PRO-LEU-LEU
4 non-polymer 'SULFATE ION'
5 non-polymer 'ZINC ION'
6 water water
#
loop_
_entity_poly.entity_id
_entity_poly.type
_entity_poly.pdbx_seq_one_letter_code
_entity_poly.pdbx_strand_id
1 'polypeptide(L)'
;GSHSLKYFHTSVSRPGRGEPRFISVGYVDDTQFVRFDNDAASPRMVPRAPWMEQEGSEYWDRETRSARDTAQIFRVNLRT
LRGYYNQSEAGSHTLQWMHGCELGPDGRFLRGYEQFAYDGKDYLTLNEDLRSWTAVDTAAQISEQKSNDASEAEHQRAYL
EDTCVEWLHKYLEKGKETLLHLEPPKTHVTHHPISDHEATLRCWALGFYPAEITLTWQQDGEGHTQDTELVETRPAGDGT
FQKWAAVVVPSGEEQRYTCHVQHEGLPEPVTLRW
;
A,C,E,G
2 'polypeptide(L)'
;MIQRTPKIQVYSRHPAENGKSNFLNCYVSGFHPSDIEVDLLKNGERIEKVEHSDLSFSKDWSFYLLYYTEFTPTEKDEYA
CRVNHVTLSQPKIVKWDRDM
;
B,D,F,H
3 'polypeptide(L)' RQPAKAPLL P,Q,R,Y
#
loop_
_chem_comp.id
_chem_comp.type
_chem_comp.name
_chem_comp.formula
SO4 non-polymer 'SULFATE ION' 'O4 S -2'
ZN non-polymer 'ZINC ION' 'Zn 2'
#
# COMPACT_ATOMS: atom_id res chain seq x y z
N GLY A 1 29.57 8.23 3.09
CA GLY A 1 29.60 8.60 1.68
C GLY A 1 30.57 9.73 1.39
N SER A 2 30.54 10.21 0.14
CA SER A 2 31.43 11.29 -0.25
C SER A 2 30.85 12.63 0.18
N HIS A 3 31.74 13.60 0.38
CA HIS A 3 31.33 14.95 0.79
C HIS A 3 32.22 15.96 0.09
N SER A 4 31.71 17.19 -0.02
CA SER A 4 32.41 18.24 -0.72
C SER A 4 32.22 19.57 -0.01
N LEU A 5 33.26 20.40 -0.05
CA LEU A 5 33.21 21.77 0.40
C LEU A 5 33.47 22.65 -0.81
N LYS A 6 32.50 23.48 -1.16
CA LYS A 6 32.53 24.21 -2.42
C LYS A 6 32.17 25.67 -2.20
N TYR A 7 32.88 26.55 -2.89
CA TYR A 7 32.57 27.97 -2.91
C TYR A 7 32.36 28.44 -4.35
N PHE A 8 31.46 29.41 -4.49
CA PHE A 8 31.13 30.00 -5.79
C PHE A 8 31.20 31.51 -5.66
N HIS A 9 32.09 32.14 -6.44
CA HIS A 9 32.31 33.59 -6.39
C HIS A 9 31.89 34.21 -7.71
N THR A 10 31.10 35.29 -7.64
CA THR A 10 30.63 35.99 -8.83
C THR A 10 30.86 37.49 -8.69
N SER A 11 31.47 38.10 -9.71
CA SER A 11 31.67 39.55 -9.76
C SER A 11 31.19 40.07 -11.11
N VAL A 12 30.33 41.09 -11.08
CA VAL A 12 29.72 41.65 -12.28
C VAL A 12 29.95 43.16 -12.27
N SER A 13 30.60 43.67 -13.32
CA SER A 13 30.91 45.10 -13.40
C SER A 13 29.67 45.90 -13.74
N ARG A 14 29.57 47.10 -13.16
CA ARG A 14 28.42 47.98 -13.32
C ARG A 14 28.90 49.27 -13.96
N PRO A 15 28.85 49.38 -15.29
CA PRO A 15 29.44 50.54 -15.97
C PRO A 15 28.75 51.83 -15.56
N GLY A 16 29.58 52.83 -15.21
CA GLY A 16 29.08 54.11 -14.80
C GLY A 16 28.34 54.14 -13.47
N ARG A 17 28.55 53.12 -12.61
CA ARG A 17 27.79 53.04 -11.37
C ARG A 17 28.61 52.57 -10.18
N GLY A 18 29.95 52.64 -10.24
CA GLY A 18 30.77 52.29 -9.09
C GLY A 18 31.37 50.91 -9.17
N GLU A 19 31.68 50.32 -8.01
CA GLU A 19 32.36 49.03 -8.01
C GLU A 19 31.47 47.91 -8.54
N PRO A 20 32.08 46.83 -9.03
CA PRO A 20 31.29 45.67 -9.47
C PRO A 20 30.56 45.04 -8.29
N ARG A 21 29.41 44.43 -8.59
CA ARG A 21 28.70 43.65 -7.59
C ARG A 21 29.43 42.33 -7.35
N PHE A 22 29.63 41.98 -6.09
CA PHE A 22 30.34 40.76 -5.75
C PHE A 22 29.51 39.95 -4.77
N ILE A 23 29.27 38.69 -5.11
CA ILE A 23 28.50 37.77 -4.28
C ILE A 23 29.22 36.43 -4.27
N SER A 24 29.38 35.85 -3.08
CA SER A 24 29.95 34.52 -2.94
C SER A 24 29.14 33.71 -1.93
N VAL A 25 29.06 32.41 -2.18
CA VAL A 25 28.34 31.49 -1.29
C VAL A 25 29.19 30.24 -1.09
N GLY A 26 29.01 29.60 0.05
CA GLY A 26 29.69 28.35 0.36
C GLY A 26 28.69 27.23 0.54
N TYR A 27 29.04 26.04 0.06
CA TYR A 27 28.20 24.86 0.18
C TYR A 27 28.98 23.71 0.80
N VAL A 28 28.32 22.99 1.70
CA VAL A 28 28.74 21.65 2.11
C VAL A 28 27.72 20.69 1.52
N ASP A 29 28.19 19.83 0.60
CA ASP A 29 27.30 18.97 -0.18
C ASP A 29 26.24 19.83 -0.87
N ASP A 30 24.96 19.60 -0.55
CA ASP A 30 23.87 20.35 -1.16
C ASP A 30 23.30 21.42 -0.23
N THR A 31 24.04 21.81 0.81
CA THR A 31 23.54 22.75 1.81
C THR A 31 24.41 24.00 1.79
N GLN A 32 23.78 25.14 1.48
CA GLN A 32 24.49 26.41 1.61
C GLN A 32 24.65 26.75 3.09
N PHE A 33 25.84 27.26 3.46
CA PHE A 33 26.11 27.56 4.85
C PHE A 33 26.69 28.94 5.11
N VAL A 34 27.26 29.63 4.13
CA VAL A 34 27.72 31.00 4.29
C VAL A 34 27.41 31.79 3.02
N ARG A 35 27.44 33.12 3.15
CA ARG A 35 27.23 34.02 2.03
C ARG A 35 28.04 35.29 2.28
N PHE A 36 28.51 35.91 1.19
CA PHE A 36 29.06 37.26 1.25
C PHE A 36 28.49 38.07 0.08
N ASP A 37 28.04 39.29 0.38
CA ASP A 37 27.49 40.19 -0.63
C ASP A 37 28.02 41.60 -0.35
N ASN A 38 28.72 42.19 -1.32
CA ASN A 38 29.33 43.50 -1.09
C ASN A 38 28.36 44.65 -1.30
N ASP A 39 27.08 44.38 -1.56
CA ASP A 39 26.08 45.44 -1.73
C ASP A 39 25.62 45.95 -0.36
N ALA A 40 26.55 46.59 0.34
CA ALA A 40 26.29 47.12 1.67
C ALA A 40 27.44 48.06 2.04
N ALA A 41 27.17 48.95 2.99
CA ALA A 41 28.21 49.85 3.47
C ALA A 41 29.29 49.10 4.22
N SER A 42 28.92 48.06 4.96
CA SER A 42 29.86 47.25 5.74
C SER A 42 29.54 45.78 5.51
N PRO A 43 29.92 45.23 4.35
CA PRO A 43 29.54 43.86 4.03
C PRO A 43 30.24 42.83 4.92
N ARG A 44 29.49 41.82 5.32
CA ARG A 44 29.97 40.77 6.20
C ARG A 44 29.70 39.40 5.58
N MET A 45 30.61 38.46 5.82
CA MET A 45 30.27 37.06 5.63
C MET A 45 29.32 36.63 6.74
N VAL A 46 28.20 36.03 6.37
CA VAL A 46 27.16 35.69 7.35
C VAL A 46 26.77 34.23 7.20
N PRO A 47 26.28 33.59 8.25
CA PRO A 47 25.84 32.20 8.13
C PRO A 47 24.52 32.09 7.40
N ARG A 48 24.37 30.99 6.65
CA ARG A 48 23.12 30.66 5.99
C ARG A 48 22.60 29.30 6.41
N ALA A 49 23.19 28.71 7.45
CA ALA A 49 22.75 27.49 8.09
C ALA A 49 22.81 27.70 9.60
N PRO A 50 21.80 27.22 10.34
CA PRO A 50 21.76 27.50 11.79
C PRO A 50 22.97 26.99 12.56
N TRP A 51 23.54 25.85 12.17
CA TRP A 51 24.65 25.27 12.91
C TRP A 51 25.95 26.03 12.75
N MET A 52 26.01 27.05 11.88
CA MET A 52 27.22 27.86 11.76
C MET A 52 27.30 28.95 12.81
N GLU A 53 26.24 29.18 13.56
CA GLU A 53 26.31 30.06 14.71
C GLU A 53 27.12 29.48 15.86
N GLN A 54 27.59 28.23 15.73
CA GLN A 54 28.57 27.72 16.69
C GLN A 54 29.95 28.31 16.46
N GLU A 55 30.15 29.03 15.36
CA GLU A 55 31.43 29.65 15.06
C GLU A 55 31.51 31.02 15.72
N GLY A 56 32.65 31.30 16.35
CA GLY A 56 32.84 32.54 17.08
C GLY A 56 33.17 33.72 16.18
N SER A 57 33.35 34.87 16.84
CA SER A 57 33.55 36.12 16.12
C SER A 57 34.85 36.13 15.33
N GLU A 58 35.88 35.40 15.79
CA GLU A 58 37.14 35.38 15.05
C GLU A 58 36.97 34.76 13.68
N TYR A 59 36.26 33.63 13.61
CA TYR A 59 35.94 33.01 12.32
C TYR A 59 35.28 34.02 11.40
N TRP A 60 34.25 34.71 11.88
CA TRP A 60 33.49 35.61 11.03
C TRP A 60 34.31 36.81 10.60
N ASP A 61 35.15 37.33 11.50
CA ASP A 61 36.03 38.43 11.15
C ASP A 61 37.01 38.02 10.06
N ARG A 62 37.60 36.83 10.18
CA ARG A 62 38.56 36.37 9.19
C ARG A 62 37.91 36.12 7.83
N GLU A 63 36.75 35.45 7.83
CA GLU A 63 36.06 35.20 6.57
C GLU A 63 35.59 36.50 5.92
N THR A 64 35.19 37.49 6.72
CA THR A 64 34.80 38.79 6.15
C THR A 64 35.99 39.46 5.47
N ARG A 65 37.17 39.42 6.12
CA ARG A 65 38.37 39.99 5.51
C ARG A 65 38.74 39.26 4.22
N SER A 66 38.64 37.93 4.21
CA SER A 66 38.97 37.18 3.01
C SER A 66 38.05 37.53 1.86
N ALA A 67 36.75 37.65 2.13
CA ALA A 67 35.78 37.90 1.06
C ALA A 67 35.87 39.32 0.54
N ARG A 68 36.09 40.30 1.43
CA ARG A 68 36.29 41.67 0.98
C ARG A 68 37.52 41.79 0.07
N ASP A 69 38.60 41.09 0.43
CA ASP A 69 39.80 41.13 -0.37
C ASP A 69 39.59 40.43 -1.71
N THR A 70 38.82 39.34 -1.72
CA THR A 70 38.51 38.66 -2.98
C THR A 70 37.75 39.58 -3.92
N ALA A 71 36.78 40.33 -3.40
CA ALA A 71 36.03 41.27 -4.24
C ALA A 71 36.95 42.30 -4.87
N GLN A 72 37.88 42.85 -4.09
CA GLN A 72 38.83 43.82 -4.63
C GLN A 72 39.72 43.19 -5.69
N ILE A 73 40.19 41.96 -5.45
CA ILE A 73 41.01 41.27 -6.43
C ILE A 73 40.19 41.02 -7.70
N PHE A 74 38.91 40.70 -7.56
CA PHE A 74 38.07 40.44 -8.72
C PHE A 74 37.76 41.73 -9.49
N ARG A 75 37.67 42.85 -8.79
CA ARG A 75 37.55 44.13 -9.48
C ARG A 75 38.78 44.40 -10.33
N VAL A 76 39.96 44.10 -9.80
CA VAL A 76 41.20 44.25 -10.56
C VAL A 76 41.21 43.29 -11.75
N ASN A 77 40.82 42.04 -11.53
CA ASN A 77 40.83 41.05 -12.62
C ASN A 77 39.89 41.45 -13.74
N LEU A 78 38.70 41.96 -13.41
CA LEU A 78 37.78 42.42 -14.45
C LEU A 78 38.39 43.54 -15.28
N ARG A 79 39.12 44.45 -14.63
CA ARG A 79 39.79 45.53 -15.35
C ARG A 79 40.93 44.96 -16.21
N THR A 80 41.70 44.02 -15.67
CA THR A 80 42.76 43.37 -16.43
C THR A 80 42.18 42.66 -17.65
N LEU A 81 41.10 41.89 -17.45
CA LEU A 81 40.51 41.14 -18.55
C LEU A 81 39.93 42.07 -19.61
N ARG A 82 39.38 43.21 -19.18
CA ARG A 82 38.86 44.18 -20.14
C ARG A 82 39.97 44.71 -21.04
N GLY A 83 41.19 44.83 -20.51
CA GLY A 83 42.32 45.23 -21.32
C GLY A 83 42.83 44.13 -22.22
N TYR A 84 42.79 42.88 -21.74
CA TYR A 84 43.20 41.75 -22.57
C TYR A 84 42.40 41.68 -23.86
N TYR A 85 41.08 41.86 -23.78
CA TYR A 85 40.19 41.72 -24.92
C TYR A 85 39.88 43.06 -25.58
N ASN A 86 40.52 44.13 -25.14
CA ASN A 86 40.33 45.47 -25.69
C ASN A 86 38.86 45.86 -25.71
N GLN A 87 38.20 45.69 -24.57
CA GLN A 87 36.78 45.93 -24.44
C GLN A 87 36.49 47.29 -23.81
N SER A 88 35.42 47.91 -24.27
CA SER A 88 35.01 49.22 -23.77
C SER A 88 34.63 49.17 -22.29
N GLU A 89 34.64 50.35 -21.67
CA GLU A 89 34.15 50.48 -20.31
C GLU A 89 32.62 50.52 -20.23
N ALA A 90 31.94 50.69 -21.35
CA ALA A 90 30.48 50.80 -21.33
C ALA A 90 29.76 49.47 -21.20
N GLY A 91 30.48 48.35 -21.21
CA GLY A 91 29.88 47.02 -21.21
C GLY A 91 30.01 46.34 -19.85
N SER A 92 28.95 45.62 -19.47
CA SER A 92 28.97 44.84 -18.24
C SER A 92 29.60 43.48 -18.50
N HIS A 93 30.49 43.06 -17.61
CA HIS A 93 31.18 41.79 -17.76
C HIS A 93 31.14 41.01 -16.45
N THR A 94 31.32 39.70 -16.56
CA THR A 94 31.17 38.78 -15.43
C THR A 94 32.43 37.95 -15.27
N LEU A 95 32.92 37.86 -14.04
CA LEU A 95 34.01 36.96 -13.69
C LEU A 95 33.54 36.01 -12.59
N GLN A 96 33.70 34.72 -12.84
CA GLN A 96 33.27 33.70 -11.89
C GLN A 96 34.45 32.82 -11.49
N TRP A 97 34.42 32.37 -10.24
CA TRP A 97 35.45 31.52 -9.66
C TRP A 97 34.76 30.44 -8.84
N MET A 98 35.09 29.18 -9.12
CA MET A 98 34.57 28.08 -8.31
C MET A 98 35.73 27.17 -7.93
N HIS A 99 35.67 26.65 -6.71
CA HIS A 99 36.71 25.76 -6.21
C HIS A 99 36.07 24.88 -5.15
N GLY A 100 36.71 23.74 -4.89
CA GLY A 100 36.19 22.82 -3.91
C GLY A 100 37.12 21.64 -3.72
N CYS A 101 36.96 21.01 -2.57
CA CYS A 101 37.65 19.76 -2.28
C CYS A 101 36.58 18.70 -2.02
N GLU A 102 36.84 17.50 -2.51
CA GLU A 102 35.91 16.39 -2.39
C GLU A 102 36.57 15.24 -1.64
N LEU A 103 35.85 14.69 -0.68
CA LEU A 103 36.31 13.52 0.06
C LEU A 103 35.64 12.28 -0.51
N GLY A 104 36.37 11.18 -0.49
CA GLY A 104 35.81 9.91 -0.85
C GLY A 104 35.04 9.29 0.30
N PRO A 105 34.53 8.09 0.07
CA PRO A 105 33.81 7.39 1.15
C PRO A 105 34.72 7.06 2.33
N ASP A 106 36.02 6.97 2.10
CA ASP A 106 36.99 6.76 3.16
C ASP A 106 37.26 8.02 3.97
N GLY A 107 36.68 9.15 3.59
CA GLY A 107 36.92 10.38 4.30
C GLY A 107 38.24 11.04 3.99
N ARG A 108 38.96 10.55 2.98
CA ARG A 108 40.25 11.08 2.59
C ARG A 108 40.09 12.00 1.37
N PHE A 109 41.09 12.84 1.15
CA PHE A 109 41.06 13.72 -0.01
C PHE A 109 41.00 12.89 -1.29
N LEU A 110 40.00 13.16 -2.12
CA LEU A 110 39.81 12.44 -3.38
C LEU A 110 40.12 13.29 -4.60
N ARG A 111 39.67 14.54 -4.61
CA ARG A 111 39.83 15.40 -5.77
C ARG A 111 39.67 16.84 -5.34
N GLY A 112 40.48 17.72 -5.91
CA GLY A 112 40.28 19.15 -5.77
C GLY A 112 40.22 19.79 -7.14
N TYR A 113 39.54 20.94 -7.19
CA TYR A 113 39.36 21.62 -8.45
C TYR A 113 39.27 23.11 -8.22
N GLU A 114 39.62 23.87 -9.26
CA GLU A 114 39.49 25.31 -9.24
C GLU A 114 39.39 25.79 -10.68
N GLN A 115 38.47 26.72 -10.95
CA GLN A 115 38.27 27.17 -12.32
C GLN A 115 37.76 28.60 -12.33
N PHE A 116 38.14 29.35 -13.37
CA PHE A 116 37.66 30.70 -13.62
C PHE A 116 36.89 30.75 -14.93
N ALA A 117 35.89 31.61 -14.98
CA ALA A 117 35.12 31.86 -16.20
C ALA A 117 34.97 33.36 -16.42
N TYR A 118 34.98 33.77 -17.69
CA TYR A 118 34.78 35.16 -18.08
C TYR A 118 33.59 35.24 -19.03
N ASP A 119 32.59 36.02 -18.66
CA ASP A 119 31.37 36.20 -19.44
C ASP A 119 30.74 34.85 -19.78
N GLY A 120 30.66 33.98 -18.78
CA GLY A 120 29.96 32.71 -18.90
C GLY A 120 30.69 31.62 -19.66
N LYS A 121 31.98 31.77 -19.94
CA LYS A 121 32.73 30.77 -20.68
C LYS A 121 34.03 30.46 -19.93
N ASP A 122 34.45 29.19 -19.99
CA ASP A 122 35.70 28.77 -19.38
C ASP A 122 36.81 29.74 -19.73
N TYR A 123 37.61 30.11 -18.73
CA TYR A 123 38.76 30.98 -18.95
C TYR A 123 40.06 30.31 -18.54
N LEU A 124 40.22 29.94 -17.27
CA LEU A 124 41.45 29.35 -16.78
C LEU A 124 41.10 28.24 -15.80
N THR A 125 41.79 27.11 -15.92
CA THR A 125 41.47 25.93 -15.13
C THR A 125 42.69 25.45 -14.37
N LEU A 126 42.52 25.18 -13.07
CA LEU A 126 43.52 24.45 -12.30
C LEU A 126 43.25 22.97 -12.48
N ASN A 127 44.20 22.26 -13.08
CA ASN A 127 44.00 20.85 -13.36
C ASN A 127 43.98 20.03 -12.08
N GLU A 128 43.41 18.84 -12.18
CA GLU A 128 43.22 17.97 -11.02
C GLU A 128 44.55 17.49 -10.45
N ASP A 129 45.64 17.56 -11.23
CA ASP A 129 46.95 17.28 -10.67
C ASP A 129 47.39 18.34 -9.66
N LEU A 130 46.68 19.48 -9.61
CA LEU A 130 46.94 20.58 -8.68
C LEU A 130 48.35 21.15 -8.84
N ARG A 131 48.95 20.98 -10.01
CA ARG A 131 50.29 21.48 -10.26
C ARG A 131 50.41 22.17 -11.62
N SER A 132 49.32 22.37 -12.35
CA SER A 132 49.39 22.99 -13.65
C SER A 132 48.07 23.67 -13.97
N TRP A 133 48.12 24.64 -14.87
CA TRP A 133 46.95 25.37 -15.31
C TRP A 133 46.74 25.12 -16.80
N THR A 134 45.51 25.31 -17.25
CA THR A 134 45.17 25.23 -18.66
C THR A 134 44.38 26.48 -19.04
N ALA A 135 44.86 27.16 -20.08
CA ALA A 135 44.26 28.40 -20.54
C ALA A 135 43.40 28.15 -21.77
N VAL A 136 42.31 28.91 -21.87
CA VAL A 136 41.38 28.75 -22.98
C VAL A 136 41.80 29.52 -24.23
N ASP A 137 42.58 30.59 -24.08
CA ASP A 137 42.98 31.40 -25.23
C ASP A 137 44.26 32.14 -24.87
N THR A 138 44.67 33.05 -25.76
CA THR A 138 45.91 33.79 -25.55
C THR A 138 45.83 34.71 -24.34
N ALA A 139 44.65 35.27 -24.07
CA ALA A 139 44.48 36.10 -22.88
C ALA A 139 44.69 35.29 -21.60
N ALA A 140 44.06 34.11 -21.52
CA ALA A 140 44.22 33.25 -20.35
C ALA A 140 45.63 32.68 -20.24
N GLN A 141 46.38 32.61 -21.34
CA GLN A 141 47.76 32.15 -21.25
C GLN A 141 48.63 33.13 -20.48
N ILE A 142 48.32 34.43 -20.56
CA ILE A 142 49.01 35.40 -19.72
C ILE A 142 48.65 35.17 -18.26
N SER A 143 47.37 34.91 -17.98
CA SER A 143 46.95 34.60 -16.62
C SER A 143 47.64 33.35 -16.11
N GLU A 144 47.81 32.35 -16.97
CA GLU A 144 48.55 31.14 -16.61
C GLU A 144 49.99 31.48 -16.23
N GLN A 145 50.63 32.38 -16.99
CA GLN A 145 52.01 32.73 -16.70
C GLN A 145 52.12 33.46 -15.35
N LYS A 146 51.19 34.35 -15.05
CA LYS A 146 51.15 34.97 -13.73
C LYS A 146 51.06 33.92 -12.63
N SER A 147 50.16 32.95 -12.79
CA SER A 147 50.02 31.89 -11.79
C SER A 147 51.33 31.12 -11.64
N ASN A 148 52.02 30.86 -12.75
CA ASN A 148 53.32 30.20 -12.69
C ASN A 148 54.34 31.04 -11.95
N ASP A 149 54.38 32.35 -12.22
CA ASP A 149 55.35 33.22 -11.55
C ASP A 149 55.17 33.20 -10.04
N ALA A 150 53.93 33.06 -9.57
CA ALA A 150 53.61 33.16 -8.16
C ALA A 150 53.48 31.81 -7.48
N SER A 151 53.76 30.71 -8.18
CA SER A 151 53.55 29.37 -7.65
C SER A 151 52.11 29.20 -7.17
N GLU A 152 51.17 29.77 -7.94
CA GLU A 152 49.78 29.81 -7.51
C GLU A 152 49.19 28.40 -7.40
N ALA A 153 49.61 27.49 -8.28
CA ALA A 153 49.14 26.11 -8.19
C ALA A 153 49.54 25.49 -6.85
N GLU A 154 50.77 25.76 -6.41
CA GLU A 154 51.22 25.26 -5.13
C GLU A 154 50.43 25.86 -3.98
N HIS A 155 50.10 27.16 -4.08
CA HIS A 155 49.32 27.81 -3.03
C HIS A 155 47.89 27.28 -2.99
N GLN A 156 47.26 27.11 -4.16
CA GLN A 156 45.89 26.59 -4.18
C GLN A 156 45.86 25.11 -3.80
N ARG A 157 46.89 24.35 -4.16
CA ARG A 157 46.97 22.95 -3.74
C ARG A 157 46.99 22.85 -2.22
N ALA A 158 47.74 23.74 -1.56
CA ALA A 158 47.79 23.73 -0.09
C ALA A 158 46.44 24.05 0.52
N TYR A 159 45.71 25.01 -0.07
CA TYR A 159 44.37 25.29 0.42
C TYR A 159 43.44 24.09 0.24
N LEU A 160 43.48 23.46 -0.93
CA LEU A 160 42.52 22.40 -1.22
C LEU A 160 42.82 21.14 -0.43
N GLU A 161 44.10 20.78 -0.25
CA GLU A 161 44.46 19.55 0.42
C GLU A 161 44.55 19.68 1.93
N ASP A 162 44.74 20.89 2.46
CA ASP A 162 44.93 21.09 3.89
C ASP A 162 43.76 21.91 4.47
N THR A 163 43.69 23.20 4.13
CA THR A 163 42.66 24.06 4.73
C THR A 163 41.26 23.55 4.40
N CYS A 164 41.00 23.24 3.13
CA CYS A 164 39.69 22.80 2.71
C CYS A 164 39.29 21.48 3.37
N VAL A 165 40.21 20.52 3.40
CA VAL A 165 39.90 19.21 3.99
C VAL A 165 39.62 19.36 5.49
N GLU A 166 40.45 20.13 6.19
CA GLU A 166 40.30 20.29 7.63
C GLU A 166 38.95 20.92 7.98
N TRP A 167 38.57 21.99 7.27
CA TRP A 167 37.34 22.68 7.63
C TRP A 167 36.10 21.94 7.17
N LEU A 168 36.20 21.14 6.11
CA LEU A 168 35.09 20.26 5.76
C LEU A 168 34.82 19.27 6.88
N HIS A 169 35.89 18.74 7.49
CA HIS A 169 35.72 17.87 8.65
C HIS A 169 35.04 18.59 9.81
N LYS A 170 35.42 19.85 10.06
CA LYS A 170 34.79 20.61 11.14
C LYS A 170 33.32 20.88 10.84
N TYR A 171 33.02 21.34 9.63
CA TYR A 171 31.63 21.64 9.26
C TYR A 171 30.76 20.40 9.38
N LEU A 172 31.24 19.26 8.86
CA LEU A 172 30.47 18.03 8.93
C LEU A 172 30.19 17.63 10.37
N GLU A 173 31.13 17.89 11.28
CA GLU A 173 30.90 17.56 12.68
C GLU A 173 29.91 18.52 13.33
N LYS A 174 30.04 19.82 13.05
CA LYS A 174 29.16 20.80 13.66
C LYS A 174 27.73 20.70 13.12
N GLY A 175 27.57 20.39 11.84
CA GLY A 175 26.24 20.23 11.29
C GLY A 175 25.84 18.80 11.03
N LYS A 176 26.34 17.85 11.85
CA LYS A 176 26.13 16.44 11.58
C LYS A 176 24.65 16.08 11.57
N GLU A 177 23.86 16.71 12.45
CA GLU A 177 22.46 16.32 12.60
C GLU A 177 21.64 16.60 11.35
N THR A 178 22.11 17.49 10.48
CA THR A 178 21.45 17.77 9.21
C THR A 178 22.27 17.40 8.00
N LEU A 179 23.59 17.62 8.03
CA LEU A 179 24.43 17.30 6.88
C LEU A 179 24.56 15.81 6.67
N LEU A 180 24.60 15.02 7.74
CA LEU A 180 24.76 13.58 7.65
C LEU A 180 23.44 12.82 7.77
N HIS A 181 22.32 13.52 7.77
CA HIS A 181 21.01 12.89 7.91
C HIS A 181 20.37 12.78 6.53
N LEU A 182 20.29 11.56 6.01
CA LEU A 182 19.60 11.34 4.75
C LEU A 182 18.10 11.50 4.96
N GLU A 183 17.47 12.33 4.16
CA GLU A 183 16.04 12.59 4.29
C GLU A 183 15.33 11.95 3.10
N PRO A 184 14.55 10.90 3.31
CA PRO A 184 13.96 10.19 2.18
C PRO A 184 12.84 11.00 1.56
N PRO A 185 12.56 10.77 0.28
CA PRO A 185 11.45 11.48 -0.36
C PRO A 185 10.11 10.96 0.11
N LYS A 186 9.15 11.88 0.24
CA LYS A 186 7.75 11.54 0.36
C LYS A 186 7.16 11.46 -1.04
N THR A 187 6.50 10.36 -1.35
CA THR A 187 6.09 10.08 -2.72
C THR A 187 4.59 9.84 -2.78
N HIS A 188 4.00 10.27 -3.90
CA HIS A 188 2.60 9.99 -4.21
C HIS A 188 2.38 10.20 -5.70
N VAL A 189 1.26 9.69 -6.19
CA VAL A 189 0.90 9.76 -7.60
C VAL A 189 -0.41 10.53 -7.74
N THR A 190 -0.43 11.49 -8.67
CA THR A 190 -1.64 12.24 -8.99
C THR A 190 -2.13 11.89 -10.40
N HIS A 191 -3.44 12.09 -10.60
CA HIS A 191 -4.12 11.66 -11.82
C HIS A 191 -4.94 12.82 -12.37
N HIS A 192 -4.70 13.18 -13.63
CA HIS A 192 -5.35 14.32 -14.27
C HIS A 192 -5.84 13.93 -15.66
N PRO A 193 -7.14 13.73 -15.84
CA PRO A 193 -7.65 13.36 -17.18
C PRO A 193 -7.40 14.48 -18.19
N ILE A 194 -6.82 14.10 -19.32
CA ILE A 194 -6.62 15.02 -20.44
C ILE A 194 -7.85 15.08 -21.34
N SER A 195 -8.46 13.93 -21.60
CA SER A 195 -9.64 13.83 -22.44
C SER A 195 -10.42 12.60 -21.99
N ASP A 196 -11.37 12.14 -22.83
CA ASP A 196 -12.07 10.91 -22.51
C ASP A 196 -11.19 9.68 -22.70
N HIS A 197 -10.13 9.79 -23.50
CA HIS A 197 -9.30 8.64 -23.84
C HIS A 197 -7.89 8.69 -23.29
N GLU A 198 -7.48 9.79 -22.67
CA GLU A 198 -6.12 9.92 -22.16
C GLU A 198 -6.13 10.59 -20.79
N ALA A 199 -5.07 10.33 -20.03
CA ALA A 199 -4.91 10.91 -18.71
C ALA A 199 -3.43 11.09 -18.40
N THR A 200 -3.13 12.03 -17.51
CA THR A 200 -1.77 12.27 -17.03
C THR A 200 -1.60 11.62 -15.67
N LEU A 201 -0.53 10.83 -15.52
CA LEU A 201 -0.08 10.33 -14.22
C LEU A 201 1.18 11.08 -13.84
N ARG A 202 1.15 11.75 -12.69
CA ARG A 202 2.30 12.51 -12.20
C ARG A 202 2.80 11.89 -10.90
N CYS A 203 4.06 11.46 -10.90
CA CYS A 203 4.70 10.85 -9.74
C CYS A 203 5.54 11.89 -9.02
N TRP A 204 5.21 12.14 -7.75
CA TRP A 204 5.83 13.21 -6.96
C TRP A 204 6.89 12.69 -6.01
N ALA A 205 7.97 13.45 -5.85
CA ALA A 205 8.98 13.20 -4.82
C ALA A 205 9.24 14.49 -4.08
N LEU A 206 8.89 14.53 -2.78
CA LEU A 206 8.89 15.77 -2.02
C LEU A 206 9.73 15.65 -0.76
N GLY A 207 10.43 16.73 -0.42
CA GLY A 207 11.08 16.88 0.85
C GLY A 207 12.27 15.98 1.11
N PHE A 208 13.06 15.70 0.09
CA PHE A 208 14.21 14.80 0.23
C PHE A 208 15.51 15.58 0.26
N TYR A 209 16.53 14.96 0.87
CA TYR A 209 17.88 15.49 0.90
C TYR A 209 18.81 14.29 1.01
N PRO A 210 19.90 14.23 0.22
CA PRO A 210 20.37 15.26 -0.73
C PRO A 210 19.58 15.32 -2.04
N ALA A 211 20.04 16.16 -2.96
CA ALA A 211 19.27 16.45 -4.17
C ALA A 211 19.29 15.30 -5.17
N GLU A 212 20.30 14.43 -5.12
CA GLU A 212 20.41 13.34 -6.08
C GLU A 212 19.22 12.39 -5.94
N ILE A 213 18.53 12.12 -7.04
CA ILE A 213 17.34 11.26 -7.03
C ILE A 213 17.07 10.81 -8.46
N THR A 214 16.35 9.69 -8.60
CA THR A 214 15.96 9.18 -9.91
C THR A 214 14.48 8.80 -9.92
N LEU A 215 13.75 9.34 -10.90
CA LEU A 215 12.35 9.04 -11.13
C LEU A 215 12.15 8.44 -12.50
N THR A 216 11.49 7.28 -12.56
CA THR A 216 11.20 6.59 -13.82
C THR A 216 9.79 6.05 -13.80
N TRP A 217 9.09 6.17 -14.94
CA TRP A 217 7.79 5.55 -15.13
C TRP A 217 7.97 4.25 -15.91
N GLN A 218 7.58 3.14 -15.30
CA GLN A 218 7.65 1.83 -15.94
C GLN A 218 6.29 1.49 -16.54
N GLN A 219 6.29 1.06 -17.80
CA GLN A 219 5.09 0.57 -18.49
C GLN A 219 5.36 -0.87 -18.90
N ASP A 220 4.95 -1.81 -18.06
CA ASP A 220 5.24 -3.23 -18.24
C ASP A 220 6.73 -3.44 -18.44
N GLY A 221 7.12 -4.00 -19.59
CA GLY A 221 8.52 -4.27 -19.86
C GLY A 221 9.37 -3.05 -20.18
N GLU A 222 8.76 -1.89 -20.38
CA GLU A 222 9.49 -0.67 -20.67
C GLU A 222 9.74 0.06 -19.37
N GLY A 223 11.02 0.15 -18.96
CA GLY A 223 11.34 0.79 -17.70
C GLY A 223 11.31 2.30 -17.77
N HIS A 224 11.69 2.87 -18.91
CA HIS A 224 11.66 4.32 -19.15
C HIS A 224 10.55 4.57 -20.18
N THR A 225 9.35 4.86 -19.67
CA THR A 225 8.19 5.05 -20.55
C THR A 225 8.46 6.15 -21.56
N GLN A 226 8.08 5.90 -22.81
CA GLN A 226 8.23 6.89 -23.87
C GLN A 226 7.56 8.21 -23.48
N ASP A 227 8.24 9.31 -23.78
CA ASP A 227 7.70 10.66 -23.55
C ASP A 227 7.42 10.90 -22.07
N THR A 228 8.31 10.41 -21.21
CA THR A 228 8.23 10.78 -19.79
C THR A 228 8.72 12.20 -19.62
N GLU A 229 7.90 13.05 -19.02
CA GLU A 229 8.31 14.43 -18.74
C GLU A 229 8.94 14.52 -17.35
N LEU A 230 10.20 14.93 -17.32
CA LEU A 230 10.94 15.13 -16.08
C LEU A 230 11.19 16.62 -15.90
N VAL A 231 10.98 17.12 -14.70
CA VAL A 231 11.34 18.49 -14.35
C VAL A 231 12.67 18.48 -13.64
N GLU A 232 13.42 19.57 -13.78
CA GLU A 232 14.67 19.69 -13.04
C GLU A 232 14.38 19.65 -11.54
N THR A 233 15.25 18.96 -10.80
CA THR A 233 15.13 18.95 -9.35
C THR A 233 15.19 20.38 -8.82
N ARG A 234 14.28 20.71 -7.92
CA ARG A 234 14.07 22.08 -7.50
C ARG A 234 14.06 22.18 -5.98
N PRO A 235 14.55 23.29 -5.44
CA PRO A 235 14.57 23.45 -3.98
C PRO A 235 13.19 23.80 -3.45
N ALA A 236 12.83 23.16 -2.33
CA ALA A 236 11.55 23.45 -1.70
C ALA A 236 11.57 24.80 -0.97
N GLY A 237 12.75 25.28 -0.60
CA GLY A 237 12.89 26.50 0.17
C GLY A 237 13.22 26.29 1.62
N ASP A 238 13.20 25.04 2.10
CA ASP A 238 13.47 24.71 3.48
C ASP A 238 14.71 23.82 3.63
N GLY A 239 15.53 23.74 2.59
CA GLY A 239 16.70 22.89 2.60
C GLY A 239 16.53 21.56 1.90
N THR A 240 15.29 21.15 1.62
CA THR A 240 14.99 19.92 0.92
C THR A 240 14.62 20.21 -0.53
N PHE A 241 14.42 19.15 -1.31
CA PHE A 241 14.24 19.30 -2.74
C PHE A 241 12.99 18.57 -3.20
N GLN A 242 12.59 18.87 -4.44
CA GLN A 242 11.38 18.31 -5.03
C GLN A 242 11.68 17.89 -6.47
N LYS A 243 10.87 16.96 -6.97
CA LYS A 243 10.92 16.55 -8.37
C LYS A 243 9.66 15.77 -8.69
N TRP A 244 9.24 15.79 -9.96
CA TRP A 244 8.16 14.93 -10.41
C TRP A 244 8.40 14.48 -11.84
N ALA A 245 7.74 13.37 -12.19
CA ALA A 245 7.81 12.76 -13.51
C ALA A 245 6.38 12.42 -13.94
N ALA A 246 6.02 12.85 -15.15
CA ALA A 246 4.67 12.68 -15.66
C ALA A 246 4.67 11.89 -16.96
N VAL A 247 3.56 11.20 -17.20
CA VAL A 247 3.36 10.43 -18.42
C VAL A 247 1.89 10.46 -18.80
N VAL A 248 1.60 10.47 -20.09
CA VAL A 248 0.24 10.46 -20.62
C VAL A 248 -0.10 9.03 -21.02
N VAL A 249 -1.17 8.50 -20.44
CA VAL A 249 -1.51 7.08 -20.61
C VAL A 249 -2.92 7.01 -21.17
N PRO A 250 -3.26 5.91 -21.85
CA PRO A 250 -4.66 5.73 -22.29
C PRO A 250 -5.55 5.53 -21.08
N SER A 251 -6.69 6.23 -21.07
CA SER A 251 -7.61 6.15 -19.95
C SER A 251 -8.10 4.72 -19.76
N GLY A 252 -8.00 4.22 -18.53
CA GLY A 252 -8.33 2.85 -18.22
C GLY A 252 -7.14 1.91 -18.11
N GLU A 253 -5.96 2.32 -18.56
CA GLU A 253 -4.75 1.50 -18.46
C GLU A 253 -3.77 2.01 -17.40
N GLU A 254 -4.23 2.87 -16.49
CA GLU A 254 -3.31 3.48 -15.54
C GLU A 254 -2.62 2.44 -14.67
N GLN A 255 -3.27 1.29 -14.45
CA GLN A 255 -2.73 0.22 -13.61
C GLN A 255 -1.51 -0.46 -14.21
N ARG A 256 -1.24 -0.26 -15.50
CA ARG A 256 -0.08 -0.86 -16.15
C ARG A 256 1.19 -0.04 -15.96
N TYR A 257 1.12 1.10 -15.28
CA TYR A 257 2.23 2.02 -15.13
C TYR A 257 2.68 2.06 -13.68
N THR A 258 3.98 1.91 -13.45
CA THR A 258 4.53 1.95 -12.10
C THR A 258 5.66 2.98 -12.04
N CYS A 259 5.65 3.80 -10.99
CA CYS A 259 6.68 4.80 -10.77
C CYS A 259 7.74 4.25 -9.82
N HIS A 260 9.01 4.38 -10.22
CA HIS A 260 10.13 3.97 -9.39
C HIS A 260 10.82 5.21 -8.85
N VAL A 261 11.12 5.21 -7.56
CA VAL A 261 11.85 6.30 -6.91
C VAL A 261 13.06 5.70 -6.21
N GLN A 262 14.25 6.18 -6.57
CA GLN A 262 15.49 5.76 -5.92
C GLN A 262 16.15 6.98 -5.29
N HIS A 263 16.47 6.85 -4.00
CA HIS A 263 17.11 7.92 -3.24
C HIS A 263 17.94 7.29 -2.15
N GLU A 264 19.05 7.95 -1.80
CA GLU A 264 19.98 7.38 -0.82
C GLU A 264 19.35 7.24 0.56
N GLY A 265 18.33 8.03 0.89
CA GLY A 265 17.64 7.90 2.16
C GLY A 265 16.67 6.75 2.24
N LEU A 266 16.41 6.06 1.13
CA LEU A 266 15.51 4.92 1.10
C LEU A 266 16.32 3.63 1.22
N PRO A 267 15.98 2.75 2.16
CA PRO A 267 16.70 1.47 2.26
C PRO A 267 16.57 0.61 1.01
N GLU A 268 15.46 0.72 0.29
CA GLU A 268 15.24 0.08 -0.99
C GLU A 268 14.44 1.03 -1.86
N PRO A 269 14.56 0.93 -3.19
CA PRO A 269 13.75 1.79 -4.05
C PRO A 269 12.26 1.54 -3.83
N VAL A 270 11.47 2.60 -4.01
CA VAL A 270 10.03 2.57 -3.80
C VAL A 270 9.32 2.55 -5.15
N THR A 271 8.24 1.78 -5.22
CA THR A 271 7.39 1.72 -6.39
C THR A 271 5.99 2.18 -6.00
N LEU A 272 5.35 2.95 -6.88
CA LEU A 272 4.04 3.48 -6.61
C LEU A 272 3.16 3.40 -7.86
N ARG A 273 1.87 3.23 -7.63
CA ARG A 273 0.86 3.26 -8.67
C ARG A 273 -0.25 4.21 -8.23
N TRP A 274 -1.02 4.67 -9.19
CA TRP A 274 -2.17 5.50 -8.87
C TRP A 274 -3.29 4.66 -8.25
N MET B 1 31.16 35.77 -25.40
CA MET B 1 30.04 36.03 -24.51
C MET B 1 28.97 34.94 -24.64
N ILE B 2 28.74 34.22 -23.55
CA ILE B 2 27.76 33.15 -23.51
C ILE B 2 26.52 33.65 -22.76
N GLN B 3 25.37 33.56 -23.42
CA GLN B 3 24.11 33.95 -22.82
C GLN B 3 23.16 32.75 -22.82
N ARG B 4 22.41 32.60 -21.73
CA ARG B 4 21.48 31.49 -21.56
C ARG B 4 20.18 32.02 -21.02
N THR B 5 19.06 31.56 -21.57
CA THR B 5 17.78 32.03 -21.07
C THR B 5 17.37 31.19 -19.84
N PRO B 6 16.67 31.80 -18.89
CA PRO B 6 16.34 31.06 -17.66
C PRO B 6 15.24 30.04 -17.87
N LYS B 7 15.42 28.86 -17.27
CA LYS B 7 14.33 27.93 -17.08
C LYS B 7 13.52 28.37 -15.88
N ILE B 8 12.20 28.19 -15.94
CA ILE B 8 11.30 28.75 -14.96
C ILE B 8 10.38 27.65 -14.43
N GLN B 9 10.30 27.54 -13.11
CA GLN B 9 9.34 26.67 -12.45
C GLN B 9 8.63 27.44 -11.35
N VAL B 10 7.31 27.38 -11.34
CA VAL B 10 6.49 28.01 -10.33
C VAL B 10 5.73 26.92 -9.59
N TYR B 11 5.87 26.91 -8.26
CA TYR B 11 5.36 25.80 -7.46
C TYR B 11 5.28 26.24 -6.00
N SER B 12 4.64 25.39 -5.19
CA SER B 12 4.48 25.63 -3.76
C SER B 12 5.44 24.76 -2.99
N ARG B 13 5.76 25.21 -1.76
CA ARG B 13 6.65 24.43 -0.91
C ARG B 13 5.99 23.14 -0.46
N HIS B 14 4.76 23.21 -0.01
CA HIS B 14 3.96 22.07 0.39
C HIS B 14 2.81 21.85 -0.58
N PRO B 15 2.21 20.66 -0.60
CA PRO B 15 1.01 20.46 -1.43
C PRO B 15 -0.05 21.49 -1.07
N ALA B 16 -0.65 22.07 -2.12
CA ALA B 16 -1.59 23.17 -1.92
C ALA B 16 -2.88 22.67 -1.28
N GLU B 17 -3.28 23.34 -0.20
CA GLU B 17 -4.58 23.15 0.43
C GLU B 17 -5.23 24.52 0.60
N ASN B 18 -6.45 24.66 0.12
CA ASN B 18 -7.11 25.96 0.13
C ASN B 18 -7.29 26.46 1.56
N GLY B 19 -6.89 27.71 1.79
CA GLY B 19 -6.99 28.33 3.09
C GLY B 19 -5.87 28.01 4.05
N LYS B 20 -4.85 27.27 3.62
CA LYS B 20 -3.75 26.86 4.47
C LYS B 20 -2.47 27.60 4.09
N SER B 21 -1.71 28.02 5.10
CA SER B 21 -0.48 28.75 4.87
C SER B 21 0.51 27.91 4.07
N ASN B 22 1.24 28.57 3.18
CA ASN B 22 2.14 27.90 2.26
C ASN B 22 3.16 28.92 1.77
N PHE B 23 4.03 28.48 0.86
CA PHE B 23 5.03 29.35 0.24
C PHE B 23 4.98 29.18 -1.27
N LEU B 24 4.87 30.30 -1.98
CA LEU B 24 4.90 30.30 -3.44
C LEU B 24 6.33 30.51 -3.91
N ASN B 25 6.86 29.54 -4.65
CA ASN B 25 8.23 29.59 -5.12
C ASN B 25 8.28 29.84 -6.61
N CYS B 26 9.30 30.58 -7.05
CA CYS B 26 9.64 30.71 -8.47
C CYS B 26 11.13 30.43 -8.61
N TYR B 27 11.45 29.32 -9.27
CA TYR B 27 12.84 28.87 -9.42
C TYR B 27 13.30 29.19 -10.83
N VAL B 28 14.26 30.11 -10.95
CA VAL B 28 14.91 30.44 -12.21
C VAL B 28 16.31 29.83 -12.17
N SER B 29 16.69 29.14 -13.25
CA SER B 29 17.95 28.43 -13.29
C SER B 29 18.49 28.41 -14.71
N GLY B 30 19.78 28.08 -14.83
CA GLY B 30 20.40 27.90 -16.12
C GLY B 30 20.50 29.15 -16.96
N PHE B 31 20.63 30.32 -16.33
CA PHE B 31 20.70 31.57 -17.06
C PHE B 31 22.05 32.25 -16.89
N HIS B 32 22.36 33.11 -17.86
CA HIS B 32 23.57 33.91 -17.91
C HIS B 32 23.32 35.08 -18.85
N PRO B 33 23.66 36.32 -18.47
CA PRO B 33 24.30 36.75 -17.23
C PRO B 33 23.38 36.75 -16.01
N SER B 34 23.93 37.13 -14.85
CA SER B 34 23.22 36.98 -13.59
C SER B 34 22.09 37.97 -13.41
N ASP B 35 22.10 39.09 -14.12
CA ASP B 35 21.07 40.10 -13.94
C ASP B 35 19.72 39.56 -14.43
N ILE B 36 18.71 39.62 -13.57
CA ILE B 36 17.41 39.06 -13.87
C ILE B 36 16.36 39.79 -13.04
N GLU B 37 15.16 39.91 -13.59
CA GLU B 37 14.01 40.47 -12.90
C GLU B 37 12.97 39.38 -12.72
N VAL B 38 12.59 39.13 -11.47
CA VAL B 38 11.59 38.13 -11.14
C VAL B 38 10.53 38.80 -10.26
N ASP B 39 9.27 38.62 -10.62
CA ASP B 39 8.15 39.12 -9.84
C ASP B 39 7.14 37.99 -9.63
N LEU B 40 6.54 37.95 -8.45
CA LEU B 40 5.44 37.05 -8.16
C LEU B 40 4.14 37.85 -8.21
N LEU B 41 3.12 37.28 -8.86
CA LEU B 41 1.88 37.98 -9.13
C LEU B 41 0.73 37.29 -8.41
N LYS B 42 -0.21 38.10 -7.92
CA LYS B 42 -1.50 37.62 -7.40
C LYS B 42 -2.59 38.31 -8.20
N ASN B 43 -3.26 37.53 -9.06
CA ASN B 43 -4.33 38.05 -9.92
C ASN B 43 -3.83 39.21 -10.78
N GLY B 44 -2.64 39.03 -11.35
CA GLY B 44 -2.05 40.02 -12.23
C GLY B 44 -1.33 41.15 -11.53
N GLU B 45 -1.44 41.27 -10.22
CA GLU B 45 -0.84 42.37 -9.47
C GLU B 45 0.42 41.90 -8.76
N ARG B 46 1.46 42.73 -8.81
CA ARG B 46 2.74 42.38 -8.23
C ARG B 46 2.63 42.23 -6.71
N ILE B 47 3.26 41.18 -6.19
CA ILE B 47 3.31 40.94 -4.76
C ILE B 47 4.52 41.65 -4.18
N GLU B 48 4.31 42.46 -3.14
CA GLU B 48 5.39 43.21 -2.54
C GLU B 48 6.17 42.34 -1.55
N LYS B 49 7.44 42.69 -1.38
CA LYS B 49 8.31 42.09 -0.35
C LYS B 49 8.48 40.59 -0.59
N VAL B 50 8.92 40.24 -1.79
CA VAL B 50 9.28 38.88 -2.15
C VAL B 50 10.79 38.72 -1.99
N GLU B 51 11.20 37.69 -1.26
CA GLU B 51 12.61 37.43 -1.02
C GLU B 51 13.15 36.43 -2.02
N HIS B 52 14.48 36.41 -2.16
CA HIS B 52 15.14 35.45 -3.02
C HIS B 52 16.44 34.99 -2.37
N SER B 53 16.93 33.83 -2.83
CA SER B 53 18.11 33.20 -2.27
C SER B 53 19.38 33.92 -2.74
N ASP B 54 20.51 33.45 -2.25
CA ASP B 54 21.80 34.03 -2.62
C ASP B 54 22.25 33.50 -3.98
N LEU B 55 22.81 34.40 -4.79
CA LEU B 55 23.22 34.05 -6.14
C LEU B 55 24.27 32.95 -6.12
N SER B 56 23.98 31.85 -6.83
CA SER B 56 24.88 30.73 -6.98
C SER B 56 24.88 30.31 -8.44
N PHE B 57 25.77 29.39 -8.80
CA PHE B 57 25.81 28.91 -10.18
C PHE B 57 26.24 27.45 -10.23
N SER B 58 26.08 26.86 -11.41
CA SER B 58 26.31 25.45 -11.66
C SER B 58 27.66 25.25 -12.36
N LYS B 59 27.94 24.00 -12.73
CA LYS B 59 29.22 23.66 -13.31
C LYS B 59 29.44 24.33 -14.67
N ASP B 60 28.36 24.54 -15.44
CA ASP B 60 28.45 25.23 -16.71
C ASP B 60 28.38 26.75 -16.57
N TRP B 61 28.53 27.27 -15.35
CA TRP B 61 28.59 28.67 -14.98
C TRP B 61 27.21 29.34 -14.98
N SER B 62 26.15 28.64 -15.36
CA SER B 62 24.83 29.24 -15.36
C SER B 62 24.32 29.42 -13.93
N PHE B 63 23.59 30.52 -13.72
CA PHE B 63 23.15 30.90 -12.38
C PHE B 63 21.80 30.28 -12.05
N TYR B 64 21.48 30.25 -10.76
CA TYR B 64 20.16 29.84 -10.31
C TYR B 64 19.77 30.63 -9.07
N LEU B 65 18.47 30.91 -8.96
CA LEU B 65 17.92 31.68 -7.85
C LEU B 65 16.53 31.15 -7.53
N LEU B 66 16.17 31.21 -6.25
CA LEU B 66 14.83 30.85 -5.80
C LEU B 66 14.16 32.10 -5.24
N TYR B 67 13.06 32.51 -5.87
CA TYR B 67 12.23 33.57 -5.34
C TYR B 67 11.04 32.96 -4.63
N TYR B 68 10.67 33.52 -3.48
CA TYR B 68 9.66 32.90 -2.66
C TYR B 68 8.95 33.95 -1.82
N THR B 69 7.72 33.63 -1.43
CA THR B 69 6.95 34.46 -0.53
C THR B 69 5.95 33.58 0.19
N GLU B 70 5.32 34.15 1.22
CA GLU B 70 4.18 33.51 1.86
C GLU B 70 2.91 33.83 1.08
N PHE B 71 2.05 32.82 0.93
CA PHE B 71 0.78 33.03 0.25
C PHE B 71 -0.24 32.05 0.80
N THR B 72 -1.51 32.33 0.52
CA THR B 72 -2.60 31.44 0.87
C THR B 72 -3.30 31.01 -0.41
N PRO B 73 -3.11 29.78 -0.86
CA PRO B 73 -3.80 29.33 -2.08
C PRO B 73 -5.30 29.24 -1.85
N THR B 74 -6.06 29.72 -2.83
CA THR B 74 -7.50 29.56 -2.86
C THR B 74 -7.89 28.96 -4.20
N GLU B 75 -9.19 28.75 -4.39
CA GLU B 75 -9.67 28.19 -5.64
C GLU B 75 -9.62 29.21 -6.78
N LYS B 76 -9.92 30.48 -6.48
CA LYS B 76 -10.10 31.47 -7.52
C LYS B 76 -8.90 32.40 -7.70
N ASP B 77 -8.02 32.51 -6.71
CA ASP B 77 -6.85 33.36 -6.86
C ASP B 77 -5.89 32.77 -7.88
N GLU B 78 -5.37 33.62 -8.76
CA GLU B 78 -4.47 33.23 -9.83
C GLU B 78 -3.07 33.76 -9.53
N TYR B 79 -2.12 32.83 -9.35
CA TYR B 79 -0.74 33.17 -9.06
C TYR B 79 0.14 32.87 -10.26
N ALA B 80 1.20 33.65 -10.41
CA ALA B 80 2.08 33.51 -11.56
C ALA B 80 3.43 34.14 -11.23
N CYS B 81 4.43 33.76 -12.04
CA CYS B 81 5.75 34.36 -11.97
C CYS B 81 6.04 35.07 -13.28
N ARG B 82 6.61 36.28 -13.18
CA ARG B 82 6.99 37.07 -14.34
C ARG B 82 8.50 37.25 -14.32
N VAL B 83 9.15 36.85 -15.42
CA VAL B 83 10.61 36.83 -15.51
C VAL B 83 11.03 37.68 -16.69
N ASN B 84 12.02 38.54 -16.47
CA ASN B 84 12.62 39.32 -17.55
C ASN B 84 14.14 39.15 -17.49
N HIS B 85 14.75 39.10 -18.67
CA HIS B 85 16.17 38.77 -18.80
C HIS B 85 16.61 39.29 -20.17
N VAL B 86 17.93 39.44 -20.34
CA VAL B 86 18.44 39.99 -21.58
C VAL B 86 18.14 39.09 -22.78
N THR B 87 17.88 37.80 -22.54
CA THR B 87 17.62 36.87 -23.62
C THR B 87 16.16 36.83 -24.06
N LEU B 88 15.28 37.56 -23.39
CA LEU B 88 13.85 37.51 -23.67
C LEU B 88 13.45 38.72 -24.50
N SER B 89 12.82 38.48 -25.65
CA SER B 89 12.29 39.57 -26.46
C SER B 89 11.22 40.35 -25.70
N GLN B 90 10.53 39.69 -24.78
CA GLN B 90 9.51 40.29 -23.94
C GLN B 90 9.45 39.50 -22.65
N PRO B 91 8.92 40.08 -21.57
CA PRO B 91 8.84 39.35 -20.30
C PRO B 91 7.98 38.09 -20.45
N LYS B 92 8.34 37.07 -19.68
CA LYS B 92 7.68 35.78 -19.71
C LYS B 92 6.88 35.57 -18.43
N ILE B 93 5.61 35.19 -18.58
CA ILE B 93 4.72 34.94 -17.46
C ILE B 93 4.40 33.46 -17.42
N VAL B 94 4.60 32.84 -16.26
CA VAL B 94 4.32 31.42 -16.06
C VAL B 94 3.34 31.30 -14.90
N LYS B 95 2.12 30.84 -15.19
CA LYS B 95 1.09 30.72 -14.17
C LYS B 95 1.40 29.57 -13.21
N TRP B 96 0.97 29.73 -11.97
CA TRP B 96 1.12 28.67 -10.98
C TRP B 96 0.04 27.60 -11.19
N ASP B 97 0.48 26.35 -11.30
CA ASP B 97 -0.42 25.21 -11.35
C ASP B 97 -0.17 24.36 -10.12
N ARG B 98 -1.19 24.22 -9.27
CA ARG B 98 -1.04 23.45 -8.03
C ARG B 98 -0.75 21.98 -8.29
N ASP B 99 -0.93 21.51 -9.52
CA ASP B 99 -0.62 20.14 -9.89
C ASP B 99 0.77 19.98 -10.47
N MET B 100 1.60 21.02 -10.42
CA MET B 100 2.92 20.99 -11.03
C MET B 100 3.98 21.67 -10.16
N GLY C 1 5.22 -34.45 -6.44
CA GLY C 1 6.42 -35.17 -6.84
C GLY C 1 7.59 -34.26 -7.20
N SER C 2 8.08 -34.40 -8.42
CA SER C 2 9.21 -33.61 -8.88
C SER C 2 8.76 -32.21 -9.32
N HIS C 3 9.69 -31.27 -9.24
CA HIS C 3 9.47 -29.89 -9.67
C HIS C 3 10.75 -29.39 -10.33
N SER C 4 10.60 -28.39 -11.18
CA SER C 4 11.72 -27.87 -11.94
C SER C 4 11.61 -26.35 -12.07
N LEU C 5 12.77 -25.69 -12.06
CA LEU C 5 12.89 -24.26 -12.35
C LEU C 5 13.73 -24.12 -13.60
N LYS C 6 13.16 -23.51 -14.64
CA LYS C 6 13.75 -23.52 -15.97
C LYS C 6 13.70 -22.13 -16.58
N TYR C 7 14.80 -21.74 -17.23
CA TYR C 7 14.85 -20.50 -18.00
C TYR C 7 15.25 -20.81 -19.43
N PHE C 8 14.69 -20.03 -20.36
CA PHE C 8 14.98 -20.17 -21.78
C PHE C 8 15.36 -18.80 -22.33
N HIS C 9 16.57 -18.69 -22.87
CA HIS C 9 17.10 -17.42 -23.37
C HIS C 9 17.32 -17.52 -24.88
N THR C 10 16.83 -16.52 -25.61
CA THR C 10 16.97 -16.47 -27.06
C THR C 10 17.50 -15.11 -27.48
N SER C 11 18.55 -15.12 -28.31
CA SER C 11 19.11 -13.91 -28.86
C SER C 11 19.22 -14.05 -30.37
N VAL C 12 18.68 -13.07 -31.10
CA VAL C 12 18.63 -13.11 -32.56
C VAL C 12 19.23 -11.82 -33.09
N SER C 13 20.29 -11.93 -33.89
CA SER C 13 20.94 -10.76 -34.44
C SER C 13 20.11 -10.17 -35.57
N ARG C 14 20.14 -8.84 -35.66
CA ARG C 14 19.41 -8.10 -36.69
C ARG C 14 20.41 -7.44 -37.62
N PRO C 15 20.59 -7.95 -38.84
CA PRO C 15 21.72 -7.50 -39.68
C PRO C 15 21.76 -6.01 -39.95
N GLY C 16 20.61 -5.38 -40.20
CA GLY C 16 20.59 -3.97 -40.52
C GLY C 16 20.30 -3.02 -39.37
N ARG C 17 19.56 -3.48 -38.36
CA ARG C 17 19.02 -2.58 -37.34
C ARG C 17 19.50 -2.96 -35.95
N GLY C 18 20.58 -2.30 -35.51
CA GLY C 18 21.05 -2.26 -34.14
C GLY C 18 21.33 -3.60 -33.46
N GLU C 19 21.24 -3.57 -32.13
CA GLU C 19 21.59 -4.70 -31.30
C GLU C 19 20.63 -5.87 -31.53
N PRO C 20 21.07 -7.09 -31.21
CA PRO C 20 20.21 -8.25 -31.37
C PRO C 20 18.98 -8.18 -30.47
N ARG C 21 17.90 -8.82 -30.94
CA ARG C 21 16.71 -8.99 -30.14
C ARG C 21 16.95 -10.07 -29.09
N PHE C 22 16.58 -9.79 -27.85
CA PHE C 22 16.80 -10.72 -26.75
C PHE C 22 15.50 -10.92 -25.97
N ILE C 23 15.11 -12.18 -25.79
CA ILE C 23 13.92 -12.55 -25.04
C ILE C 23 14.24 -13.74 -24.15
N SER C 24 13.89 -13.65 -22.87
CA SER C 24 14.04 -14.76 -21.95
C SER C 24 12.77 -14.89 -21.09
N VAL C 25 12.43 -16.12 -20.75
CA VAL C 25 11.27 -16.42 -19.91
C VAL C 25 11.67 -17.49 -18.90
N GLY C 26 11.00 -17.46 -17.76
CA GLY C 26 11.22 -18.44 -16.71
C GLY C 26 9.97 -19.27 -16.46
N TYR C 27 10.17 -20.56 -16.20
CA TYR C 27 9.09 -21.49 -15.92
C TYR C 27 9.37 -22.23 -14.61
N VAL C 28 8.32 -22.39 -13.81
CA VAL C 28 8.28 -23.37 -12.74
C VAL C 28 7.33 -24.47 -13.18
N ASP C 29 7.86 -25.69 -13.34
CA ASP C 29 7.10 -26.78 -13.93
C ASP C 29 6.56 -26.34 -15.28
N ASP C 30 5.24 -26.33 -15.45
CA ASP C 30 4.61 -25.91 -16.70
C ASP C 30 4.04 -24.50 -16.63
N THR C 31 4.46 -23.69 -15.65
CA THR C 31 3.89 -22.37 -15.43
C THR C 31 4.95 -21.30 -15.65
N GLN C 32 4.73 -20.44 -16.65
CA GLN C 32 5.61 -19.29 -16.83
C GLN C 32 5.34 -18.26 -15.73
N PHE C 33 6.41 -17.68 -15.19
CA PHE C 33 6.28 -16.71 -14.11
C PHE C 33 7.06 -15.41 -14.28
N VAL C 34 8.07 -15.35 -15.16
CA VAL C 34 8.76 -14.10 -15.45
C VAL C 34 9.08 -14.02 -16.94
N ARG C 35 9.34 -12.80 -17.41
CA ARG C 35 9.75 -12.58 -18.80
C ARG C 35 10.63 -11.33 -18.88
N PHE C 36 11.57 -11.36 -19.83
CA PHE C 36 12.38 -10.20 -20.18
C PHE C 36 12.43 -10.07 -21.70
N ASP C 37 12.22 -8.86 -22.20
CA ASP C 37 12.28 -8.56 -23.64
C ASP C 37 13.04 -7.25 -23.81
N ASN C 38 14.16 -7.29 -24.53
CA ASN C 38 15.01 -6.11 -24.66
C ASN C 38 14.51 -5.13 -25.71
N ASP C 39 13.35 -5.38 -26.32
CA ASP C 39 12.77 -4.46 -27.29
C ASP C 39 12.10 -3.32 -26.52
N ALA C 40 12.95 -2.50 -25.90
CA ALA C 40 12.53 -1.38 -25.08
C ALA C 40 13.74 -0.49 -24.87
N ALA C 41 13.46 0.77 -24.51
CA ALA C 41 14.54 1.70 -24.22
C ALA C 41 15.30 1.30 -22.96
N SER C 42 14.58 0.84 -21.94
CA SER C 42 15.16 0.41 -20.67
C SER C 42 14.41 -0.82 -20.22
N PRO C 43 14.70 -1.97 -20.82
CA PRO C 43 13.89 -3.17 -20.55
C PRO C 43 14.05 -3.67 -19.13
N ARG C 44 13.00 -4.32 -18.63
CA ARG C 44 12.97 -4.82 -17.26
C ARG C 44 12.36 -6.22 -17.24
N MET C 45 12.73 -6.98 -16.21
CA MET C 45 12.10 -8.26 -15.92
C MET C 45 10.75 -8.03 -15.26
N VAL C 46 9.72 -8.71 -15.75
CA VAL C 46 8.36 -8.46 -15.28
C VAL C 46 7.69 -9.78 -14.87
N PRO C 47 6.73 -9.76 -13.97
CA PRO C 47 6.03 -10.99 -13.59
C PRO C 47 5.05 -11.44 -14.65
N ARG C 48 4.91 -12.77 -14.77
CA ARG C 48 3.93 -13.35 -15.67
C ARG C 48 3.01 -14.34 -14.96
N ALA C 49 3.04 -14.39 -13.64
CA ALA C 49 2.13 -15.19 -12.83
C ALA C 49 1.67 -14.34 -11.65
N PRO C 50 0.39 -14.46 -11.25
CA PRO C 50 -0.12 -13.56 -10.20
C PRO C 50 0.65 -13.64 -8.89
N TRP C 51 1.16 -14.83 -8.54
CA TRP C 51 1.84 -14.99 -7.27
C TRP C 51 3.22 -14.35 -7.24
N MET C 52 3.73 -13.86 -8.37
CA MET C 52 4.99 -13.13 -8.43
C MET C 52 4.84 -11.63 -8.21
N GLU C 53 3.66 -11.17 -7.76
CA GLU C 53 3.39 -9.74 -7.73
C GLU C 53 3.58 -9.09 -6.36
N GLN C 54 3.63 -9.86 -5.27
CA GLN C 54 4.02 -9.30 -3.98
C GLN C 54 5.53 -9.12 -3.87
N GLU C 55 6.27 -9.47 -4.91
CA GLU C 55 7.73 -9.43 -4.87
C GLU C 55 8.21 -8.00 -5.00
N GLY C 56 9.15 -7.62 -4.13
CA GLY C 56 9.60 -6.25 -4.03
C GLY C 56 10.60 -5.81 -5.09
N SER C 57 10.98 -4.54 -4.97
CA SER C 57 11.83 -3.90 -5.97
C SER C 57 13.23 -4.51 -6.01
N GLU C 58 13.71 -5.02 -4.88
CA GLU C 58 15.04 -5.63 -4.86
C GLU C 58 15.11 -6.83 -5.79
N TYR C 59 14.07 -7.65 -5.81
CA TYR C 59 14.04 -8.79 -6.72
C TYR C 59 14.03 -8.33 -8.18
N TRP C 60 13.12 -7.41 -8.50
CA TRP C 60 12.94 -7.04 -9.90
C TRP C 60 14.15 -6.28 -10.43
N ASP C 61 14.74 -5.40 -9.60
CA ASP C 61 15.95 -4.70 -10.02
C ASP C 61 17.08 -5.68 -10.31
N ARG C 62 17.24 -6.69 -9.44
CA ARG C 62 18.32 -7.66 -9.62
C ARG C 62 18.11 -8.49 -10.88
N GLU C 63 16.90 -9.00 -11.09
CA GLU C 63 16.62 -9.80 -12.27
C GLU C 63 16.73 -8.96 -13.54
N THR C 64 16.35 -7.69 -13.46
CA THR C 64 16.51 -6.80 -14.61
C THR C 64 17.99 -6.61 -14.95
N ARG C 65 18.82 -6.38 -13.93
CA ARG C 65 20.26 -6.23 -14.17
C ARG C 65 20.86 -7.52 -14.72
N SER C 66 20.45 -8.67 -14.17
CA SER C 66 20.97 -9.94 -14.68
C SER C 66 20.58 -10.16 -16.14
N ALA C 67 19.33 -9.84 -16.49
CA ALA C 67 18.86 -10.10 -17.85
C ALA C 67 19.50 -9.13 -18.84
N ARG C 68 19.66 -7.87 -18.44
CA ARG C 68 20.37 -6.91 -19.28
C ARG C 68 21.81 -7.33 -19.52
N ASP C 69 22.48 -7.83 -18.48
CA ASP C 69 23.86 -8.27 -18.63
C ASP C 69 23.95 -9.50 -19.53
N THR C 70 22.99 -10.43 -19.39
CA THR C 70 22.97 -11.60 -20.26
C THR C 70 22.80 -11.19 -21.72
N ALA C 71 21.89 -10.25 -21.99
CA ALA C 71 21.69 -9.78 -23.36
C ALA C 71 22.97 -9.21 -23.94
N GLN C 72 23.68 -8.40 -23.15
CA GLN C 72 24.95 -7.85 -23.60
C GLN C 72 25.98 -8.95 -23.85
N ILE C 73 26.05 -9.93 -22.96
CA ILE C 73 26.97 -11.05 -23.15
C ILE C 73 26.60 -11.84 -24.40
N PHE C 74 25.30 -12.05 -24.62
CA PHE C 74 24.88 -12.82 -25.79
C PHE C 74 25.12 -12.05 -27.09
N ARG C 75 25.03 -10.72 -27.04
CA ARG C 75 25.42 -9.93 -28.21
C ARG C 75 26.89 -10.13 -28.54
N VAL C 76 27.75 -10.18 -27.52
CA VAL C 76 29.16 -10.48 -27.73
C VAL C 76 29.31 -11.90 -28.28
N ASN C 77 28.58 -12.85 -27.72
CA ASN C 77 28.68 -14.25 -28.15
C ASN C 77 28.27 -14.41 -29.60
N LEU C 78 27.20 -13.73 -30.04
CA LEU C 78 26.79 -13.82 -31.43
C LEU C 78 27.88 -13.32 -32.36
N ARG C 79 28.59 -12.27 -31.95
CA ARG C 79 29.69 -11.76 -32.76
C ARG C 79 30.86 -12.73 -32.79
N THR C 80 31.20 -13.33 -31.65
CA THR C 80 32.28 -14.32 -31.59
C THR C 80 31.99 -15.53 -32.46
N LEU C 81 30.77 -16.10 -32.33
CA LEU C 81 30.43 -17.29 -33.12
C LEU C 81 30.41 -16.97 -34.62
N ARG C 82 30.00 -15.75 -34.98
CA ARG C 82 30.07 -15.34 -36.37
C ARG C 82 31.51 -15.35 -36.88
N GLY C 83 32.47 -15.04 -36.00
CA GLY C 83 33.87 -15.14 -36.39
C GLY C 83 34.38 -16.56 -36.47
N TYR C 84 33.89 -17.43 -35.58
CA TYR C 84 34.26 -18.85 -35.64
C TYR C 84 33.92 -19.48 -36.99
N TYR C 85 32.72 -19.20 -37.49
CA TYR C 85 32.22 -19.84 -38.70
C TYR C 85 32.43 -19.01 -39.96
N ASN C 86 33.14 -17.89 -39.86
CA ASN C 86 33.44 -17.02 -41.01
C ASN C 86 32.16 -16.62 -41.75
N GLN C 87 31.18 -16.15 -41.00
CA GLN C 87 29.88 -15.78 -41.56
C GLN C 87 29.79 -14.26 -41.72
N SER C 88 29.09 -13.86 -42.79
CA SER C 88 28.89 -12.45 -43.09
C SER C 88 28.08 -11.76 -41.99
N GLU C 89 28.20 -10.44 -41.95
CA GLU C 89 27.43 -9.61 -41.04
C GLU C 89 25.98 -9.42 -41.49
N ALA C 90 25.68 -9.73 -42.76
CA ALA C 90 24.37 -9.51 -43.33
C ALA C 90 23.35 -10.59 -42.97
N GLY C 91 23.75 -11.65 -42.28
CA GLY C 91 22.89 -12.76 -41.97
C GLY C 91 22.42 -12.74 -40.53
N SER C 92 21.16 -13.08 -40.31
CA SER C 92 20.61 -13.16 -38.98
C SER C 92 20.88 -14.55 -38.39
N HIS C 93 21.34 -14.59 -37.15
CA HIS C 93 21.68 -15.82 -36.48
C HIS C 93 21.07 -15.84 -35.09
N THR C 94 20.92 -17.05 -34.55
CA THR C 94 20.22 -17.28 -33.29
C THR C 94 21.12 -17.99 -32.30
N LEU C 95 21.18 -17.49 -31.08
CA LEU C 95 21.85 -18.15 -29.98
C LEU C 95 20.83 -18.42 -28.88
N GLN C 96 20.74 -19.67 -28.45
CA GLN C 96 19.79 -20.08 -27.44
C GLN C 96 20.51 -20.69 -26.25
N TRP C 97 19.95 -20.46 -25.06
CA TRP C 97 20.50 -20.95 -23.81
C TRP C 97 19.37 -21.47 -22.95
N MET C 98 19.50 -22.71 -22.48
CA MET C 98 18.51 -23.28 -21.58
C MET C 98 19.20 -23.98 -20.42
N HIS C 99 18.62 -23.86 -19.22
CA HIS C 99 19.15 -24.47 -18.03
C HIS C 99 18.01 -24.70 -17.04
N GLY C 100 18.22 -25.63 -16.13
CA GLY C 100 17.20 -25.91 -15.13
C GLY C 100 17.68 -26.90 -14.09
N CYS C 101 17.03 -26.86 -12.94
CA CYS C 101 17.24 -27.81 -11.85
C CYS C 101 15.94 -28.53 -11.53
N GLU C 102 16.05 -29.81 -11.17
CA GLU C 102 14.89 -30.64 -10.87
C GLU C 102 15.00 -31.16 -9.45
N LEU C 103 13.90 -31.10 -8.71
CA LEU C 103 13.83 -31.64 -7.36
C LEU C 103 13.21 -33.04 -7.37
N GLY C 104 13.67 -33.87 -6.44
CA GLY C 104 13.09 -35.18 -6.23
C GLY C 104 11.83 -35.10 -5.38
N PRO C 105 11.27 -36.26 -5.04
CA PRO C 105 10.06 -36.25 -4.19
C PRO C 105 10.32 -35.74 -2.79
N ASP C 106 11.53 -35.87 -2.26
CA ASP C 106 11.85 -35.31 -0.95
C ASP C 106 12.08 -33.81 -0.99
N GLY C 107 12.01 -33.18 -2.16
CA GLY C 107 12.26 -31.76 -2.29
C GLY C 107 13.72 -31.36 -2.38
N ARG C 108 14.63 -32.32 -2.54
CA ARG C 108 16.05 -32.05 -2.68
C ARG C 108 16.48 -32.13 -4.15
N PHE C 109 17.66 -31.60 -4.40
CA PHE C 109 18.23 -31.57 -5.74
C PHE C 109 18.34 -32.96 -6.34
N LEU C 110 17.80 -33.12 -7.55
CA LEU C 110 17.86 -34.39 -8.27
C LEU C 110 18.83 -34.34 -9.44
N ARG C 111 18.69 -33.35 -10.32
CA ARG C 111 19.60 -33.22 -11.46
C ARG C 111 19.49 -31.82 -12.02
N GLY C 112 20.46 -31.47 -12.86
CA GLY C 112 20.50 -30.16 -13.48
C GLY C 112 21.05 -30.27 -14.88
N TYR C 113 20.74 -29.26 -15.70
CA TYR C 113 21.18 -29.28 -17.08
C TYR C 113 21.43 -27.86 -17.56
N GLU C 114 22.31 -27.73 -18.56
CA GLU C 114 22.59 -26.47 -19.22
C GLU C 114 23.10 -26.76 -20.62
N GLN C 115 22.60 -26.01 -21.61
CA GLN C 115 22.96 -26.25 -23.00
C GLN C 115 22.87 -24.95 -23.78
N PHE C 116 23.72 -24.85 -24.82
CA PHE C 116 23.70 -23.74 -25.76
C PHE C 116 23.37 -24.27 -27.15
N ALA C 117 22.67 -23.46 -27.94
CA ALA C 117 22.39 -23.79 -29.33
C ALA C 117 22.68 -22.61 -30.23
N TYR C 118 23.21 -22.89 -31.41
CA TYR C 118 23.48 -21.88 -32.43
C TYR C 118 22.80 -22.29 -33.72
N ASP C 119 21.90 -21.43 -34.21
CA ASP C 119 21.15 -21.66 -35.44
C ASP C 119 20.40 -22.99 -35.42
N GLY C 120 19.73 -23.27 -34.30
CA GLY C 120 18.85 -24.41 -34.17
C GLY C 120 19.53 -25.75 -33.98
N LYS C 121 20.84 -25.76 -33.70
CA LYS C 121 21.59 -26.99 -33.51
C LYS C 121 22.40 -26.90 -32.24
N ASP C 122 22.55 -28.04 -31.54
CA ASP C 122 23.40 -28.13 -30.37
C ASP C 122 24.76 -27.49 -30.63
N TYR C 123 25.24 -26.71 -29.67
CA TYR C 123 26.57 -26.11 -29.77
C TYR C 123 27.46 -26.55 -28.61
N LEU C 124 27.10 -26.25 -27.37
CA LEU C 124 27.91 -26.59 -26.22
C LEU C 124 26.99 -27.09 -25.11
N THR C 125 27.34 -28.22 -24.51
CA THR C 125 26.49 -28.91 -23.56
C THR C 125 27.25 -29.16 -22.26
N LEU C 126 26.61 -28.85 -21.14
CA LEU C 126 27.13 -29.22 -19.82
C LEU C 126 26.73 -30.66 -19.50
N ASN C 127 27.72 -31.52 -19.28
CA ASN C 127 27.47 -32.93 -19.04
C ASN C 127 26.72 -33.14 -17.74
N GLU C 128 26.11 -34.33 -17.60
CA GLU C 128 25.23 -34.59 -16.46
C GLU C 128 25.98 -34.60 -15.13
N ASP C 129 27.29 -34.87 -15.14
CA ASP C 129 28.06 -34.70 -13.92
C ASP C 129 28.24 -33.24 -13.53
N LEU C 130 27.89 -32.30 -14.41
CA LEU C 130 28.00 -30.87 -14.17
C LEU C 130 29.43 -30.43 -13.92
N ARG C 131 30.41 -31.23 -14.37
CA ARG C 131 31.82 -30.91 -14.21
C ARG C 131 32.58 -30.83 -15.53
N SER C 132 31.94 -31.13 -16.65
CA SER C 132 32.60 -31.19 -17.94
C SER C 132 31.60 -30.79 -19.02
N TRP C 133 32.14 -30.40 -20.18
CA TRP C 133 31.35 -29.93 -21.31
C TRP C 133 31.49 -30.89 -22.48
N THR C 134 30.54 -30.77 -23.42
CA THR C 134 30.58 -31.51 -24.67
C THR C 134 30.44 -30.50 -25.80
N ALA C 135 31.40 -30.52 -26.73
CA ALA C 135 31.40 -29.61 -27.86
C ALA C 135 30.92 -30.34 -29.09
N VAL C 136 30.16 -29.64 -29.94
CA VAL C 136 29.61 -30.25 -31.14
C VAL C 136 30.58 -30.22 -32.31
N ASP C 137 31.53 -29.29 -32.32
CA ASP C 137 32.49 -29.17 -33.41
C ASP C 137 33.72 -28.42 -32.88
N THR C 138 34.63 -28.08 -33.79
CA THR C 138 35.87 -27.42 -33.39
C THR C 138 35.62 -26.02 -32.87
N ALA C 139 34.61 -25.32 -33.42
CA ALA C 139 34.26 -24.00 -32.91
C ALA C 139 33.81 -24.10 -31.46
N ALA C 140 32.93 -25.06 -31.16
CA ALA C 140 32.49 -25.27 -29.79
C ALA C 140 33.60 -25.75 -28.89
N GLN C 141 34.65 -26.38 -29.45
CA GLN C 141 35.79 -26.77 -28.65
C GLN C 141 36.57 -25.55 -28.16
N ILE C 142 36.57 -24.46 -28.94
CA ILE C 142 37.14 -23.21 -28.46
C ILE C 142 36.30 -22.65 -27.32
N SER C 143 34.97 -22.70 -27.47
CA SER C 143 34.09 -22.29 -26.38
C SER C 143 34.30 -23.16 -25.15
N GLU C 144 34.52 -24.46 -25.36
CA GLU C 144 34.84 -25.34 -24.24
C GLU C 144 36.13 -24.91 -23.55
N GLN C 145 37.12 -24.48 -24.33
CA GLN C 145 38.39 -24.04 -23.75
C GLN C 145 38.21 -22.77 -22.92
N LYS C 146 37.49 -21.78 -23.46
CA LYS C 146 37.18 -20.58 -22.69
C LYS C 146 36.50 -20.93 -21.37
N SER C 147 35.49 -21.81 -21.44
CA SER C 147 34.79 -22.23 -20.23
C SER C 147 35.74 -22.88 -19.24
N ASN C 148 36.70 -23.67 -19.75
CA ASN C 148 37.69 -24.28 -18.88
C ASN C 148 38.57 -23.22 -18.22
N ASP C 149 39.02 -22.23 -19.01
CA ASP C 149 39.88 -21.18 -18.47
C ASP C 149 39.21 -20.44 -17.32
N ALA C 150 37.88 -20.31 -17.37
CA ALA C 150 37.13 -19.53 -16.42
C ALA C 150 36.45 -20.36 -15.34
N SER C 151 36.67 -21.68 -15.31
CA SER C 151 35.98 -22.58 -14.39
C SER C 151 34.46 -22.42 -14.49
N GLU C 152 33.97 -22.27 -15.72
CA GLU C 152 32.55 -21.99 -15.91
C GLU C 152 31.68 -23.15 -15.46
N ALA C 153 32.15 -24.38 -15.64
CA ALA C 153 31.38 -25.55 -15.20
C ALA C 153 31.14 -25.52 -13.69
N GLU C 154 32.16 -25.13 -12.92
CA GLU C 154 31.98 -25.02 -11.48
C GLU C 154 31.02 -23.89 -11.12
N HIS C 155 31.08 -22.77 -11.87
CA HIS C 155 30.17 -21.66 -11.59
C HIS C 155 28.72 -22.05 -11.88
N GLN C 156 28.49 -22.73 -13.01
CA GLN C 156 27.13 -23.16 -13.34
C GLN C 156 26.65 -24.28 -12.42
N ARG C 157 27.55 -25.20 -12.04
CA ARG C 157 27.16 -26.25 -11.10
C ARG C 157 26.73 -25.65 -9.78
N ALA C 158 27.35 -24.53 -9.38
CA ALA C 158 26.94 -23.85 -8.15
C ALA C 158 25.56 -23.22 -8.31
N TYR C 159 25.28 -22.62 -9.48
CA TYR C 159 23.95 -22.07 -9.70
C TYR C 159 22.89 -23.16 -9.70
N LEU C 160 23.16 -24.28 -10.38
CA LEU C 160 22.14 -25.31 -10.56
C LEU C 160 21.84 -26.02 -9.24
N GLU C 161 22.86 -26.27 -8.43
CA GLU C 161 22.70 -27.03 -7.19
C GLU C 161 22.31 -26.20 -5.99
N ASP C 162 22.62 -24.90 -5.97
CA ASP C 162 22.36 -24.06 -4.82
C ASP C 162 21.31 -22.99 -5.13
N THR C 163 21.66 -22.00 -5.96
CA THR C 163 20.76 -20.88 -6.22
C THR C 163 19.44 -21.37 -6.83
N CYS C 164 19.53 -22.25 -7.84
CA CYS C 164 18.32 -22.73 -8.51
C CYS C 164 17.41 -23.48 -7.54
N VAL C 165 18.00 -24.36 -6.72
CA VAL C 165 17.20 -25.13 -5.76
C VAL C 165 16.57 -24.21 -4.72
N GLU C 166 17.36 -23.28 -4.17
CA GLU C 166 16.85 -22.39 -3.13
C GLU C 166 15.69 -21.55 -3.64
N TRP C 167 15.81 -21.01 -4.86
CA TRP C 167 14.75 -20.16 -5.39
C TRP C 167 13.56 -20.96 -5.89
N LEU C 168 13.78 -22.20 -6.33
CA LEU C 168 12.64 -23.06 -6.66
C LEU C 168 11.79 -23.31 -5.42
N HIS C 169 12.43 -23.49 -4.27
CA HIS C 169 11.69 -23.63 -3.02
C HIS C 169 10.87 -22.39 -2.71
N LYS C 170 11.45 -21.20 -2.92
CA LYS C 170 10.72 -19.97 -2.65
C LYS C 170 9.53 -19.82 -3.58
N TYR C 171 9.75 -20.04 -4.87
CA TYR C 171 8.66 -19.93 -5.86
C TYR C 171 7.54 -20.91 -5.54
N LEU C 172 7.89 -22.16 -5.21
CA LEU C 172 6.86 -23.15 -4.89
C LEU C 172 6.03 -22.72 -3.69
N GLU C 173 6.64 -22.05 -2.71
CA GLU C 173 5.90 -21.54 -1.57
C GLU C 173 5.05 -20.34 -1.95
N LYS C 174 5.56 -19.46 -2.80
CA LYS C 174 4.82 -18.25 -3.17
C LYS C 174 3.60 -18.58 -4.02
N GLY C 175 3.73 -19.55 -4.93
CA GLY C 175 2.63 -19.96 -5.78
C GLY C 175 2.03 -21.29 -5.40
N LYS C 176 2.03 -21.56 -4.08
CA LYS C 176 1.65 -22.88 -3.58
C LYS C 176 0.22 -23.26 -3.99
N GLU C 177 -0.71 -22.31 -3.98
CA GLU C 177 -2.10 -22.63 -4.27
C GLU C 177 -2.33 -23.05 -5.72
N THR C 178 -1.43 -22.69 -6.63
CA THR C 178 -1.57 -23.11 -8.02
C THR C 178 -0.45 -24.02 -8.50
N LEU C 179 0.79 -23.80 -8.07
CA LEU C 179 1.89 -24.63 -8.56
C LEU C 179 1.82 -26.07 -8.03
N LEU C 180 1.34 -26.25 -6.80
CA LEU C 180 1.22 -27.57 -6.20
C LEU C 180 -0.17 -28.13 -6.33
N HIS C 181 -1.04 -27.45 -7.08
CA HIS C 181 -2.42 -27.88 -7.32
C HIS C 181 -2.45 -28.79 -8.53
N LEU C 182 -2.99 -30.00 -8.35
CA LEU C 182 -3.19 -30.90 -9.48
C LEU C 182 -4.58 -30.67 -10.05
N GLU C 183 -4.63 -30.39 -11.36
CA GLU C 183 -5.90 -30.12 -12.03
C GLU C 183 -6.22 -31.27 -12.96
N PRO C 184 -7.22 -32.09 -12.66
CA PRO C 184 -7.50 -33.25 -13.50
C PRO C 184 -8.19 -32.84 -14.79
N PRO C 185 -8.09 -33.63 -15.84
CA PRO C 185 -8.83 -33.31 -17.07
C PRO C 185 -10.31 -33.58 -16.87
N LYS C 186 -11.12 -32.68 -17.42
CA LYS C 186 -12.53 -32.97 -17.63
C LYS C 186 -12.68 -33.60 -19.00
N THR C 187 -13.34 -34.76 -19.05
CA THR C 187 -13.33 -35.59 -20.24
C THR C 187 -14.75 -35.88 -20.71
N HIS C 188 -14.88 -36.02 -22.02
CA HIS C 188 -16.11 -36.44 -22.65
C HIS C 188 -15.76 -36.98 -24.03
N VAL C 189 -16.71 -37.70 -24.62
CA VAL C 189 -16.52 -38.31 -25.94
C VAL C 189 -17.57 -37.73 -26.87
N THR C 190 -17.14 -37.33 -28.06
CA THR C 190 -18.04 -36.84 -29.10
C THR C 190 -18.13 -37.85 -30.23
N HIS C 191 -19.23 -37.78 -30.96
CA HIS C 191 -19.57 -38.77 -31.99
C HIS C 191 -19.86 -38.02 -33.27
N HIS C 192 -19.13 -38.37 -34.33
CA HIS C 192 -19.26 -37.70 -35.62
C HIS C 192 -19.39 -38.75 -36.71
N PRO C 193 -20.60 -39.00 -37.21
CA PRO C 193 -20.77 -40.00 -38.27
C PRO C 193 -20.04 -39.59 -39.54
N ILE C 194 -19.27 -40.53 -40.08
CA ILE C 194 -18.60 -40.32 -41.36
C ILE C 194 -19.52 -40.66 -42.52
N SER C 195 -20.24 -41.76 -42.38
CA SER C 195 -21.20 -42.24 -43.37
C SER C 195 -22.23 -43.06 -42.62
N ASP C 196 -23.01 -43.85 -43.36
CA ASP C 196 -23.99 -44.73 -42.71
C ASP C 196 -23.33 -45.89 -41.99
N HIS C 197 -22.07 -46.21 -42.31
CA HIS C 197 -21.41 -47.40 -41.76
C HIS C 197 -20.25 -47.09 -40.83
N GLU C 198 -19.81 -45.83 -40.72
CA GLU C 198 -18.66 -45.49 -39.91
C GLU C 198 -18.89 -44.17 -39.19
N ALA C 199 -18.18 -44.00 -38.08
CA ALA C 199 -18.25 -42.78 -37.30
C ALA C 199 -16.92 -42.57 -36.58
N THR C 200 -16.64 -41.30 -36.26
CA THR C 200 -15.45 -40.93 -35.50
C THR C 200 -15.84 -40.77 -34.04
N LEU C 201 -15.08 -41.40 -33.16
CA LEU C 201 -15.19 -41.18 -31.73
C LEU C 201 -13.99 -40.34 -31.29
N ARG C 202 -14.25 -39.17 -30.74
CA ARG C 202 -13.21 -38.27 -30.30
C ARG C 202 -13.27 -38.13 -28.79
N CYS C 203 -12.18 -38.49 -28.11
CA CYS C 203 -12.08 -38.41 -26.67
C CYS C 203 -11.39 -37.12 -26.29
N TRP C 204 -12.09 -36.26 -25.56
CA TRP C 204 -11.59 -34.95 -25.20
C TRP C 204 -11.08 -34.94 -23.77
N ALA C 205 -9.95 -34.26 -23.57
CA ALA C 205 -9.41 -34.00 -22.24
C ALA C 205 -9.12 -32.51 -22.15
N LEU C 206 -9.84 -31.82 -21.27
CA LEU C 206 -9.83 -30.35 -21.23
C LEU C 206 -9.44 -29.83 -19.86
N GLY C 207 -8.67 -28.75 -19.86
CA GLY C 207 -8.43 -27.98 -18.65
C GLY C 207 -7.60 -28.63 -17.58
N PHE C 208 -6.58 -29.42 -17.95
CA PHE C 208 -5.75 -30.11 -16.98
C PHE C 208 -4.39 -29.44 -16.82
N TYR C 209 -3.79 -29.65 -15.64
CA TYR C 209 -2.45 -29.18 -15.30
C TYR C 209 -1.90 -30.18 -14.30
N PRO C 210 -0.64 -30.63 -14.45
CA PRO C 210 0.31 -30.22 -15.49
C PRO C 210 0.02 -30.82 -16.88
N ALA C 211 0.92 -30.55 -17.84
CA ALA C 211 0.66 -30.88 -19.24
C ALA C 211 0.77 -32.37 -19.54
N GLU C 212 1.53 -33.13 -18.74
CA GLU C 212 1.71 -34.55 -19.01
C GLU C 212 0.39 -35.30 -18.91
N ILE C 213 0.09 -36.10 -19.93
CA ILE C 213 -1.17 -36.84 -19.98
C ILE C 213 -1.03 -37.97 -20.99
N THR C 214 -1.87 -39.00 -20.85
CA THR C 214 -1.93 -40.10 -21.79
C THR C 214 -3.38 -40.38 -22.14
N LEU C 215 -3.69 -40.40 -23.43
CA LEU C 215 -5.01 -40.73 -23.96
C LEU C 215 -4.89 -41.99 -24.78
N THR C 216 -5.71 -42.99 -24.47
CA THR C 216 -5.63 -44.27 -25.15
C THR C 216 -7.05 -44.74 -25.50
N TRP C 217 -7.19 -45.23 -26.72
CA TRP C 217 -8.41 -45.89 -27.14
C TRP C 217 -8.19 -47.39 -27.07
N GLN C 218 -9.19 -48.10 -26.58
CA GLN C 218 -9.10 -49.54 -26.43
C GLN C 218 -10.38 -50.19 -26.91
N GLN C 219 -10.23 -51.41 -27.44
CA GLN C 219 -11.35 -52.19 -27.96
C GLN C 219 -11.50 -53.45 -27.12
N ASP C 220 -12.73 -53.71 -26.68
CA ASP C 220 -13.06 -54.91 -25.92
C ASP C 220 -12.22 -55.04 -24.66
N GLY C 221 -11.91 -53.89 -24.04
CA GLY C 221 -11.22 -53.85 -22.77
C GLY C 221 -9.89 -54.59 -22.73
N GLU C 222 -9.21 -54.68 -23.88
CA GLU C 222 -7.92 -55.36 -23.96
C GLU C 222 -7.02 -54.60 -24.94
N GLY C 223 -5.85 -54.17 -24.46
CA GLY C 223 -4.87 -53.56 -25.32
C GLY C 223 -5.20 -52.12 -25.68
N HIS C 224 -4.73 -51.70 -26.85
CA HIS C 224 -5.02 -50.38 -27.40
C HIS C 224 -5.27 -50.51 -28.89
N THR C 225 -6.25 -49.76 -29.39
CA THR C 225 -6.72 -49.95 -30.76
C THR C 225 -5.72 -49.39 -31.77
N GLN C 226 -5.94 -49.75 -33.03
CA GLN C 226 -5.11 -49.27 -34.13
C GLN C 226 -5.71 -48.03 -34.77
N ASP C 227 -4.82 -47.22 -35.35
CA ASP C 227 -5.18 -46.05 -36.15
C ASP C 227 -5.94 -45.00 -35.32
N THR C 228 -5.28 -44.54 -34.27
CA THR C 228 -5.77 -43.46 -33.42
C THR C 228 -5.07 -42.17 -33.81
N GLU C 229 -5.85 -41.11 -34.07
CA GLU C 229 -5.28 -39.80 -34.32
C GLU C 229 -5.17 -39.06 -33.00
N LEU C 230 -3.93 -38.71 -32.63
CA LEU C 230 -3.62 -37.97 -31.42
C LEU C 230 -3.09 -36.59 -31.80
N VAL C 231 -3.58 -35.55 -31.13
CA VAL C 231 -3.05 -34.20 -31.32
C VAL C 231 -2.09 -33.89 -30.19
N GLU C 232 -1.08 -33.05 -30.47
CA GLU C 232 -0.17 -32.62 -29.42
C GLU C 232 -0.94 -31.85 -28.35
N THR C 233 -0.51 -32.05 -27.10
CA THR C 233 -1.07 -31.28 -25.99
C THR C 233 -0.89 -29.79 -26.26
N ARG C 234 -1.95 -29.03 -26.06
CA ARG C 234 -1.98 -27.62 -26.45
C ARG C 234 -2.49 -26.77 -25.29
N PRO C 235 -1.99 -25.54 -25.16
CA PRO C 235 -2.44 -24.69 -24.05
C PRO C 235 -3.80 -24.09 -24.33
N ALA C 236 -4.65 -24.08 -23.29
CA ALA C 236 -5.96 -23.46 -23.42
C ALA C 236 -5.87 -21.94 -23.40
N GLY C 237 -4.81 -21.38 -22.82
CA GLY C 237 -4.66 -19.94 -22.66
C GLY C 237 -4.88 -19.45 -21.25
N ASP C 238 -5.35 -20.31 -20.34
CA ASP C 238 -5.62 -19.92 -18.97
C ASP C 238 -4.72 -20.65 -17.97
N GLY C 239 -3.64 -21.27 -18.44
CA GLY C 239 -2.75 -22.03 -17.58
C GLY C 239 -2.95 -23.53 -17.63
N THR C 240 -4.07 -24.00 -18.18
CA THR C 240 -4.35 -25.43 -18.30
C THR C 240 -4.14 -25.86 -19.75
N PHE C 241 -4.31 -27.16 -20.00
CA PHE C 241 -3.98 -27.74 -21.29
C PHE C 241 -5.14 -28.57 -21.83
N GLN C 242 -5.04 -28.90 -23.11
CA GLN C 242 -6.06 -29.66 -23.82
C GLN C 242 -5.38 -30.74 -24.66
N LYS C 243 -6.15 -31.78 -24.97
CA LYS C 243 -5.72 -32.84 -25.88
C LYS C 243 -6.94 -33.66 -26.28
N TRP C 244 -6.89 -34.26 -27.47
CA TRP C 244 -7.93 -35.21 -27.82
C TRP C 244 -7.35 -36.34 -28.68
N ALA C 245 -8.07 -37.46 -28.69
CA ALA C 245 -7.70 -38.66 -29.44
C ALA C 245 -8.93 -39.18 -30.16
N ALA C 246 -8.80 -39.46 -31.46
CA ALA C 246 -9.92 -39.88 -32.28
C ALA C 246 -9.66 -41.25 -32.89
N VAL C 247 -10.76 -41.99 -33.13
CA VAL C 247 -10.70 -43.30 -33.77
C VAL C 247 -11.96 -43.47 -34.62
N VAL C 248 -11.82 -44.19 -35.72
CA VAL C 248 -12.91 -44.49 -36.63
C VAL C 248 -13.41 -45.91 -36.35
N VAL C 249 -14.69 -46.03 -36.02
CA VAL C 249 -15.27 -47.30 -35.59
C VAL C 249 -16.47 -47.61 -36.48
N PRO C 250 -16.83 -48.89 -36.61
CA PRO C 250 -18.06 -49.24 -37.34
C PRO C 250 -19.28 -48.77 -36.58
N SER C 251 -20.22 -48.16 -37.30
CA SER C 251 -21.46 -47.70 -36.68
C SER C 251 -22.23 -48.87 -36.10
N GLY C 252 -22.64 -48.74 -34.84
CA GLY C 252 -23.29 -49.82 -34.13
C GLY C 252 -22.37 -50.60 -33.20
N GLU C 253 -21.06 -50.41 -33.31
CA GLU C 253 -20.08 -51.06 -32.45
C GLU C 253 -19.43 -50.08 -31.48
N GLU C 254 -20.02 -48.89 -31.31
CA GLU C 254 -19.39 -47.86 -30.48
C GLU C 254 -19.21 -48.31 -29.04
N GLN C 255 -20.08 -49.19 -28.54
CA GLN C 255 -19.96 -49.67 -27.17
C GLN C 255 -18.73 -50.53 -26.95
N ARG C 256 -18.03 -50.94 -28.02
CA ARG C 256 -16.83 -51.75 -27.89
C ARG C 256 -15.59 -50.93 -27.59
N TYR C 257 -15.68 -49.60 -27.64
CA TYR C 257 -14.51 -48.74 -27.55
C TYR C 257 -14.63 -47.85 -26.32
N THR C 258 -13.57 -47.82 -25.51
CA THR C 258 -13.49 -46.99 -24.32
C THR C 258 -12.21 -46.18 -24.37
N CYS C 259 -12.30 -44.93 -23.94
CA CYS C 259 -11.13 -44.06 -23.88
C CYS C 259 -10.51 -44.11 -22.49
N HIS C 260 -9.18 -44.24 -22.46
CA HIS C 260 -8.43 -44.43 -21.22
C HIS C 260 -7.54 -43.21 -21.00
N VAL C 261 -7.70 -42.57 -19.84
CA VAL C 261 -7.06 -41.30 -19.53
C VAL C 261 -6.22 -41.44 -18.27
N GLN C 262 -4.93 -41.17 -18.38
CA GLN C 262 -4.00 -41.19 -17.25
C GLN C 262 -3.47 -39.78 -17.01
N HIS C 263 -3.60 -39.31 -15.77
CA HIS C 263 -3.12 -37.98 -15.41
C HIS C 263 -2.82 -37.94 -13.92
N GLU C 264 -1.83 -37.12 -13.55
CA GLU C 264 -1.41 -37.06 -12.16
C GLU C 264 -2.52 -36.55 -11.24
N GLY C 265 -3.47 -35.78 -11.79
CA GLY C 265 -4.58 -35.31 -11.00
C GLY C 265 -5.67 -36.34 -10.77
N LEU C 266 -5.59 -37.49 -11.43
CA LEU C 266 -6.55 -38.55 -11.22
C LEU C 266 -5.99 -39.57 -10.25
N PRO C 267 -6.69 -39.90 -9.16
CA PRO C 267 -6.18 -40.95 -8.27
C PRO C 267 -6.06 -42.30 -8.94
N GLU C 268 -6.91 -42.58 -9.93
CA GLU C 268 -6.80 -43.75 -10.79
C GLU C 268 -7.22 -43.32 -12.20
N PRO C 269 -6.75 -44.06 -13.22
CA PRO C 269 -7.13 -43.69 -14.60
C PRO C 269 -8.64 -43.73 -14.83
N VAL C 270 -9.08 -42.89 -15.76
CA VAL C 270 -10.48 -42.71 -16.09
C VAL C 270 -10.78 -43.40 -17.43
N THR C 271 -11.95 -44.04 -17.51
CA THR C 271 -12.41 -44.66 -18.74
C THR C 271 -13.72 -44.02 -19.17
N LEU C 272 -13.91 -43.83 -20.47
CA LEU C 272 -15.12 -43.19 -20.96
C LEU C 272 -15.62 -43.89 -22.22
N ARG C 273 -16.93 -43.84 -22.39
CA ARG C 273 -17.63 -44.34 -23.57
C ARG C 273 -18.54 -43.25 -24.12
N TRP C 274 -18.85 -43.36 -25.40
CA TRP C 274 -19.84 -42.47 -25.96
C TRP C 274 -21.23 -42.92 -25.53
N MET D 1 22.88 -24.29 -40.66
CA MET D 1 21.67 -23.78 -40.02
C MET D 1 20.50 -24.74 -40.21
N ILE D 2 19.81 -25.05 -39.11
CA ILE D 2 18.65 -25.92 -39.13
C ILE D 2 17.41 -25.06 -39.00
N GLN D 3 16.44 -25.28 -39.87
CA GLN D 3 15.15 -24.62 -39.81
C GLN D 3 14.04 -25.66 -39.71
N ARG D 4 12.92 -25.27 -39.12
CA ARG D 4 11.80 -26.18 -38.90
C ARG D 4 10.49 -25.49 -39.24
N THR D 5 9.63 -26.18 -39.98
CA THR D 5 8.34 -25.63 -40.34
C THR D 5 7.43 -25.60 -39.11
N PRO D 6 6.52 -24.63 -39.03
CA PRO D 6 5.64 -24.51 -37.87
C PRO D 6 4.48 -25.50 -37.90
N LYS D 7 4.17 -26.03 -36.72
CA LYS D 7 2.94 -26.79 -36.52
C LYS D 7 1.84 -25.84 -36.07
N ILE D 8 0.61 -26.08 -36.53
CA ILE D 8 -0.49 -25.15 -36.36
C ILE D 8 -1.72 -25.91 -35.87
N GLN D 9 -2.28 -25.46 -34.74
CA GLN D 9 -3.58 -25.90 -34.28
C GLN D 9 -4.43 -24.67 -34.00
N VAL D 10 -5.64 -24.65 -34.54
CA VAL D 10 -6.61 -23.58 -34.30
C VAL D 10 -7.76 -24.17 -33.51
N TYR D 11 -8.13 -23.51 -32.41
CA TYR D 11 -9.09 -24.10 -31.48
C TYR D 11 -9.61 -23.02 -30.55
N SER D 12 -10.63 -23.38 -29.78
CA SER D 12 -11.27 -22.50 -28.81
C SER D 12 -10.93 -22.93 -27.39
N ARG D 13 -10.80 -21.94 -26.50
CA ARG D 13 -10.47 -22.26 -25.10
C ARG D 13 -11.54 -23.15 -24.48
N HIS D 14 -12.79 -22.87 -24.76
CA HIS D 14 -13.92 -23.62 -24.23
C HIS D 14 -14.74 -24.20 -25.37
N PRO D 15 -15.56 -25.23 -25.09
CA PRO D 15 -16.45 -25.76 -26.13
C PRO D 15 -17.31 -24.66 -26.74
N ALA D 16 -17.32 -24.61 -28.06
CA ALA D 16 -17.97 -23.52 -28.78
C ALA D 16 -19.49 -23.60 -28.63
N GLU D 17 -20.11 -22.45 -28.39
CA GLU D 17 -21.56 -22.32 -28.37
C GLU D 17 -21.93 -21.05 -29.13
N ASN D 18 -22.89 -21.16 -30.04
CA ASN D 18 -23.32 -20.00 -30.80
C ASN D 18 -23.85 -18.91 -29.87
N GLY D 19 -23.33 -17.70 -30.04
CA GLY D 19 -23.72 -16.57 -29.21
C GLY D 19 -23.03 -16.48 -27.87
N LYS D 20 -22.05 -17.36 -27.59
CA LYS D 20 -21.39 -17.41 -26.30
C LYS D 20 -19.94 -16.97 -26.46
N SER D 21 -19.55 -15.95 -25.72
CA SER D 21 -18.18 -15.43 -25.80
C SER D 21 -17.18 -16.51 -25.43
N ASN D 22 -16.05 -16.51 -26.13
CA ASN D 22 -15.02 -17.55 -25.98
C ASN D 22 -13.67 -16.92 -26.31
N PHE D 23 -12.66 -17.77 -26.50
CA PHE D 23 -11.34 -17.34 -26.94
C PHE D 23 -10.93 -18.21 -28.12
N LEU D 24 -10.49 -17.58 -29.21
CA LEU D 24 -10.00 -18.29 -30.38
C LEU D 24 -8.48 -18.34 -30.31
N ASN D 25 -7.94 -19.55 -30.27
CA ASN D 25 -6.50 -19.77 -30.12
C ASN D 25 -5.90 -20.26 -31.44
N CYS D 26 -4.68 -19.80 -31.72
CA CYS D 26 -3.84 -20.35 -32.78
C CYS D 26 -2.51 -20.72 -32.13
N TYR D 27 -2.31 -22.02 -31.92
CA TYR D 27 -1.07 -22.50 -31.31
C TYR D 27 -0.09 -22.88 -32.41
N VAL D 28 1.05 -22.21 -32.43
CA VAL D 28 2.12 -22.47 -33.40
C VAL D 28 3.33 -22.93 -32.62
N SER D 29 3.92 -24.05 -33.05
CA SER D 29 5.00 -24.67 -32.29
C SER D 29 5.93 -25.40 -33.24
N GLY D 30 7.07 -25.82 -32.70
CA GLY D 30 8.02 -26.63 -33.44
C GLY D 30 8.75 -25.92 -34.56
N PHE D 31 8.70 -24.60 -34.62
CA PHE D 31 9.31 -23.86 -35.72
C PHE D 31 10.66 -23.26 -35.31
N HIS D 32 11.43 -22.89 -36.34
CA HIS D 32 12.75 -22.30 -36.21
C HIS D 32 13.14 -21.70 -37.56
N PRO D 33 13.65 -20.46 -37.62
CA PRO D 33 13.90 -19.56 -36.50
C PRO D 33 12.64 -18.92 -35.90
N SER D 34 12.84 -18.00 -34.96
CA SER D 34 11.73 -17.50 -34.17
C SER D 34 10.86 -16.50 -34.92
N ASP D 35 11.40 -15.81 -35.93
CA ASP D 35 10.62 -14.83 -36.67
C ASP D 35 9.46 -15.51 -37.38
N ILE D 36 8.26 -15.03 -37.12
CA ILE D 36 7.05 -15.65 -37.65
C ILE D 36 5.95 -14.60 -37.71
N GLU D 37 5.05 -14.76 -38.68
CA GLU D 37 3.91 -13.88 -38.88
C GLU D 37 2.63 -14.70 -38.72
N VAL D 38 1.79 -14.32 -37.76
CA VAL D 38 0.58 -15.07 -37.42
C VAL D 38 -0.58 -14.09 -37.35
N ASP D 39 -1.65 -14.40 -38.08
CA ASP D 39 -2.86 -13.59 -38.09
C ASP D 39 -4.07 -14.46 -37.81
N LEU D 40 -5.05 -13.90 -37.11
CA LEU D 40 -6.35 -14.53 -36.91
C LEU D 40 -7.34 -13.84 -37.84
N LEU D 41 -8.12 -14.64 -38.56
CA LEU D 41 -9.01 -14.14 -39.61
C LEU D 41 -10.46 -14.42 -39.25
N LYS D 42 -11.33 -13.47 -39.57
CA LYS D 42 -12.77 -13.64 -39.48
C LYS D 42 -13.35 -13.39 -40.87
N ASN D 43 -13.82 -14.47 -41.52
CA ASN D 43 -14.35 -14.40 -42.88
C ASN D 43 -13.30 -13.84 -43.84
N GLY D 44 -12.05 -14.25 -43.67
CA GLY D 44 -10.97 -13.83 -44.52
C GLY D 44 -10.32 -12.51 -44.17
N GLU D 45 -10.90 -11.75 -43.24
CA GLU D 45 -10.38 -10.44 -42.87
C GLU D 45 -9.69 -10.50 -41.52
N ARG D 46 -8.61 -9.74 -41.38
CA ARG D 46 -7.75 -9.84 -40.21
C ARG D 46 -8.42 -9.27 -38.97
N ILE D 47 -8.32 -9.97 -37.86
CA ILE D 47 -8.85 -9.52 -36.58
C ILE D 47 -7.84 -8.57 -35.95
N GLU D 48 -8.33 -7.44 -35.42
CA GLU D 48 -7.45 -6.34 -35.04
C GLU D 48 -6.74 -6.59 -33.71
N LYS D 49 -7.46 -7.10 -32.70
CA LYS D 49 -6.96 -7.18 -31.34
C LYS D 49 -6.55 -8.62 -31.05
N VAL D 50 -5.30 -8.95 -31.38
CA VAL D 50 -4.75 -10.29 -31.18
C VAL D 50 -3.53 -10.17 -30.27
N GLU D 51 -3.56 -10.91 -29.17
CA GLU D 51 -2.42 -11.02 -28.26
C GLU D 51 -1.69 -12.34 -28.48
N HIS D 52 -0.47 -12.42 -27.95
CA HIS D 52 0.29 -13.66 -28.03
C HIS D 52 1.18 -13.80 -26.82
N SER D 53 1.50 -15.05 -26.50
CA SER D 53 2.33 -15.37 -25.34
C SER D 53 3.78 -14.99 -25.60
N ASP D 54 4.60 -15.11 -24.56
CA ASP D 54 6.01 -14.79 -24.66
C ASP D 54 6.77 -15.89 -25.37
N LEU D 55 7.80 -15.50 -26.12
CA LEU D 55 8.58 -16.46 -26.90
C LEU D 55 9.27 -17.47 -25.99
N SER D 56 9.05 -18.75 -26.27
CA SER D 56 9.72 -19.83 -25.56
C SER D 56 10.12 -20.89 -26.58
N PHE D 57 10.87 -21.89 -26.14
CA PHE D 57 11.27 -22.97 -27.02
C PHE D 57 11.38 -24.27 -26.24
N SER D 58 11.40 -25.38 -26.98
CA SER D 58 11.36 -26.72 -26.42
C SER D 58 12.75 -27.33 -26.36
N LYS D 59 12.81 -28.58 -25.89
CA LYS D 59 14.09 -29.27 -25.72
C LYS D 59 14.86 -29.35 -27.03
N ASP D 60 14.18 -29.44 -28.16
CA ASP D 60 14.84 -29.50 -29.46
C ASP D 60 15.14 -28.12 -30.03
N TRP D 61 14.97 -27.07 -29.23
CA TRP D 61 15.24 -25.65 -29.52
C TRP D 61 14.17 -25.02 -30.40
N SER D 62 13.16 -25.75 -30.85
CA SER D 62 12.12 -25.17 -31.68
C SER D 62 11.17 -24.32 -30.84
N PHE D 63 10.72 -23.22 -31.42
CA PHE D 63 9.93 -22.22 -30.69
C PHE D 63 8.45 -22.55 -30.70
N TYR D 64 7.72 -21.92 -29.78
CA TYR D 64 6.27 -22.02 -29.76
C TYR D 64 5.67 -20.75 -29.20
N LEU D 65 4.46 -20.44 -29.68
CA LEU D 65 3.73 -19.23 -29.29
C LEU D 65 2.24 -19.54 -29.35
N LEU D 66 1.48 -18.87 -28.49
CA LEU D 66 0.02 -18.94 -28.50
C LEU D 66 -0.53 -17.57 -28.84
N TYR D 67 -1.19 -17.47 -30.00
CA TYR D 67 -1.93 -16.28 -30.39
C TYR D 67 -3.40 -16.48 -30.06
N TYR D 68 -4.06 -15.41 -29.62
CA TYR D 68 -5.42 -15.56 -29.13
C TYR D 68 -6.16 -14.23 -29.18
N THR D 69 -7.48 -14.33 -29.25
CA THR D 69 -8.36 -13.17 -29.19
C THR D 69 -9.69 -13.63 -28.62
N GLU D 70 -10.45 -12.68 -28.07
CA GLU D 70 -11.81 -12.94 -27.66
C GLU D 70 -12.74 -12.87 -28.86
N PHE D 71 -13.69 -13.80 -28.93
CA PHE D 71 -14.64 -13.83 -30.04
C PHE D 71 -15.90 -14.54 -29.60
N THR D 72 -16.95 -14.38 -30.40
CA THR D 72 -18.22 -15.05 -30.17
C THR D 72 -18.55 -15.90 -31.40
N PRO D 73 -18.52 -17.22 -31.31
CA PRO D 73 -18.83 -18.04 -32.47
C PRO D 73 -20.30 -17.91 -32.86
N THR D 74 -20.53 -17.85 -34.17
CA THR D 74 -21.88 -17.81 -34.73
C THR D 74 -21.99 -18.86 -35.82
N GLU D 75 -23.20 -19.00 -36.38
CA GLU D 75 -23.45 -20.12 -37.29
C GLU D 75 -22.67 -19.99 -38.58
N LYS D 76 -22.66 -18.82 -39.20
CA LYS D 76 -22.11 -18.64 -40.54
C LYS D 76 -20.88 -17.74 -40.56
N ASP D 77 -20.10 -17.74 -39.49
CA ASP D 77 -18.83 -17.03 -39.45
C ASP D 77 -17.69 -18.03 -39.52
N GLU D 78 -16.75 -17.79 -40.44
CA GLU D 78 -15.57 -18.62 -40.60
C GLU D 78 -14.38 -17.94 -39.94
N TYR D 79 -13.68 -18.69 -39.08
CA TYR D 79 -12.47 -18.20 -38.45
C TYR D 79 -11.30 -19.08 -38.88
N ALA D 80 -10.11 -18.50 -38.89
CA ALA D 80 -8.94 -19.19 -39.39
C ALA D 80 -7.68 -18.51 -38.87
N CYS D 81 -6.56 -19.21 -39.01
CA CYS D 81 -5.24 -18.67 -38.71
C CYS D 81 -4.42 -18.64 -39.98
N ARG D 82 -3.70 -17.56 -40.21
CA ARG D 82 -2.78 -17.44 -41.33
C ARG D 82 -1.37 -17.27 -40.78
N VAL D 83 -0.48 -18.17 -41.18
CA VAL D 83 0.89 -18.22 -40.67
C VAL D 83 1.85 -18.07 -41.83
N ASN D 84 2.82 -17.17 -41.69
CA ASN D 84 3.91 -17.03 -42.63
C ASN D 84 5.22 -17.23 -41.90
N HIS D 85 6.17 -17.87 -42.57
CA HIS D 85 7.43 -18.25 -41.97
C HIS D 85 8.44 -18.49 -43.09
N VAL D 86 9.72 -18.33 -42.77
CA VAL D 86 10.76 -18.41 -43.79
C VAL D 86 10.79 -19.80 -44.42
N THR D 87 10.37 -20.83 -43.69
CA THR D 87 10.40 -22.19 -44.20
C THR D 87 9.26 -22.48 -45.16
N LEU D 88 8.21 -21.66 -45.19
CA LEU D 88 7.03 -21.92 -45.98
C LEU D 88 7.14 -21.28 -47.35
N SER D 89 6.77 -22.02 -48.40
CA SER D 89 6.75 -21.48 -49.75
C SER D 89 5.64 -20.44 -49.93
N GLN D 90 4.61 -20.49 -49.11
CA GLN D 90 3.50 -19.55 -49.15
C GLN D 90 2.83 -19.54 -47.78
N PRO D 91 2.07 -18.49 -47.46
CA PRO D 91 1.36 -18.48 -46.18
C PRO D 91 0.38 -19.65 -46.07
N LYS D 92 0.36 -20.27 -44.90
CA LYS D 92 -0.51 -21.39 -44.61
C LYS D 92 -1.73 -20.90 -43.85
N ILE D 93 -2.91 -21.36 -44.25
CA ILE D 93 -4.17 -20.96 -43.64
C ILE D 93 -4.87 -22.22 -43.12
N VAL D 94 -5.12 -22.26 -41.82
CA VAL D 94 -5.84 -23.35 -41.19
C VAL D 94 -7.16 -22.82 -40.66
N LYS D 95 -8.26 -23.37 -41.15
CA LYS D 95 -9.58 -22.94 -40.70
C LYS D 95 -9.90 -23.54 -39.34
N TRP D 96 -10.78 -22.86 -38.61
CA TRP D 96 -11.20 -23.35 -37.30
C TRP D 96 -12.34 -24.35 -37.46
N ASP D 97 -12.20 -25.50 -36.80
CA ASP D 97 -13.22 -26.53 -36.74
C ASP D 97 -13.63 -26.68 -35.29
N ARG D 98 -14.88 -26.35 -34.97
CA ARG D 98 -15.34 -26.42 -33.58
C ARG D 98 -15.37 -27.84 -33.05
N ASP D 99 -15.23 -28.85 -33.90
CA ASP D 99 -15.12 -30.24 -33.46
C ASP D 99 -13.68 -30.67 -33.25
N MET D 100 -12.71 -29.75 -33.36
CA MET D 100 -11.30 -30.11 -33.23
C MET D 100 -10.53 -29.07 -32.44
N GLY E 1 -14.80 -33.81 4.38
CA GLY E 1 -14.72 -35.14 3.80
C GLY E 1 -16.08 -35.78 3.57
N SER E 2 -17.10 -35.21 4.20
CA SER E 2 -18.46 -35.70 4.10
C SER E 2 -19.10 -35.22 2.80
N HIS E 3 -20.12 -35.94 2.36
CA HIS E 3 -20.84 -35.59 1.14
C HIS E 3 -22.33 -35.75 1.38
N SER E 4 -23.12 -34.98 0.63
CA SER E 4 -24.55 -34.93 0.83
C SER E 4 -25.29 -34.78 -0.50
N LEU E 5 -26.46 -35.39 -0.56
CA LEU E 5 -27.40 -35.22 -1.67
C LEU E 5 -28.64 -34.53 -1.12
N LYS E 6 -28.94 -33.35 -1.64
CA LYS E 6 -29.95 -32.47 -1.05
C LYS E 6 -30.88 -31.92 -2.12
N TYR E 7 -32.16 -31.85 -1.79
CA TYR E 7 -33.16 -31.22 -2.65
C TYR E 7 -33.89 -30.11 -1.89
N PHE E 8 -34.24 -29.06 -2.63
CA PHE E 8 -34.97 -27.92 -2.07
C PHE E 8 -36.18 -27.65 -2.95
N HIS E 9 -37.38 -27.76 -2.38
CA HIS E 9 -38.63 -27.59 -3.12
C HIS E 9 -39.37 -26.38 -2.58
N THR E 10 -39.84 -25.52 -3.48
CA THR E 10 -40.56 -24.30 -3.11
C THR E 10 -41.85 -24.22 -3.92
N SER E 11 -42.96 -23.99 -3.23
CA SER E 11 -44.26 -23.78 -3.87
C SER E 11 -44.90 -22.53 -3.31
N VAL E 12 -45.31 -21.62 -4.19
CA VAL E 12 -45.90 -20.34 -3.80
C VAL E 12 -47.23 -20.18 -4.54
N SER E 13 -48.32 -20.02 -3.78
CA SER E 13 -49.63 -19.85 -4.37
C SER E 13 -49.78 -18.45 -4.96
N ARG E 14 -50.60 -18.34 -6.01
CA ARG E 14 -50.81 -17.09 -6.73
C ARG E 14 -52.31 -16.85 -6.84
N PRO E 15 -52.90 -16.13 -5.88
CA PRO E 15 -54.35 -15.88 -5.92
C PRO E 15 -54.73 -15.07 -7.14
N GLY E 16 -55.86 -15.45 -7.75
CA GLY E 16 -56.36 -14.80 -8.93
C GLY E 16 -55.53 -15.02 -10.18
N ARG E 17 -54.60 -15.99 -10.16
CA ARG E 17 -53.75 -16.19 -11.33
C ARG E 17 -53.46 -17.66 -11.63
N GLY E 18 -54.18 -18.60 -11.03
CA GLY E 18 -53.96 -19.98 -11.37
C GLY E 18 -53.19 -20.81 -10.36
N GLU E 19 -52.52 -21.85 -10.87
CA GLU E 19 -51.84 -22.83 -10.05
C GLU E 19 -50.64 -22.22 -9.34
N PRO E 20 -50.22 -22.78 -8.21
CA PRO E 20 -49.02 -22.25 -7.55
C PRO E 20 -47.76 -22.42 -8.38
N ARG E 21 -46.83 -21.49 -8.22
CA ARG E 21 -45.50 -21.63 -8.82
C ARG E 21 -44.67 -22.63 -8.03
N PHE E 22 -44.03 -23.56 -8.71
CA PHE E 22 -43.25 -24.59 -8.06
C PHE E 22 -41.86 -24.67 -8.69
N ILE E 23 -40.84 -24.60 -7.85
CA ILE E 23 -39.45 -24.70 -8.28
C ILE E 23 -38.73 -25.63 -7.31
N SER E 24 -37.98 -26.59 -7.85
CA SER E 24 -37.17 -27.48 -7.03
C SER E 24 -35.78 -27.59 -7.64
N VAL E 25 -34.78 -27.73 -6.77
CA VAL E 25 -33.40 -27.86 -7.19
C VAL E 25 -32.74 -28.96 -6.38
N GLY E 26 -31.75 -29.61 -7.00
CA GLY E 26 -30.98 -30.64 -6.33
C GLY E 26 -29.52 -30.22 -6.25
N TYR E 27 -28.89 -30.54 -5.12
CA TYR E 27 -27.50 -30.24 -4.88
C TYR E 27 -26.76 -31.50 -4.45
N VAL E 28 -25.53 -31.65 -4.95
CA VAL E 28 -24.55 -32.54 -4.34
C VAL E 28 -23.51 -31.64 -3.69
N ASP E 29 -23.41 -31.70 -2.37
CA ASP E 29 -22.59 -30.78 -1.60
C ASP E 29 -22.96 -29.35 -1.94
N ASP E 30 -22.02 -28.57 -2.47
CA ASP E 30 -22.29 -27.18 -2.82
C ASP E 30 -22.50 -26.97 -4.32
N THR E 31 -22.80 -28.02 -5.06
CA THR E 31 -22.93 -27.95 -6.53
C THR E 31 -24.35 -28.33 -6.92
N GLN E 32 -25.07 -27.38 -7.52
CA GLN E 32 -26.39 -27.69 -8.07
C GLN E 32 -26.25 -28.54 -9.32
N PHE E 33 -27.14 -29.54 -9.46
CA PHE E 33 -27.06 -30.44 -10.60
C PHE E 33 -28.39 -30.68 -11.33
N VAL E 34 -29.55 -30.38 -10.74
CA VAL E 34 -30.83 -30.49 -11.45
C VAL E 34 -31.75 -29.33 -11.09
N ARG E 35 -32.77 -29.14 -11.93
CA ARG E 35 -33.80 -28.12 -11.73
C ARG E 35 -35.13 -28.59 -12.30
N PHE E 36 -36.21 -28.18 -11.64
CA PHE E 36 -37.56 -28.33 -12.18
C PHE E 36 -38.33 -27.04 -11.91
N ASP E 37 -39.01 -26.52 -12.94
CA ASP E 37 -39.80 -25.30 -12.82
C ASP E 37 -41.10 -25.53 -13.57
N ASN E 38 -42.23 -25.41 -12.87
CA ASN E 38 -43.54 -25.72 -13.46
C ASN E 38 -44.11 -24.57 -14.29
N ASP E 39 -43.37 -23.48 -14.48
CA ASP E 39 -43.84 -22.36 -15.31
C ASP E 39 -43.60 -22.70 -16.79
N ALA E 40 -44.33 -23.71 -17.25
CA ALA E 40 -44.23 -24.20 -18.62
C ALA E 40 -45.42 -25.12 -18.88
N ALA E 41 -45.69 -25.35 -20.17
CA ALA E 41 -46.78 -26.25 -20.54
C ALA E 41 -46.47 -27.69 -20.14
N SER E 42 -45.26 -28.15 -20.44
CA SER E 42 -44.83 -29.51 -20.11
C SER E 42 -43.50 -29.46 -19.38
N PRO E 43 -43.51 -29.08 -18.11
CA PRO E 43 -42.25 -28.88 -17.38
C PRO E 43 -41.53 -30.21 -17.17
N ARG E 44 -40.20 -30.16 -17.26
CA ARG E 44 -39.36 -31.34 -17.12
C ARG E 44 -38.18 -31.03 -16.22
N MET E 45 -37.71 -32.06 -15.52
CA MET E 45 -36.46 -31.97 -14.78
C MET E 45 -35.30 -31.93 -15.77
N VAL E 46 -34.41 -30.97 -15.59
CA VAL E 46 -33.33 -30.77 -16.55
C VAL E 46 -31.98 -30.72 -15.82
N PRO E 47 -30.88 -31.06 -16.49
CA PRO E 47 -29.57 -31.00 -15.83
C PRO E 47 -29.09 -29.57 -15.67
N ARG E 48 -28.39 -29.32 -14.57
CA ARG E 48 -27.76 -28.04 -14.30
C ARG E 48 -26.27 -28.17 -13.99
N ALA E 49 -25.68 -29.34 -14.24
CA ALA E 49 -24.25 -29.56 -14.10
C ALA E 49 -23.77 -30.35 -15.30
N PRO E 50 -22.58 -30.05 -15.83
CA PRO E 50 -22.15 -30.72 -17.07
C PRO E 50 -22.10 -32.24 -16.97
N TRP E 51 -21.75 -32.77 -15.80
CA TRP E 51 -21.65 -34.22 -15.63
C TRP E 51 -22.99 -34.93 -15.57
N MET E 52 -24.11 -34.20 -15.52
CA MET E 52 -25.42 -34.84 -15.56
C MET E 52 -25.95 -35.06 -16.98
N GLU E 53 -25.33 -34.44 -17.99
CA GLU E 53 -25.80 -34.61 -19.36
C GLU E 53 -25.53 -36.01 -19.92
N GLN E 54 -24.92 -36.90 -19.14
CA GLN E 54 -24.70 -38.28 -19.53
C GLN E 54 -25.91 -39.18 -19.25
N GLU E 55 -26.96 -38.63 -18.66
CA GLU E 55 -28.13 -39.40 -18.27
C GLU E 55 -29.11 -39.54 -19.42
N GLY E 56 -29.61 -40.77 -19.62
CA GLY E 56 -30.55 -41.07 -20.67
C GLY E 56 -31.97 -40.69 -20.27
N SER E 57 -32.91 -40.92 -21.20
CA SER E 57 -34.28 -40.48 -21.00
C SER E 57 -34.97 -41.19 -19.84
N GLU E 58 -34.54 -42.41 -19.51
CA GLU E 58 -35.16 -43.13 -18.40
C GLU E 58 -34.94 -42.41 -17.07
N TYR E 59 -33.81 -41.73 -16.91
CA TYR E 59 -33.59 -40.93 -15.70
C TYR E 59 -34.46 -39.69 -15.72
N TRP E 60 -34.43 -38.94 -16.81
CA TRP E 60 -35.10 -37.65 -16.85
C TRP E 60 -36.61 -37.78 -16.80
N ASP E 61 -37.16 -38.79 -17.49
CA ASP E 61 -38.61 -38.99 -17.44
C ASP E 61 -39.09 -39.28 -16.03
N ARG E 62 -38.35 -40.12 -15.29
CA ARG E 62 -38.75 -40.47 -13.94
C ARG E 62 -38.68 -39.26 -13.01
N GLU E 63 -37.58 -38.50 -13.10
CA GLU E 63 -37.46 -37.31 -12.28
C GLU E 63 -38.53 -36.29 -12.64
N THR E 64 -38.89 -36.22 -13.93
CA THR E 64 -39.96 -35.34 -14.36
C THR E 64 -41.29 -35.76 -13.75
N ARG E 65 -41.59 -37.07 -13.78
CA ARG E 65 -42.82 -37.56 -13.18
C ARG E 65 -42.88 -37.28 -11.68
N SER E 66 -41.76 -37.51 -10.98
CA SER E 66 -41.72 -37.25 -9.54
C SER E 66 -41.92 -35.77 -9.25
N ALA E 67 -41.29 -34.90 -10.03
CA ALA E 67 -41.35 -33.47 -9.76
C ALA E 67 -42.73 -32.90 -10.08
N ARG E 68 -43.35 -33.37 -11.16
CA ARG E 68 -44.71 -32.94 -11.48
C ARG E 68 -45.69 -33.34 -10.38
N ASP E 69 -45.56 -34.56 -9.86
CA ASP E 69 -46.45 -35.02 -8.80
C ASP E 69 -46.20 -34.26 -7.50
N THR E 70 -44.95 -33.95 -7.19
CA THR E 70 -44.65 -33.18 -5.99
C THR E 70 -45.31 -31.80 -6.05
N ALA E 71 -45.25 -31.15 -7.21
CA ALA E 71 -45.91 -29.85 -7.37
C ALA E 71 -47.41 -29.96 -7.12
N GLN E 72 -48.05 -30.99 -7.69
CA GLN E 72 -49.48 -31.20 -7.47
C GLN E 72 -49.78 -31.49 -6.00
N ILE E 73 -48.95 -32.32 -5.37
CA ILE E 73 -49.13 -32.60 -3.94
C ILE E 73 -48.97 -31.32 -3.12
N PHE E 74 -48.03 -30.47 -3.51
CA PHE E 74 -47.81 -29.22 -2.78
C PHE E 74 -48.95 -28.23 -2.97
N ARG E 75 -49.60 -28.25 -4.14
CA ARG E 75 -50.81 -27.45 -4.31
C ARG E 75 -51.91 -27.92 -3.36
N VAL E 76 -52.05 -29.23 -3.21
CA VAL E 76 -53.02 -29.77 -2.24
C VAL E 76 -52.63 -29.36 -0.82
N ASN E 77 -51.34 -29.50 -0.48
CA ASN E 77 -50.88 -29.17 0.87
C ASN E 77 -51.10 -27.69 1.17
N LEU E 78 -50.86 -26.82 0.20
CA LEU E 78 -51.11 -25.39 0.42
C LEU E 78 -52.58 -25.13 0.72
N ARG E 79 -53.48 -25.83 0.01
CA ARG E 79 -54.91 -25.67 0.27
C ARG E 79 -55.28 -26.23 1.64
N THR E 80 -54.75 -27.40 1.99
CA THR E 80 -55.01 -27.98 3.29
C THR E 80 -54.54 -27.08 4.41
N LEU E 81 -53.33 -26.52 4.30
CA LEU E 81 -52.76 -25.73 5.37
C LEU E 81 -53.52 -24.44 5.61
N ARG E 82 -53.96 -23.76 4.55
CA ARG E 82 -54.73 -22.54 4.74
C ARG E 82 -56.07 -22.83 5.41
N GLY E 83 -56.62 -24.04 5.21
CA GLY E 83 -57.82 -24.42 5.94
C GLY E 83 -57.53 -24.68 7.41
N TYR E 84 -56.35 -25.22 7.72
CA TYR E 84 -55.93 -25.39 9.10
C TYR E 84 -55.91 -24.04 9.82
N TYR E 85 -55.37 -23.01 9.18
CA TYR E 85 -55.18 -21.71 9.79
C TYR E 85 -56.31 -20.74 9.47
N ASN E 86 -57.37 -21.21 8.79
CA ASN E 86 -58.53 -20.39 8.45
C ASN E 86 -58.11 -19.11 7.73
N GLN E 87 -57.28 -19.26 6.70
CA GLN E 87 -56.76 -18.13 5.95
C GLN E 87 -57.54 -17.97 4.66
N SER E 88 -57.77 -16.72 4.26
CA SER E 88 -58.51 -16.40 3.05
C SER E 88 -57.82 -16.94 1.80
N GLU E 89 -58.60 -17.07 0.72
CA GLU E 89 -58.05 -17.46 -0.57
C GLU E 89 -57.31 -16.34 -1.27
N ALA E 90 -57.43 -15.11 -0.80
CA ALA E 90 -56.84 -13.96 -1.47
C ALA E 90 -55.36 -13.77 -1.17
N GLY E 91 -54.78 -14.55 -0.27
CA GLY E 91 -53.40 -14.35 0.17
C GLY E 91 -52.45 -15.36 -0.42
N SER E 92 -51.24 -14.90 -0.75
CA SER E 92 -50.18 -15.76 -1.25
C SER E 92 -49.43 -16.39 -0.08
N HIS E 93 -49.19 -17.69 -0.16
CA HIS E 93 -48.50 -18.43 0.89
C HIS E 93 -47.44 -19.32 0.27
N THR E 94 -46.47 -19.73 1.09
CA THR E 94 -45.31 -20.49 0.63
C THR E 94 -45.18 -21.78 1.42
N LEU E 95 -44.94 -22.88 0.71
CA LEU E 95 -44.64 -24.16 1.31
C LEU E 95 -43.26 -24.61 0.82
N GLN E 96 -42.37 -24.94 1.77
CA GLN E 96 -41.01 -25.35 1.44
C GLN E 96 -40.74 -26.73 2.02
N TRP E 97 -39.95 -27.50 1.27
CA TRP E 97 -39.59 -28.86 1.66
C TRP E 97 -38.12 -29.07 1.35
N MET E 98 -37.35 -29.51 2.33
CA MET E 98 -35.96 -29.85 2.12
C MET E 98 -35.65 -31.20 2.76
N HIS E 99 -34.80 -31.96 2.10
CA HIS E 99 -34.39 -33.28 2.58
C HIS E 99 -33.00 -33.58 2.03
N GLY E 100 -32.31 -34.48 2.71
CA GLY E 100 -30.98 -34.84 2.28
C GLY E 100 -30.44 -35.99 3.11
N CYS E 101 -29.46 -36.67 2.52
CA CYS E 101 -28.68 -37.71 3.20
C CYS E 101 -27.22 -37.29 3.18
N GLU E 102 -26.50 -37.59 4.27
CA GLU E 102 -25.11 -37.22 4.40
C GLU E 102 -24.28 -38.49 4.58
N LEU E 103 -23.22 -38.61 3.79
CA LEU E 103 -22.28 -39.72 3.88
C LEU E 103 -20.99 -39.30 4.59
N GLY E 104 -20.35 -40.26 5.24
CA GLY E 104 -19.04 -40.03 5.78
C GLY E 104 -17.98 -40.13 4.71
N PRO E 105 -16.72 -40.01 5.11
CA PRO E 105 -15.64 -40.13 4.12
C PRO E 105 -15.52 -41.52 3.52
N ASP E 106 -15.93 -42.55 4.26
CA ASP E 106 -15.97 -43.92 3.76
C ASP E 106 -17.16 -44.18 2.84
N GLY E 107 -18.03 -43.18 2.65
CA GLY E 107 -19.19 -43.37 1.81
C GLY E 107 -20.37 -44.05 2.47
N ARG E 108 -20.36 -44.21 3.78
CA ARG E 108 -21.47 -44.85 4.47
C ARG E 108 -22.42 -43.82 5.02
N PHE E 109 -23.66 -44.26 5.25
CA PHE E 109 -24.70 -43.35 5.75
C PHE E 109 -24.33 -42.79 7.11
N LEU E 110 -24.39 -41.46 7.22
CA LEU E 110 -24.10 -40.76 8.46
C LEU E 110 -25.36 -40.19 9.10
N ARG E 111 -26.14 -39.40 8.36
CA ARG E 111 -27.39 -38.87 8.89
C ARG E 111 -28.28 -38.42 7.74
N GLY E 112 -29.56 -38.26 8.07
CA GLY E 112 -30.55 -37.79 7.12
C GLY E 112 -31.50 -36.81 7.78
N TYR E 113 -32.14 -36.00 6.95
CA TYR E 113 -33.05 -34.99 7.47
C TYR E 113 -34.18 -34.75 6.47
N GLU E 114 -35.32 -34.31 7.01
CA GLU E 114 -36.46 -33.90 6.20
C GLU E 114 -37.29 -32.90 7.01
N GLN E 115 -37.69 -31.80 6.38
CA GLN E 115 -38.38 -30.72 7.08
C GLN E 115 -39.31 -30.00 6.14
N PHE E 116 -40.44 -29.51 6.68
CA PHE E 116 -41.40 -28.69 5.97
C PHE E 116 -41.47 -27.32 6.63
N ALA E 117 -41.72 -26.29 5.82
CA ALA E 117 -41.92 -24.94 6.33
C ALA E 117 -43.14 -24.31 5.67
N TYR E 118 -43.88 -23.52 6.44
CA TYR E 118 -45.03 -22.78 5.96
C TYR E 118 -44.82 -21.30 6.25
N ASP E 119 -44.81 -20.47 5.21
CA ASP E 119 -44.61 -19.03 5.34
C ASP E 119 -43.32 -18.71 6.10
N GLY E 120 -42.24 -19.41 5.76
CA GLY E 120 -40.94 -19.10 6.31
C GLY E 120 -40.70 -19.57 7.73
N LYS E 121 -41.56 -20.42 8.27
CA LYS E 121 -41.44 -20.91 9.63
C LYS E 121 -41.54 -22.42 9.63
N ASP E 122 -40.74 -23.07 10.49
CA ASP E 122 -40.81 -24.51 10.67
C ASP E 122 -42.25 -24.97 10.86
N TYR E 123 -42.61 -26.05 10.18
CA TYR E 123 -43.93 -26.64 10.30
C TYR E 123 -43.87 -28.07 10.82
N LEU E 124 -43.25 -28.99 10.09
CA LEU E 124 -43.17 -30.39 10.49
C LEU E 124 -41.76 -30.89 10.21
N THR E 125 -41.17 -31.55 11.19
CA THR E 125 -39.77 -31.96 11.14
C THR E 125 -39.70 -33.47 11.37
N LEU E 126 -38.94 -34.16 10.53
CA LEU E 126 -38.63 -35.56 10.76
C LEU E 126 -37.46 -35.64 11.74
N ASN E 127 -37.68 -36.27 12.89
CA ASN E 127 -36.66 -36.31 13.93
C ASN E 127 -35.44 -37.09 13.45
N GLU E 128 -34.32 -36.86 14.14
CA GLU E 128 -33.04 -37.41 13.70
C GLU E 128 -32.99 -38.93 13.77
N ASP E 129 -33.84 -39.55 14.60
CA ASP E 129 -33.97 -41.00 14.57
C ASP E 129 -34.64 -41.49 13.29
N LEU E 130 -35.22 -40.59 12.49
CA LEU E 130 -35.90 -40.91 11.24
C LEU E 130 -37.11 -41.82 11.44
N ARG E 131 -37.64 -41.89 12.66
CA ARG E 131 -38.78 -42.75 12.98
C ARG E 131 -39.89 -41.99 13.70
N SER E 132 -39.79 -40.67 13.79
CA SER E 132 -40.75 -39.87 14.52
C SER E 132 -40.70 -38.44 14.00
N TRP E 133 -41.78 -37.70 14.24
CA TRP E 133 -41.93 -36.33 13.77
C TRP E 133 -42.05 -35.36 14.93
N THR E 134 -41.81 -34.08 14.63
CA THR E 134 -42.02 -32.99 15.58
C THR E 134 -42.89 -31.95 14.91
N ALA E 135 -44.01 -31.60 15.55
CA ALA E 135 -44.93 -30.61 15.05
C ALA E 135 -44.76 -29.31 15.84
N VAL E 136 -44.90 -28.18 15.14
CA VAL E 136 -44.71 -26.89 15.79
C VAL E 136 -45.98 -26.37 16.47
N ASP E 137 -47.16 -26.82 16.04
CA ASP E 137 -48.41 -26.35 16.61
C ASP E 137 -49.48 -27.42 16.37
N THR E 138 -50.74 -27.09 16.70
CA THR E 138 -51.82 -28.05 16.58
C THR E 138 -52.11 -28.41 15.13
N ALA E 139 -51.95 -27.45 14.20
CA ALA E 139 -52.16 -27.74 12.79
C ALA E 139 -51.18 -28.80 12.30
N ALA E 140 -49.89 -28.63 12.62
CA ALA E 140 -48.90 -29.63 12.24
C ALA E 140 -49.09 -30.94 12.97
N GLN E 141 -49.75 -30.94 14.13
CA GLN E 141 -50.06 -32.19 14.82
C GLN E 141 -51.06 -33.02 14.03
N ILE E 142 -51.95 -32.37 13.27
CA ILE E 142 -52.82 -33.11 12.36
C ILE E 142 -51.99 -33.74 11.24
N SER E 143 -51.02 -32.98 10.71
CA SER E 143 -50.12 -33.52 9.70
C SER E 143 -49.30 -34.68 10.26
N GLU E 144 -48.85 -34.57 11.50
CA GLU E 144 -48.14 -35.67 12.13
C GLU E 144 -49.03 -36.91 12.21
N GLN E 145 -50.32 -36.71 12.50
CA GLN E 145 -51.25 -37.85 12.57
C GLN E 145 -51.37 -38.55 11.21
N LYS E 146 -51.51 -37.76 10.14
CA LYS E 146 -51.56 -38.34 8.79
C LYS E 146 -50.31 -39.18 8.51
N SER E 147 -49.13 -38.62 8.81
CA SER E 147 -47.89 -39.35 8.58
C SER E 147 -47.86 -40.66 9.35
N ASN E 148 -48.35 -40.65 10.59
CA ASN E 148 -48.42 -41.88 11.37
C ASN E 148 -49.36 -42.88 10.71
N ASP E 149 -50.53 -42.44 10.26
CA ASP E 149 -51.48 -43.33 9.60
C ASP E 149 -50.86 -43.99 8.37
N ALA E 150 -49.99 -43.28 7.66
CA ALA E 150 -49.42 -43.74 6.41
C ALA E 150 -48.02 -44.31 6.56
N SER E 151 -47.51 -44.41 7.78
CA SER E 151 -46.12 -44.84 8.02
C SER E 151 -45.15 -44.01 7.21
N GLU E 152 -45.42 -42.70 7.13
CA GLU E 152 -44.64 -41.83 6.25
C GLU E 152 -43.20 -41.73 6.71
N ALA E 153 -42.95 -41.77 8.02
CA ALA E 153 -41.57 -41.74 8.51
C ALA E 153 -40.78 -42.94 8.00
N GLU E 154 -41.42 -44.11 7.95
CA GLU E 154 -40.76 -45.31 7.43
C GLU E 154 -40.47 -45.16 5.94
N HIS E 155 -41.39 -44.56 5.19
CA HIS E 155 -41.15 -44.36 3.76
C HIS E 155 -40.01 -43.37 3.53
N GLN E 156 -39.99 -42.28 4.30
CA GLN E 156 -38.93 -41.30 4.14
C GLN E 156 -37.59 -41.83 4.63
N ARG E 157 -37.57 -42.64 5.69
CA ARG E 157 -36.33 -43.27 6.11
C ARG E 157 -35.80 -44.21 5.04
N ALA E 158 -36.69 -44.96 4.38
CA ALA E 158 -36.26 -45.86 3.32
C ALA E 158 -35.61 -45.10 2.17
N TYR E 159 -36.17 -43.95 1.79
CA TYR E 159 -35.55 -43.13 0.76
C TYR E 159 -34.19 -42.58 1.23
N LEU E 160 -34.14 -42.06 2.46
CA LEU E 160 -32.94 -41.36 2.93
C LEU E 160 -31.78 -42.32 3.15
N GLU E 161 -32.03 -43.50 3.71
CA GLU E 161 -30.95 -44.43 4.02
C GLU E 161 -30.57 -45.32 2.86
N ASP E 162 -31.46 -45.51 1.88
CA ASP E 162 -31.20 -46.42 0.78
C ASP E 162 -31.12 -45.67 -0.55
N THR E 163 -32.23 -45.15 -1.06
CA THR E 163 -32.24 -44.52 -2.39
C THR E 163 -31.29 -43.33 -2.45
N CYS E 164 -31.36 -42.45 -1.45
CA CYS E 164 -30.52 -41.25 -1.45
C CYS E 164 -29.04 -41.62 -1.42
N VAL E 165 -28.67 -42.59 -0.58
CA VAL E 165 -27.27 -43.02 -0.49
C VAL E 165 -26.81 -43.64 -1.80
N GLU E 166 -27.65 -44.50 -2.39
CA GLU E 166 -27.26 -45.16 -3.63
C GLU E 166 -27.00 -44.16 -4.75
N TRP E 167 -27.89 -43.17 -4.88
CA TRP E 167 -27.75 -42.21 -5.97
C TRP E 167 -26.68 -41.16 -5.69
N LEU E 168 -26.41 -40.86 -4.41
CA LEU E 168 -25.28 -40.00 -4.11
C LEU E 168 -23.97 -40.66 -4.54
N HIS E 169 -23.85 -41.98 -4.34
CA HIS E 169 -22.67 -42.68 -4.81
C HIS E 169 -22.53 -42.56 -6.32
N LYS E 170 -23.65 -42.69 -7.04
CA LYS E 170 -23.61 -42.57 -8.50
C LYS E 170 -23.22 -41.16 -8.93
N TYR E 171 -23.85 -40.14 -8.35
CA TYR E 171 -23.53 -38.76 -8.71
C TYR E 171 -22.07 -38.44 -8.43
N LEU E 172 -21.58 -38.82 -7.25
CA LEU E 172 -20.19 -38.55 -6.89
C LEU E 172 -19.23 -39.22 -7.87
N GLU E 173 -19.59 -40.41 -8.36
CA GLU E 173 -18.73 -41.08 -9.34
C GLU E 173 -18.83 -40.40 -10.70
N LYS E 174 -20.03 -39.94 -11.06
CA LYS E 174 -20.22 -39.30 -12.37
C LYS E 174 -19.55 -37.93 -12.43
N GLY E 175 -19.59 -37.16 -11.34
CA GLY E 175 -18.95 -35.86 -11.32
C GLY E 175 -17.68 -35.81 -10.49
N LYS E 176 -16.96 -36.93 -10.46
CA LYS E 176 -15.81 -37.07 -9.56
C LYS E 176 -14.74 -36.02 -9.85
N GLU E 177 -14.51 -35.69 -11.12
CA GLU E 177 -13.42 -34.79 -11.48
C GLU E 177 -13.64 -33.38 -10.94
N THR E 178 -14.87 -33.01 -10.63
CA THR E 178 -15.17 -31.71 -10.04
C THR E 178 -15.78 -31.81 -8.64
N LEU E 179 -16.65 -32.80 -8.40
CA LEU E 179 -17.29 -32.91 -7.09
C LEU E 179 -16.30 -33.31 -5.99
N LEU E 180 -15.32 -34.15 -6.32
CA LEU E 180 -14.34 -34.61 -5.35
C LEU E 180 -13.03 -33.83 -5.44
N HIS E 181 -13.05 -32.70 -6.13
CA HIS E 181 -11.86 -31.89 -6.36
C HIS E 181 -11.87 -30.72 -5.38
N LEU E 182 -10.86 -30.66 -4.52
CA LEU E 182 -10.76 -29.56 -3.56
C LEU E 182 -10.04 -28.39 -4.23
N GLU E 183 -10.67 -27.23 -4.20
CA GLU E 183 -10.13 -26.04 -4.83
C GLU E 183 -9.72 -25.05 -3.75
N PRO E 184 -8.43 -24.82 -3.54
CA PRO E 184 -8.00 -23.96 -2.44
C PRO E 184 -8.23 -22.50 -2.76
N PRO E 185 -8.36 -21.65 -1.74
CA PRO E 185 -8.53 -20.22 -2.00
C PRO E 185 -7.23 -19.58 -2.47
N LYS E 186 -7.35 -18.67 -3.44
CA LYS E 186 -6.27 -17.74 -3.76
C LYS E 186 -6.46 -16.48 -2.91
N THR E 187 -5.41 -16.08 -2.20
CA THR E 187 -5.51 -15.09 -1.14
C THR E 187 -4.54 -13.93 -1.37
N HIS E 188 -4.98 -12.74 -0.96
CA HIS E 188 -4.13 -11.54 -0.94
C HIS E 188 -4.80 -10.49 -0.06
N VAL E 189 -4.02 -9.46 0.31
CA VAL E 189 -4.48 -8.35 1.14
C VAL E 189 -4.34 -7.05 0.37
N THR E 190 -5.40 -6.23 0.41
CA THR E 190 -5.40 -4.90 -0.15
C THR E 190 -5.41 -3.85 0.96
N HIS E 191 -4.95 -2.66 0.63
CA HIS E 191 -4.72 -1.60 1.61
C HIS E 191 -5.44 -0.34 1.14
N HIS E 192 -6.32 0.20 1.98
CA HIS E 192 -7.13 1.36 1.65
C HIS E 192 -7.07 2.36 2.80
N PRO E 193 -6.29 3.43 2.67
CA PRO E 193 -6.25 4.44 3.75
C PRO E 193 -7.60 5.09 3.95
N ILE E 194 -8.06 5.11 5.19
CA ILE E 194 -9.29 5.82 5.56
C ILE E 194 -9.00 7.28 5.87
N SER E 195 -7.93 7.55 6.59
CA SER E 195 -7.54 8.90 6.96
C SER E 195 -6.02 8.94 7.09
N ASP E 196 -5.50 10.00 7.68
CA ASP E 196 -4.05 10.11 7.85
C ASP E 196 -3.52 9.14 8.89
N HIS E 197 -4.38 8.64 9.79
CA HIS E 197 -3.94 7.81 10.89
C HIS E 197 -4.47 6.38 10.85
N GLU E 198 -5.36 6.05 9.91
CA GLU E 198 -5.92 4.71 9.85
C GLU E 198 -6.03 4.27 8.40
N ALA E 199 -6.08 2.95 8.22
CA ALA E 199 -6.21 2.33 6.91
C ALA E 199 -6.95 1.00 7.07
N THR E 200 -7.57 0.56 5.98
CA THR E 200 -8.27 -0.72 5.94
C THR E 200 -7.40 -1.78 5.29
N LEU E 201 -7.27 -2.92 5.95
CA LEU E 201 -6.67 -4.12 5.38
C LEU E 201 -7.79 -5.11 5.09
N ARG E 202 -7.92 -5.49 3.82
CA ARG E 202 -8.95 -6.44 3.40
C ARG E 202 -8.27 -7.71 2.92
N CYS E 203 -8.58 -8.82 3.59
CA CYS E 203 -8.00 -10.12 3.26
C CYS E 203 -8.96 -10.88 2.36
N TRP E 204 -8.51 -11.20 1.15
CA TRP E 204 -9.34 -11.82 0.14
C TRP E 204 -9.09 -13.31 0.05
N ALA E 205 -10.16 -14.08 -0.14
CA ALA E 205 -10.09 -15.50 -0.45
C ALA E 205 -10.98 -15.73 -1.65
N LEU E 206 -10.37 -16.13 -2.77
CA LEU E 206 -11.07 -16.17 -4.05
C LEU E 206 -10.98 -17.55 -4.68
N GLY E 207 -12.07 -17.98 -5.31
CA GLY E 207 -12.06 -19.16 -6.15
C GLY E 207 -11.89 -20.49 -5.46
N PHE E 208 -12.45 -20.65 -4.26
CA PHE E 208 -12.31 -21.89 -3.51
C PHE E 208 -13.61 -22.71 -3.57
N TYR E 209 -13.45 -24.03 -3.39
CA TYR E 209 -14.55 -24.96 -3.30
C TYR E 209 -14.07 -26.12 -2.44
N PRO E 210 -14.89 -26.59 -1.47
CA PRO E 210 -16.25 -26.15 -1.20
C PRO E 210 -16.33 -24.80 -0.48
N ALA E 211 -17.56 -24.39 -0.13
CA ALA E 211 -17.79 -23.05 0.38
C ALA E 211 -17.30 -22.85 1.81
N GLU E 212 -17.17 -23.92 2.59
CA GLU E 212 -16.75 -23.78 3.98
C GLU E 212 -15.33 -23.20 4.07
N ILE E 213 -15.19 -22.16 4.88
CA ILE E 213 -13.92 -21.46 5.03
C ILE E 213 -13.97 -20.63 6.31
N THR E 214 -12.80 -20.32 6.86
CA THR E 214 -12.68 -19.45 8.03
C THR E 214 -11.60 -18.40 7.77
N LEU E 215 -11.97 -17.14 7.95
CA LEU E 215 -11.04 -16.03 7.81
C LEU E 215 -10.96 -15.28 9.13
N THR E 216 -9.75 -15.12 9.65
CA THR E 216 -9.53 -14.44 10.92
C THR E 216 -8.33 -13.50 10.80
N TRP E 217 -8.48 -12.31 11.38
CA TRP E 217 -7.39 -11.35 11.50
C TRP E 217 -6.81 -11.43 12.91
N GLN E 218 -5.48 -11.45 12.99
CA GLN E 218 -4.77 -11.48 14.27
C GLN E 218 -3.92 -10.22 14.42
N GLN E 219 -3.95 -9.63 15.59
CA GLN E 219 -3.09 -8.49 15.93
C GLN E 219 -2.04 -8.97 16.92
N ASP E 220 -0.78 -8.95 16.48
CA ASP E 220 0.39 -9.28 17.28
C ASP E 220 0.41 -10.73 17.75
N GLY E 221 -0.35 -11.61 17.10
CA GLY E 221 -0.26 -13.04 17.33
C GLY E 221 -1.58 -13.62 17.86
N GLU E 222 -1.44 -14.53 18.83
CA GLU E 222 -2.58 -15.28 19.33
C GLU E 222 -3.64 -14.34 19.90
N GLY E 223 -4.89 -14.59 19.53
CA GLY E 223 -5.97 -13.68 19.85
C GLY E 223 -6.43 -12.93 18.63
N HIS E 224 -7.55 -13.35 18.05
CA HIS E 224 -8.05 -12.77 16.81
C HIS E 224 -8.94 -11.56 17.12
N THR E 225 -8.71 -10.47 16.38
CA THR E 225 -9.51 -9.27 16.53
C THR E 225 -10.89 -9.47 15.91
N GLN E 226 -11.89 -8.83 16.50
CA GLN E 226 -13.28 -9.00 16.08
C GLN E 226 -14.00 -7.66 15.97
N THR E 228 -13.55 -6.91 13.03
CA THR E 228 -13.39 -7.37 11.65
C THR E 228 -14.76 -7.48 10.97
N GLU E 229 -14.89 -6.86 9.81
CA GLU E 229 -16.11 -6.99 9.02
C GLU E 229 -15.97 -8.17 8.08
N LEU E 230 -16.88 -9.13 8.21
CA LEU E 230 -16.93 -10.31 7.35
C LEU E 230 -18.15 -10.22 6.46
N VAL E 231 -17.96 -10.55 5.20
CA VAL E 231 -19.10 -10.69 4.29
C VAL E 231 -19.43 -12.17 4.19
N GLU E 232 -20.71 -12.45 3.99
CA GLU E 232 -21.14 -13.82 3.80
C GLU E 232 -20.47 -14.42 2.58
N THR E 233 -20.11 -15.71 2.68
CA THR E 233 -19.53 -16.40 1.54
C THR E 233 -20.45 -16.31 0.34
N ARG E 234 -19.88 -15.96 -0.80
CA ARG E 234 -20.68 -15.63 -1.98
C ARG E 234 -20.16 -16.38 -3.19
N PRO E 235 -21.06 -16.80 -4.10
CA PRO E 235 -20.63 -17.52 -5.29
C PRO E 235 -20.03 -16.60 -6.34
N ALA E 236 -18.93 -17.06 -6.95
CA ALA E 236 -18.32 -16.30 -8.03
C ALA E 236 -19.11 -16.43 -9.32
N GLY E 237 -19.90 -17.49 -9.47
CA GLY E 237 -20.65 -17.74 -10.70
C GLY E 237 -20.10 -18.85 -11.55
N ASP E 238 -18.92 -19.38 -11.23
CA ASP E 238 -18.30 -20.44 -12.01
C ASP E 238 -18.17 -21.74 -11.24
N GLY E 239 -18.89 -21.88 -10.13
CA GLY E 239 -18.81 -23.04 -9.28
C GLY E 239 -17.97 -22.86 -8.02
N THR E 240 -17.15 -21.82 -7.95
CA THR E 240 -16.35 -21.56 -6.77
C THR E 240 -16.94 -20.38 -5.99
N PHE E 241 -16.33 -20.07 -4.86
CA PHE E 241 -16.87 -19.11 -3.91
C PHE E 241 -15.82 -18.06 -3.56
N GLN E 242 -16.29 -16.99 -2.92
CA GLN E 242 -15.46 -15.86 -2.52
C GLN E 242 -15.80 -15.44 -1.10
N LYS E 243 -14.86 -14.76 -0.45
CA LYS E 243 -15.08 -14.18 0.87
C LYS E 243 -13.96 -13.19 1.17
N TRP E 244 -14.26 -12.19 1.99
CA TRP E 244 -13.19 -11.32 2.49
C TRP E 244 -13.50 -10.85 3.90
N ALA E 245 -12.45 -10.46 4.60
CA ALA E 245 -12.51 -9.93 5.96
C ALA E 245 -11.64 -8.69 6.04
N ALA E 246 -12.19 -7.61 6.58
CA ALA E 246 -11.49 -6.34 6.63
C ALA E 246 -11.33 -5.89 8.08
N VAL E 247 -10.28 -5.12 8.32
CA VAL E 247 -10.01 -4.57 9.65
C VAL E 247 -9.41 -3.18 9.47
N VAL E 248 -9.73 -2.28 10.39
CA VAL E 248 -9.23 -0.91 10.36
C VAL E 248 -8.06 -0.82 11.33
N VAL E 249 -6.90 -0.47 10.82
CA VAL E 249 -5.66 -0.50 11.61
C VAL E 249 -5.04 0.89 11.56
N PRO E 250 -4.24 1.23 12.57
CA PRO E 250 -3.51 2.50 12.51
C PRO E 250 -2.47 2.50 11.42
N SER E 251 -2.42 3.61 10.68
CA SER E 251 -1.44 3.74 9.59
C SER E 251 -0.02 3.66 10.14
N GLY E 252 0.79 2.80 9.53
CA GLY E 252 2.14 2.54 10.00
C GLY E 252 2.27 1.29 10.85
N GLU E 253 1.13 0.74 11.30
CA GLU E 253 1.10 -0.47 12.12
C GLU E 253 0.59 -1.68 11.35
N GLU E 254 0.53 -1.58 10.02
CA GLU E 254 -0.08 -2.63 9.20
C GLU E 254 0.65 -3.96 9.36
N GLN E 255 1.98 -3.92 9.51
CA GLN E 255 2.75 -5.16 9.59
C GLN E 255 2.45 -5.98 10.84
N ARG E 256 1.74 -5.42 11.81
CA ARG E 256 1.42 -6.13 13.04
C ARG E 256 0.13 -6.95 12.93
N TYR E 257 -0.46 -7.04 11.74
CA TYR E 257 -1.73 -7.72 11.54
C TYR E 257 -1.51 -8.84 10.53
N THR E 258 -2.00 -10.04 10.87
CA THR E 258 -1.88 -11.21 9.99
C THR E 258 -3.25 -11.82 9.76
N CYS E 259 -3.52 -12.17 8.50
CA CYS E 259 -4.76 -12.85 8.13
C CYS E 259 -4.52 -14.36 8.10
N HIS E 260 -5.45 -15.11 8.66
CA HIS E 260 -5.38 -16.56 8.70
C HIS E 260 -6.52 -17.15 7.86
N VAL E 261 -6.18 -18.12 7.01
CA VAL E 261 -7.14 -18.71 6.07
C VAL E 261 -7.15 -20.22 6.30
N GLN E 262 -8.33 -20.76 6.61
CA GLN E 262 -8.51 -22.19 6.83
C GLN E 262 -9.48 -22.74 5.80
N HIS E 263 -9.07 -23.79 5.09
CA HIS E 263 -9.90 -24.38 4.06
C HIS E 263 -9.45 -25.81 3.81
N GLU E 264 -10.40 -26.66 3.43
CA GLU E 264 -10.10 -28.08 3.25
C GLU E 264 -9.09 -28.32 2.14
N GLY E 265 -9.01 -27.42 1.16
CA GLY E 265 -8.04 -27.55 0.09
C GLY E 265 -6.62 -27.15 0.42
N LEU E 266 -6.39 -26.59 1.60
CA LEU E 266 -5.06 -26.19 2.02
C LEU E 266 -4.43 -27.28 2.87
N PRO E 267 -3.21 -27.74 2.54
CA PRO E 267 -2.57 -28.76 3.37
C PRO E 267 -2.35 -28.31 4.80
N GLU E 268 -2.11 -27.02 5.00
CA GLU E 268 -2.05 -26.40 6.31
C GLU E 268 -2.60 -24.99 6.18
N PRO E 269 -3.06 -24.38 7.29
CA PRO E 269 -3.61 -23.03 7.20
C PRO E 269 -2.60 -22.04 6.65
N VAL E 270 -3.13 -21.02 5.97
CA VAL E 270 -2.31 -20.01 5.32
C VAL E 270 -2.37 -18.72 6.12
N THR E 271 -1.22 -18.09 6.31
CA THR E 271 -1.12 -16.78 6.94
C THR E 271 -0.40 -15.82 6.01
N LEU E 272 -0.91 -14.60 5.91
CA LEU E 272 -0.28 -13.59 5.06
C LEU E 272 -0.48 -12.21 5.66
N ARG E 273 0.46 -11.31 5.35
CA ARG E 273 0.39 -9.92 5.77
C ARG E 273 0.51 -9.02 4.56
N TRP E 274 0.06 -7.78 4.72
CA TRP E 274 0.20 -6.76 3.69
C TRP E 274 1.65 -6.31 3.62
N MET F 1 -47.16 -14.48 9.70
CA MET F 1 -46.25 -14.61 8.56
C MET F 1 -44.99 -13.79 8.76
N ILE F 2 -43.84 -14.44 8.68
CA ILE F 2 -42.56 -13.75 8.79
C ILE F 2 -42.07 -13.38 7.40
N GLN F 3 -41.41 -12.24 7.30
CA GLN F 3 -40.73 -11.80 6.09
C GLN F 3 -39.31 -11.42 6.47
N ARG F 4 -38.41 -11.46 5.48
CA ARG F 4 -37.01 -11.16 5.75
C ARG F 4 -36.46 -10.27 4.63
N THR F 5 -35.71 -9.25 5.02
CA THR F 5 -35.14 -8.34 4.03
C THR F 5 -33.95 -9.00 3.33
N PRO F 6 -33.73 -8.71 2.06
CA PRO F 6 -32.61 -9.33 1.34
C PRO F 6 -31.27 -8.70 1.72
N LYS F 7 -30.24 -9.53 1.81
CA LYS F 7 -28.88 -9.05 1.84
C LYS F 7 -28.36 -8.93 0.42
N ILE F 8 -27.53 -7.92 0.18
CA ILE F 8 -27.14 -7.55 -1.17
C ILE F 8 -25.62 -7.38 -1.23
N GLN F 9 -24.98 -8.14 -2.10
CA GLN F 9 -23.56 -8.00 -2.40
C GLN F 9 -23.40 -7.84 -3.91
N VAL F 10 -22.68 -6.81 -4.31
CA VAL F 10 -22.33 -6.59 -5.72
C VAL F 10 -20.82 -6.72 -5.84
N TYR F 11 -20.36 -7.46 -6.84
CA TYR F 11 -18.96 -7.83 -6.96
C TYR F 11 -18.74 -8.44 -8.34
N SER F 12 -17.47 -8.62 -8.68
CA SER F 12 -17.07 -9.21 -9.95
C SER F 12 -16.60 -10.64 -9.73
N ARG F 13 -16.78 -11.49 -10.75
CA ARG F 13 -16.32 -12.87 -10.66
C ARG F 13 -14.82 -12.94 -10.49
N HIS F 14 -14.08 -12.13 -11.24
CA HIS F 14 -12.63 -12.05 -11.18
C HIS F 14 -12.21 -10.67 -10.69
N PRO F 15 -10.97 -10.52 -10.24
CA PRO F 15 -10.46 -9.17 -9.95
C PRO F 15 -10.65 -8.25 -11.16
N ALA F 16 -11.21 -7.07 -10.90
CA ALA F 16 -11.57 -6.16 -11.98
C ALA F 16 -10.33 -5.59 -12.64
N GLU F 17 -10.27 -5.71 -13.97
CA GLU F 17 -9.23 -5.08 -14.77
C GLU F 17 -9.90 -4.35 -15.92
N ASN F 18 -9.70 -3.04 -16.00
CA ASN F 18 -10.34 -2.24 -17.02
C ASN F 18 -9.93 -2.73 -18.41
N GLY F 19 -10.93 -2.92 -19.27
CA GLY F 19 -10.70 -3.44 -20.61
C GLY F 19 -10.81 -4.94 -20.75
N LYS F 20 -10.81 -5.69 -19.66
CA LYS F 20 -10.85 -7.15 -19.70
C LYS F 20 -12.25 -7.63 -19.37
N SER F 21 -12.77 -8.54 -20.21
CA SER F 21 -14.12 -9.06 -20.02
C SER F 21 -14.22 -9.83 -18.70
N ASN F 22 -15.40 -9.74 -18.08
CA ASN F 22 -15.58 -10.25 -16.72
C ASN F 22 -17.06 -10.57 -16.54
N PHE F 23 -17.45 -10.81 -15.28
CA PHE F 23 -18.84 -11.06 -14.92
C PHE F 23 -19.21 -10.21 -13.70
N LEU F 24 -20.27 -9.42 -13.83
CA LEU F 24 -20.78 -8.59 -12.75
C LEU F 24 -21.86 -9.36 -12.00
N ASN F 25 -21.71 -9.48 -10.69
CA ASN F 25 -22.60 -10.30 -9.86
C ASN F 25 -23.40 -9.42 -8.90
N CYS F 26 -24.66 -9.78 -8.70
CA CYS F 26 -25.48 -9.27 -7.61
C CYS F 26 -26.06 -10.47 -6.87
N TYR F 27 -25.61 -10.66 -5.63
CA TYR F 27 -26.00 -11.81 -4.82
C TYR F 27 -27.00 -11.35 -3.78
N VAL F 28 -28.25 -11.81 -3.89
CA VAL F 28 -29.31 -11.46 -2.97
C VAL F 28 -29.69 -12.70 -2.18
N SER F 29 -29.72 -12.58 -0.85
CA SER F 29 -29.89 -13.75 0.01
C SER F 29 -30.61 -13.33 1.28
N GLY F 30 -31.03 -14.33 2.04
CA GLY F 30 -31.66 -14.09 3.32
C GLY F 30 -33.03 -13.48 3.28
N PHE F 31 -33.67 -13.40 2.10
CA PHE F 31 -34.96 -12.76 1.97
C PHE F 31 -36.10 -13.78 1.97
N HIS F 32 -37.29 -13.29 2.28
CA HIS F 32 -38.52 -14.07 2.32
C HIS F 32 -39.69 -13.12 2.29
N PRO F 33 -40.72 -13.34 1.45
CA PRO F 33 -40.92 -14.45 0.52
C PRO F 33 -40.01 -14.41 -0.71
N SER F 34 -40.21 -15.36 -1.63
CA SER F 34 -39.32 -15.56 -2.76
C SER F 34 -39.45 -14.50 -3.85
N ASP F 35 -40.62 -13.85 -3.96
CA ASP F 35 -40.82 -12.85 -5.01
C ASP F 35 -39.86 -11.68 -4.82
N ILE F 36 -39.09 -11.37 -5.86
CA ILE F 36 -38.07 -10.33 -5.77
C ILE F 36 -37.79 -9.81 -7.18
N GLU F 37 -37.46 -8.52 -7.26
CA GLU F 37 -37.10 -7.89 -8.53
C GLU F 37 -35.67 -7.39 -8.43
N VAL F 38 -34.83 -7.83 -9.36
CA VAL F 38 -33.42 -7.49 -9.36
C VAL F 38 -33.03 -7.06 -10.77
N ASP F 39 -32.31 -5.94 -10.86
CA ASP F 39 -31.82 -5.42 -12.13
C ASP F 39 -30.38 -4.96 -11.95
N LEU F 40 -29.56 -5.22 -12.97
CA LEU F 40 -28.21 -4.70 -13.04
C LEU F 40 -28.21 -3.44 -13.90
N LEU F 41 -27.55 -2.39 -13.42
CA LEU F 41 -27.61 -1.08 -14.05
C LEU F 41 -26.21 -0.63 -14.48
N LYS F 42 -26.13 -0.07 -15.68
CA LYS F 42 -24.92 0.56 -16.19
C LYS F 42 -25.23 2.02 -16.42
N ASN F 43 -24.70 2.89 -15.54
CA ASN F 43 -24.98 4.32 -15.57
C ASN F 43 -26.46 4.60 -15.48
N GLY F 44 -27.16 3.84 -14.63
CA GLY F 44 -28.58 4.03 -14.38
C GLY F 44 -29.51 3.31 -15.31
N GLU F 45 -29.00 2.61 -16.33
CA GLU F 45 -29.84 1.97 -17.33
C GLU F 45 -29.68 0.45 -17.28
N ARG F 46 -30.79 -0.24 -17.58
CA ARG F 46 -30.83 -1.69 -17.47
C ARG F 46 -29.87 -2.33 -18.45
N ILE F 47 -29.16 -3.37 -17.98
CA ILE F 47 -28.15 -4.07 -18.76
C ILE F 47 -28.81 -5.23 -19.50
N GLU F 48 -28.37 -5.46 -20.73
CA GLU F 48 -28.89 -6.57 -21.52
C GLU F 48 -28.34 -7.90 -21.00
N LYS F 49 -29.11 -8.96 -21.24
CA LYS F 49 -28.69 -10.34 -20.98
C LYS F 49 -28.28 -10.55 -19.52
N VAL F 50 -29.17 -10.17 -18.61
CA VAL F 50 -28.98 -10.46 -17.19
C VAL F 50 -29.62 -11.82 -16.90
N GLU F 51 -28.80 -12.76 -16.46
CA GLU F 51 -29.27 -14.09 -16.09
C GLU F 51 -29.32 -14.21 -14.56
N HIS F 52 -30.00 -15.25 -14.10
CA HIS F 52 -30.08 -15.49 -12.66
C HIS F 52 -30.18 -16.99 -12.40
N SER F 53 -29.64 -17.40 -11.25
CA SER F 53 -29.60 -18.81 -10.88
C SER F 53 -30.99 -19.30 -10.49
N ASP F 54 -31.09 -20.62 -10.32
CA ASP F 54 -32.36 -21.24 -9.94
C ASP F 54 -32.63 -21.02 -8.46
N LEU F 55 -33.90 -20.79 -8.15
CA LEU F 55 -34.31 -20.49 -6.78
C LEU F 55 -33.95 -21.62 -5.83
N SER F 56 -33.30 -21.26 -4.71
CA SER F 56 -32.95 -22.20 -3.66
C SER F 56 -33.11 -21.46 -2.33
N PHE F 57 -32.93 -22.18 -1.22
CA PHE F 57 -33.05 -21.56 0.09
C PHE F 57 -32.12 -22.23 1.09
N SER F 58 -31.94 -21.56 2.22
CA SER F 58 -30.98 -21.95 3.25
C SER F 58 -31.67 -22.72 4.37
N LYS F 59 -30.88 -23.09 5.38
CA LYS F 59 -31.38 -23.88 6.50
C LYS F 59 -32.45 -23.12 7.30
N ASP F 60 -32.40 -21.79 7.28
CA ASP F 60 -33.39 -20.98 7.97
C ASP F 60 -34.59 -20.65 7.10
N TRP F 61 -34.67 -21.24 5.90
CA TRP F 61 -35.74 -21.14 4.91
C TRP F 61 -35.67 -19.88 4.07
N SER F 62 -34.71 -18.99 4.31
CA SER F 62 -34.57 -17.78 3.51
C SER F 62 -33.97 -18.11 2.15
N PHE F 63 -34.44 -17.42 1.13
CA PHE F 63 -34.05 -17.69 -0.24
C PHE F 63 -32.76 -16.95 -0.60
N TYR F 64 -32.14 -17.39 -1.70
CA TYR F 64 -30.99 -16.69 -2.26
C TYR F 64 -30.97 -16.88 -3.77
N LEU F 65 -30.53 -15.84 -4.47
CA LEU F 65 -30.42 -15.85 -5.92
C LEU F 65 -29.16 -15.09 -6.33
N LEU F 66 -28.54 -15.54 -7.43
CA LEU F 66 -27.39 -14.88 -8.01
C LEU F 66 -27.78 -14.35 -9.38
N TYR F 67 -27.78 -13.03 -9.53
CA TYR F 67 -27.98 -12.38 -10.82
C TYR F 67 -26.63 -11.98 -11.37
N TYR F 68 -26.45 -12.14 -12.68
CA TYR F 68 -25.13 -11.89 -13.26
C TYR F 68 -25.26 -11.56 -14.73
N THR F 69 -24.21 -10.92 -15.25
CA THR F 69 -24.14 -10.54 -16.65
C THR F 69 -22.67 -10.37 -17.02
N GLU F 70 -22.36 -10.60 -18.29
CA GLU F 70 -21.02 -10.28 -18.79
C GLU F 70 -20.87 -8.76 -18.89
N PHE F 71 -19.68 -8.28 -18.57
CA PHE F 71 -19.39 -6.86 -18.72
C PHE F 71 -17.88 -6.69 -18.82
N THR F 72 -17.49 -5.48 -19.22
CA THR F 72 -16.08 -5.08 -19.22
C THR F 72 -15.94 -3.84 -18.37
N PRO F 73 -15.33 -3.93 -17.19
CA PRO F 73 -15.18 -2.74 -16.35
C PRO F 73 -14.31 -1.70 -17.05
N THR F 74 -14.70 -0.44 -16.90
CA THR F 74 -13.91 0.68 -17.42
C THR F 74 -13.71 1.69 -16.30
N GLU F 75 -12.99 2.76 -16.63
CA GLU F 75 -12.63 3.75 -15.61
C GLU F 75 -13.83 4.59 -15.19
N LYS F 76 -14.77 4.85 -16.09
CA LYS F 76 -15.84 5.81 -15.82
C LYS F 76 -17.23 5.27 -16.09
N ASP F 77 -17.40 3.94 -16.08
CA ASP F 77 -18.73 3.33 -16.18
C ASP F 77 -19.17 2.92 -14.78
N GLU F 78 -20.35 3.40 -14.37
CA GLU F 78 -20.87 3.13 -13.04
C GLU F 78 -21.84 1.95 -13.10
N TYR F 79 -21.58 0.93 -12.29
CA TYR F 79 -22.42 -0.26 -12.23
C TYR F 79 -23.08 -0.36 -10.87
N ALA F 80 -24.27 -0.96 -10.85
CA ALA F 80 -25.07 -1.01 -9.64
C ALA F 80 -26.11 -2.11 -9.75
N CYS F 81 -26.64 -2.50 -8.60
CA CYS F 81 -27.74 -3.44 -8.49
C CYS F 81 -28.93 -2.73 -7.87
N ARG F 82 -30.12 -2.97 -8.41
CA ARG F 82 -31.36 -2.42 -7.88
C ARG F 82 -32.28 -3.58 -7.50
N VAL F 83 -32.68 -3.63 -6.24
CA VAL F 83 -33.45 -4.74 -5.68
C VAL F 83 -34.75 -4.19 -5.11
N ASN F 84 -35.87 -4.84 -5.44
CA ASN F 84 -37.16 -4.51 -4.88
C ASN F 84 -37.76 -5.76 -4.26
N HIS F 85 -38.45 -5.58 -3.13
CA HIS F 85 -38.98 -6.67 -2.35
C HIS F 85 -40.10 -6.10 -1.49
N VAL F 86 -40.98 -6.98 -1.01
CA VAL F 86 -42.11 -6.52 -0.20
C VAL F 86 -41.61 -5.89 1.09
N THR F 87 -40.46 -6.33 1.60
CA THR F 87 -39.93 -5.81 2.85
C THR F 87 -39.32 -4.42 2.71
N LEU F 88 -39.13 -3.93 1.49
CA LEU F 88 -38.48 -2.64 1.25
C LEU F 88 -39.52 -1.57 1.00
N SER F 89 -39.42 -0.46 1.75
CA SER F 89 -40.28 0.69 1.50
C SER F 89 -40.00 1.33 0.15
N GLN F 90 -38.82 1.10 -0.41
CA GLN F 90 -38.43 1.63 -1.71
C GLN F 90 -37.34 0.75 -2.27
N PRO F 91 -37.15 0.73 -3.60
CA PRO F 91 -36.10 -0.12 -4.17
C PRO F 91 -34.73 0.27 -3.64
N LYS F 92 -33.89 -0.75 -3.42
CA LYS F 92 -32.57 -0.57 -2.83
C LYS F 92 -31.51 -0.63 -3.91
N ILE F 93 -30.64 0.37 -3.95
CA ILE F 93 -29.60 0.50 -4.97
C ILE F 93 -28.25 0.34 -4.28
N VAL F 94 -27.45 -0.61 -4.75
CA VAL F 94 -26.11 -0.86 -4.25
C VAL F 94 -25.15 -0.74 -5.42
N LYS F 95 -24.30 0.29 -5.40
CA LYS F 95 -23.29 0.46 -6.44
C LYS F 95 -22.21 -0.61 -6.32
N TRP F 96 -21.58 -0.91 -7.44
CA TRP F 96 -20.45 -1.83 -7.43
C TRP F 96 -19.18 -1.10 -6.99
N ASP F 97 -18.42 -1.77 -6.14
CA ASP F 97 -17.10 -1.30 -5.72
C ASP F 97 -16.10 -2.42 -6.01
N ARG F 98 -15.17 -2.16 -6.92
CA ARG F 98 -14.17 -3.16 -7.28
C ARG F 98 -13.25 -3.51 -6.13
N ASP F 99 -13.25 -2.72 -5.05
CA ASP F 99 -12.48 -3.03 -3.85
C ASP F 99 -13.28 -3.84 -2.84
N MET F 100 -14.48 -4.27 -3.18
CA MET F 100 -15.33 -5.03 -2.25
C MET F 100 -16.09 -6.15 -2.97
N GLY G 1 7.08 4.31 48.32
CA GLY G 1 6.33 5.54 48.46
C GLY G 1 4.88 5.43 47.99
N SER G 2 4.17 6.56 48.00
CA SER G 2 2.79 6.58 47.56
C SER G 2 2.70 6.68 46.05
N HIS G 3 1.59 6.17 45.50
CA HIS G 3 1.36 6.21 44.06
C HIS G 3 -0.12 6.46 43.79
N SER G 4 -0.42 6.98 42.59
CA SER G 4 -1.78 7.31 42.22
C SER G 4 -2.02 7.00 40.75
N LEU G 5 -3.24 6.56 40.45
CA LEU G 5 -3.73 6.37 39.09
C LEU G 5 -4.91 7.31 38.88
N LYS G 6 -4.79 8.22 37.90
CA LYS G 6 -5.74 9.32 37.73
C LYS G 6 -6.12 9.44 36.27
N TYR G 7 -7.41 9.72 36.02
CA TYR G 7 -7.90 10.04 34.68
C TYR G 7 -8.58 11.40 34.69
N PHE G 8 -8.43 12.12 33.58
CA PHE G 8 -9.02 13.44 33.39
C PHE G 8 -9.77 13.43 32.07
N HIS G 9 -11.08 13.66 32.12
CA HIS G 9 -11.94 13.62 30.94
C HIS G 9 -12.52 15.01 30.70
N THR G 10 -12.44 15.48 29.45
CA THR G 10 -12.95 16.79 29.08
C THR G 10 -13.86 16.67 27.86
N SER G 11 -15.06 17.25 27.98
CA SER G 11 -16.02 17.30 26.88
C SER G 11 -16.49 18.74 26.69
N VAL G 12 -16.38 19.24 25.46
CA VAL G 12 -16.72 20.61 25.12
C VAL G 12 -17.68 20.57 23.93
N SER G 13 -18.86 21.13 24.10
CA SER G 13 -19.83 21.13 23.01
C SER G 13 -19.44 22.15 21.95
N ARG G 14 -19.73 21.80 20.69
CA ARG G 14 -19.46 22.65 19.53
C ARG G 14 -20.81 22.92 18.87
N PRO G 15 -21.59 23.87 19.39
CA PRO G 15 -23.03 23.91 19.12
C PRO G 15 -23.42 24.01 17.66
N GLY G 16 -22.50 24.31 16.75
CA GLY G 16 -22.87 24.43 15.36
C GLY G 16 -22.09 23.51 14.44
N ARG G 17 -21.00 22.93 14.95
CA ARG G 17 -20.17 22.08 14.11
C ARG G 17 -20.14 20.64 14.61
N GLY G 18 -21.31 20.09 14.95
CA GLY G 18 -21.42 18.68 15.25
C GLY G 18 -21.27 18.30 16.71
N GLU G 19 -20.85 17.06 16.96
CA GLU G 19 -20.81 16.50 18.30
C GLU G 19 -19.74 17.20 19.15
N PRO G 20 -19.86 17.11 20.48
CA PRO G 20 -18.84 17.71 21.34
C PRO G 20 -17.47 17.08 21.15
N ARG G 21 -16.44 17.90 21.37
CA ARG G 21 -15.06 17.42 21.43
C ARG G 21 -14.81 16.74 22.77
N PHE G 22 -14.20 15.55 22.72
CA PHE G 22 -13.94 14.79 23.93
C PHE G 22 -12.48 14.35 23.95
N ILE G 23 -11.81 14.65 25.05
CA ILE G 23 -10.40 14.30 25.24
C ILE G 23 -10.23 13.76 26.65
N SER G 24 -9.54 12.62 26.78
CA SER G 24 -9.24 12.07 28.10
C SER G 24 -7.78 11.61 28.14
N VAL G 25 -7.16 11.74 29.31
CA VAL G 25 -5.79 11.33 29.54
C VAL G 25 -5.69 10.61 30.88
N GLY G 26 -4.76 9.68 30.97
CA GLY G 26 -4.48 8.96 32.20
C GLY G 26 -3.06 9.23 32.67
N TYR G 27 -2.90 9.32 33.99
CA TYR G 27 -1.60 9.54 34.61
C TYR G 27 -1.34 8.47 35.66
N VAL G 28 -0.11 7.97 35.70
CA VAL G 28 0.42 7.27 36.86
C VAL G 28 1.44 8.20 37.50
N ASP G 29 1.14 8.64 38.73
CA ASP G 29 1.90 9.69 39.40
C ASP G 29 1.96 10.92 38.49
N ASP G 30 3.16 11.35 38.09
CA ASP G 30 3.31 12.52 37.23
C ASP G 30 3.56 12.15 35.78
N THR G 31 3.24 10.93 35.37
CA THR G 31 3.54 10.44 34.03
C THR G 31 2.24 10.17 33.28
N GLN G 32 2.00 10.90 32.20
CA GLN G 32 0.88 10.57 31.33
C GLN G 32 1.19 9.27 30.61
N PHE G 33 0.21 8.39 30.53
CA PHE G 33 0.43 7.10 29.89
C PHE G 33 -0.61 6.70 28.85
N VAL G 34 -1.80 7.31 28.84
CA VAL G 34 -2.79 7.06 27.79
C VAL G 34 -3.47 8.37 27.42
N ARG G 35 -4.10 8.37 26.25
CA ARG G 35 -4.89 9.49 25.79
C ARG G 35 -6.00 8.98 24.87
N PHE G 36 -7.14 9.68 24.91
CA PHE G 36 -8.20 9.44 23.94
C PHE G 36 -8.70 10.78 23.45
N ASP G 37 -8.83 10.91 22.12
CA ASP G 37 -9.31 12.12 21.48
C ASP G 37 -10.27 11.69 20.38
N ASN G 38 -11.53 12.13 20.49
CA ASN G 38 -12.55 11.67 19.55
C ASN G 38 -12.53 12.45 18.23
N ASP G 39 -11.61 13.37 18.05
CA ASP G 39 -11.47 14.11 16.80
C ASP G 39 -10.64 13.30 15.80
N ALA G 40 -11.22 12.17 15.39
CA ALA G 40 -10.55 11.29 14.44
C ALA G 40 -11.53 10.25 13.92
N ALA G 41 -11.22 9.71 12.75
CA ALA G 41 -11.98 8.59 12.23
C ALA G 41 -11.68 7.38 13.09
N SER G 42 -12.72 6.80 13.67
CA SER G 42 -12.59 5.64 14.57
C SER G 42 -11.58 5.92 15.67
N PRO G 43 -11.92 6.75 16.65
CA PRO G 43 -10.95 7.11 17.70
C PRO G 43 -10.64 5.95 18.61
N ARG G 44 -9.40 5.88 19.07
CA ARG G 44 -8.93 4.80 19.92
C ARG G 44 -8.12 5.34 21.08
N MET G 45 -8.14 4.60 22.18
CA MET G 45 -7.19 4.84 23.27
C MET G 45 -5.80 4.42 22.82
N VAL G 46 -4.82 5.28 23.01
CA VAL G 46 -3.47 5.01 22.52
C VAL G 46 -2.46 5.20 23.64
N PRO G 47 -1.32 4.52 23.61
CA PRO G 47 -0.31 4.71 24.66
C PRO G 47 0.42 6.03 24.48
N ARG G 48 0.77 6.64 25.62
CA ARG G 48 1.55 7.86 25.64
C ARG G 48 2.81 7.72 26.50
N ALA G 49 3.15 6.49 26.89
CA ALA G 49 4.39 6.18 27.59
C ALA G 49 4.94 4.92 26.95
N PRO G 50 6.26 4.84 26.75
CA PRO G 50 6.83 3.70 26.02
C PRO G 50 6.51 2.35 26.65
N TRP G 51 6.44 2.28 27.98
CA TRP G 51 6.19 1.01 28.65
C TRP G 51 4.74 0.54 28.49
N MET G 52 3.86 1.37 27.94
CA MET G 52 2.49 0.95 27.63
C MET G 52 2.37 0.30 26.26
N GLU G 53 3.43 0.36 25.44
CA GLU G 53 3.37 -0.20 24.10
C GLU G 53 3.31 -1.72 24.11
N GLN G 54 3.69 -2.36 25.21
CA GLN G 54 3.65 -3.82 25.31
C GLN G 54 2.24 -4.36 25.53
N GLU G 55 1.23 -3.50 25.60
CA GLU G 55 -0.13 -3.95 25.86
C GLU G 55 -0.77 -4.52 24.59
N GLY G 56 -1.41 -5.67 24.72
CA GLY G 56 -2.03 -6.35 23.60
C GLY G 56 -3.39 -5.77 23.24
N SER G 57 -3.99 -6.36 22.22
CA SER G 57 -5.26 -5.85 21.69
C SER G 57 -6.38 -5.96 22.72
N GLU G 58 -6.29 -6.94 23.63
CA GLU G 58 -7.31 -7.09 24.64
C GLU G 58 -7.36 -5.90 25.59
N TYR G 59 -6.21 -5.26 25.84
CA TYR G 59 -6.22 -4.05 26.65
C TYR G 59 -6.78 -2.87 25.86
N TRP G 60 -6.28 -2.64 24.65
CA TRP G 60 -6.63 -1.45 23.90
C TRP G 60 -8.08 -1.48 23.41
N ASP G 61 -8.57 -2.65 22.99
CA ASP G 61 -9.96 -2.75 22.56
C ASP G 61 -10.91 -2.37 23.69
N ARG G 62 -10.63 -2.84 24.91
CA ARG G 62 -11.48 -2.54 26.04
C ARG G 62 -11.43 -1.05 26.40
N GLU G 63 -10.23 -0.48 26.47
CA GLU G 63 -10.11 0.94 26.80
C GLU G 63 -10.73 1.81 25.72
N THR G 64 -10.62 1.40 24.45
CA THR G 64 -11.28 2.14 23.38
C THR G 64 -12.79 2.11 23.52
N ARG G 65 -13.36 0.93 23.84
CA ARG G 65 -14.80 0.83 24.04
C ARG G 65 -15.24 1.71 25.22
N SER G 66 -14.47 1.69 26.31
CA SER G 66 -14.82 2.50 27.47
C SER G 66 -14.79 3.99 27.13
N ALA G 67 -13.78 4.44 26.38
CA ALA G 67 -13.64 5.86 26.11
C ALA G 67 -14.70 6.35 25.12
N ARG G 68 -15.01 5.53 24.11
CA ARG G 68 -16.08 5.88 23.18
C ARG G 68 -17.42 5.97 23.91
N ASP G 69 -17.66 5.06 24.85
CA ASP G 69 -18.91 5.10 25.61
C ASP G 69 -18.96 6.31 26.54
N THR G 70 -17.84 6.65 27.16
CA THR G 70 -17.80 7.83 28.03
C THR G 70 -18.09 9.10 27.24
N ALA G 71 -17.49 9.24 26.05
CA ALA G 71 -17.75 10.41 25.22
C ALA G 71 -19.23 10.53 24.87
N GLN G 72 -19.87 9.42 24.49
CA GLN G 72 -21.29 9.45 24.19
C GLN G 72 -22.12 9.85 25.40
N ILE G 73 -21.76 9.30 26.57
CA ILE G 73 -22.47 9.63 27.80
C ILE G 73 -22.29 11.11 28.14
N PHE G 74 -21.10 11.66 27.88
CA PHE G 74 -20.88 13.07 28.18
C PHE G 74 -21.63 13.97 27.22
N ARG G 75 -21.83 13.54 25.98
CA ARG G 75 -22.68 14.28 25.05
C ARG G 75 -24.10 14.37 25.58
N VAL G 76 -24.61 13.25 26.12
CA VAL G 76 -25.92 13.24 26.74
C VAL G 76 -25.93 14.14 27.98
N ASN G 77 -24.87 14.06 28.80
CA ASN G 77 -24.80 14.87 30.01
C ASN G 77 -24.79 16.36 29.67
N LEU G 78 -24.04 16.75 28.64
CA LEU G 78 -24.02 18.15 28.22
C LEU G 78 -25.41 18.63 27.83
N ARG G 79 -26.18 17.77 27.17
CA ARG G 79 -27.54 18.13 26.80
C ARG G 79 -28.42 18.25 28.04
N THR G 80 -28.28 17.32 28.99
CA THR G 80 -29.03 17.38 30.25
C THR G 80 -28.72 18.65 31.01
N LEU G 81 -27.42 18.97 31.15
CA LEU G 81 -27.03 20.14 31.93
C LEU G 81 -27.52 21.42 31.25
N ARG G 82 -27.54 21.43 29.92
CA ARG G 82 -28.07 22.57 29.18
C ARG G 82 -29.54 22.78 29.51
N GLY G 83 -30.28 21.70 29.76
CA GLY G 83 -31.66 21.78 30.17
C GLY G 83 -31.88 22.15 31.63
N TYR G 84 -31.01 21.66 32.52
CA TYR G 84 -31.11 22.03 33.93
C TYR G 84 -31.02 23.54 34.11
N TYR G 85 -30.11 24.18 33.39
CA TYR G 85 -29.86 25.60 33.55
C TYR G 85 -30.60 26.47 32.53
N ASN G 86 -31.45 25.86 31.70
CA ASN G 86 -32.23 26.57 30.70
C ASN G 86 -31.33 27.44 29.83
N GLN G 87 -30.28 26.82 29.31
CA GLN G 87 -29.30 27.51 28.49
C GLN G 87 -29.58 27.26 27.02
N SER G 88 -29.30 28.29 26.22
CA SER G 88 -29.50 28.19 24.78
C SER G 88 -28.59 27.12 24.19
N GLU G 89 -28.96 26.64 23.01
CA GLU G 89 -28.13 25.72 22.26
C GLU G 89 -26.96 26.44 21.58
N ALA G 90 -26.99 27.77 21.53
CA ALA G 90 -25.95 28.51 20.81
C ALA G 90 -24.67 28.69 21.60
N GLY G 91 -24.61 28.24 22.85
CA GLY G 91 -23.45 28.46 23.70
C GLY G 91 -22.62 27.21 23.88
N SER G 92 -21.29 27.39 23.90
CA SER G 92 -20.38 26.29 24.14
C SER G 92 -20.20 26.08 25.64
N HIS G 93 -20.24 24.82 26.06
CA HIS G 93 -20.12 24.49 27.47
C HIS G 93 -19.15 23.33 27.66
N THR G 94 -18.63 23.22 28.88
CA THR G 94 -17.58 22.26 29.21
C THR G 94 -18.04 21.39 30.37
N LEU G 95 -17.87 20.09 30.22
CA LEU G 95 -18.08 19.13 31.29
C LEU G 95 -16.78 18.38 31.52
N GLN G 96 -16.33 18.36 32.76
CA GLN G 96 -15.08 17.72 33.12
C GLN G 96 -15.34 16.66 34.18
N TRP G 97 -14.56 15.59 34.11
CA TRP G 97 -14.65 14.47 35.04
C TRP G 97 -13.24 14.06 35.41
N MET G 98 -12.97 13.99 36.72
CA MET G 98 -11.70 13.52 37.21
C MET G 98 -11.94 12.50 38.31
N HIS G 99 -11.10 11.47 38.33
CA HIS G 99 -11.20 10.42 39.32
C HIS G 99 -9.82 9.81 39.50
N GLY G 100 -9.61 9.16 40.64
CA GLY G 100 -8.32 8.54 40.91
C GLY G 100 -8.32 7.77 42.20
N CYS G 101 -7.39 6.82 42.28
CA CYS G 101 -7.12 6.07 43.49
C CYS G 101 -5.67 6.30 43.89
N GLU G 102 -5.41 6.38 45.18
CA GLU G 102 -4.06 6.60 45.70
C GLU G 102 -3.66 5.42 46.56
N LEU G 103 -2.46 4.90 46.35
CA LEU G 103 -1.91 3.83 47.18
C LEU G 103 -0.95 4.42 48.21
N GLY G 104 -0.93 3.83 49.39
CA GLY G 104 0.03 4.21 50.39
C GLY G 104 1.36 3.52 50.17
N PRO G 105 2.29 3.75 51.11
CA PRO G 105 3.59 3.07 51.01
C PRO G 105 3.48 1.56 51.17
N ASP G 106 2.45 1.07 51.85
CA ASP G 106 2.22 -0.36 51.96
C ASP G 106 1.63 -0.96 50.69
N GLY G 107 1.32 -0.14 49.69
CA GLY G 107 0.72 -0.62 48.46
C GLY G 107 -0.77 -0.87 48.54
N ARG G 108 -1.42 -0.47 49.62
CA ARG G 108 -2.85 -0.65 49.79
C ARG G 108 -3.61 0.63 49.52
N PHE G 109 -4.92 0.47 49.26
CA PHE G 109 -5.78 1.61 48.94
C PHE G 109 -5.77 2.62 50.07
N LEU G 110 -5.46 3.87 49.75
CA LEU G 110 -5.40 4.96 50.71
C LEU G 110 -6.53 5.96 50.55
N ARG G 111 -6.90 6.30 49.32
CA ARG G 111 -7.91 7.33 49.08
C ARG G 111 -8.46 7.18 47.68
N GLY G 112 -9.75 7.43 47.53
CA GLY G 112 -10.36 7.53 46.21
C GLY G 112 -11.22 8.76 46.13
N TYR G 113 -11.39 9.25 44.90
CA TYR G 113 -12.14 10.47 44.66
C TYR G 113 -12.74 10.45 43.26
N GLU G 114 -13.83 11.20 43.10
CA GLU G 114 -14.48 11.42 41.82
C GLU G 114 -15.21 12.75 41.88
N GLN G 115 -15.09 13.54 40.83
CA GLN G 115 -15.70 14.87 40.84
C GLN G 115 -16.05 15.29 39.41
N PHE G 116 -17.15 16.05 39.29
CA PHE G 116 -17.59 16.62 38.03
C PHE G 116 -17.56 18.14 38.11
N ALA G 117 -17.27 18.78 36.99
CA ALA G 117 -17.33 20.23 36.89
C ALA G 117 -18.07 20.64 35.64
N TYR G 118 -18.84 21.71 35.74
CA TYR G 118 -19.57 22.27 34.62
C TYR G 118 -19.15 23.72 34.45
N ASP G 119 -18.61 24.04 33.28
CA ASP G 119 -18.11 25.38 32.96
C ASP G 119 -17.09 25.85 34.00
N GLY G 120 -16.16 24.95 34.35
CA GLY G 120 -15.05 25.31 35.20
C GLY G 120 -15.35 25.43 36.67
N LYS G 121 -16.51 24.97 37.14
CA LYS G 121 -16.90 25.09 38.53
C LYS G 121 -17.37 23.74 39.04
N ASP G 122 -17.07 23.45 40.32
CA ASP G 122 -17.54 22.22 40.95
C ASP G 122 -19.02 22.00 40.67
N TYR G 123 -19.39 20.78 40.33
CA TYR G 123 -20.79 20.44 40.08
C TYR G 123 -21.28 19.33 41.01
N LEU G 124 -20.70 18.14 40.93
CA LEU G 124 -21.13 17.00 41.74
C LEU G 124 -19.88 16.25 42.19
N THR G 125 -19.85 15.89 43.47
CA THR G 125 -18.65 15.30 44.08
C THR G 125 -18.99 13.96 44.72
N LEU G 126 -18.20 12.93 44.41
CA LEU G 126 -18.22 11.69 45.18
C LEU G 126 -17.26 11.86 46.34
N ASN G 127 -17.78 11.88 47.56
CA ASN G 127 -16.94 12.10 48.73
C ASN G 127 -16.01 10.90 48.97
N GLU G 128 -14.94 11.15 49.72
CA GLU G 128 -13.91 10.14 49.93
C GLU G 128 -14.44 8.94 50.72
N ASP G 129 -15.57 9.08 51.41
CA ASP G 129 -16.18 7.88 51.98
C ASP G 129 -16.66 6.90 50.92
N LEU G 130 -16.71 7.34 49.66
CA LEU G 130 -17.11 6.51 48.52
C LEU G 130 -18.52 5.97 48.67
N ARG G 131 -19.40 6.73 49.34
CA ARG G 131 -20.79 6.33 49.49
C ARG G 131 -21.78 7.48 49.41
N SER G 132 -21.33 8.73 49.34
CA SER G 132 -22.25 9.86 49.30
C SER G 132 -21.80 10.86 48.25
N TRP G 133 -22.77 11.66 47.79
CA TRP G 133 -22.52 12.70 46.81
C TRP G 133 -22.84 14.05 47.44
N THR G 134 -22.21 15.10 46.91
CA THR G 134 -22.46 16.46 47.35
C THR G 134 -22.70 17.33 46.12
N ALA G 135 -23.83 18.03 46.11
CA ALA G 135 -24.22 18.89 45.00
C ALA G 135 -23.97 20.34 45.34
N VAL G 136 -23.58 21.13 44.34
CA VAL G 136 -23.30 22.54 44.56
C VAL G 136 -24.55 23.42 44.47
N ASP G 137 -25.60 22.97 43.78
CA ASP G 137 -26.82 23.77 43.63
C ASP G 137 -27.98 22.82 43.36
N THR G 138 -29.16 23.40 43.08
CA THR G 138 -30.36 22.59 42.89
C THR G 138 -30.28 21.74 41.62
N ALA G 139 -29.64 22.25 40.57
CA ALA G 139 -29.46 21.45 39.36
C ALA G 139 -28.64 20.21 39.65
N ALA G 140 -27.51 20.38 40.34
CA ALA G 140 -26.67 19.25 40.72
C ALA G 140 -27.37 18.33 41.72
N GLN G 141 -28.35 18.86 42.46
CA GLN G 141 -29.12 18.02 43.38
C GLN G 141 -29.97 17.01 42.62
N ILE G 142 -30.43 17.34 41.42
CA ILE G 142 -31.08 16.33 40.58
C ILE G 142 -30.08 15.26 40.17
N SER G 143 -28.87 15.68 39.82
CA SER G 143 -27.82 14.71 39.52
C SER G 143 -27.48 13.86 40.74
N GLU G 144 -27.46 14.47 41.93
CA GLU G 144 -27.24 13.71 43.15
C GLU G 144 -28.35 12.67 43.36
N GLN G 145 -29.61 13.08 43.19
CA GLN G 145 -30.72 12.15 43.37
C GLN G 145 -30.66 11.02 42.36
N LYS G 146 -30.30 11.34 41.12
CA LYS G 146 -30.12 10.32 40.09
C LYS G 146 -29.04 9.33 40.50
N SER G 147 -27.89 9.85 40.94
CA SER G 147 -26.78 9.00 41.36
C SER G 147 -27.19 8.10 42.54
N ASN G 148 -27.98 8.63 43.48
CA ASN G 148 -28.45 7.80 44.58
C ASN G 148 -29.37 6.68 44.08
N ASP G 149 -30.34 7.03 43.23
CA ASP G 149 -31.27 6.02 42.72
C ASP G 149 -30.55 4.90 41.97
N ALA G 150 -29.42 5.20 41.33
CA ALA G 150 -28.74 4.25 40.47
C ALA G 150 -27.62 3.50 41.19
N SER G 151 -27.48 3.71 42.50
CA SER G 151 -26.40 3.11 43.28
C SER G 151 -25.03 3.41 42.67
N GLU G 152 -24.89 4.63 42.14
CA GLU G 152 -23.68 4.99 41.41
C GLU G 152 -22.46 5.00 42.32
N ALA G 153 -22.62 5.40 43.58
CA ALA G 153 -21.50 5.39 44.51
C ALA G 153 -20.94 3.99 44.69
N GLU G 154 -21.81 2.99 44.77
CA GLU G 154 -21.34 1.61 44.91
C GLU G 154 -20.58 1.16 43.65
N HIS G 155 -21.07 1.56 42.47
CA HIS G 155 -20.41 1.17 41.23
C HIS G 155 -19.06 1.85 41.07
N GLN G 156 -18.98 3.14 41.37
CA GLN G 156 -17.70 3.84 41.28
C GLN G 156 -16.76 3.40 42.39
N ARG G 157 -17.30 3.04 43.56
CA ARG G 157 -16.46 2.55 44.64
C ARG G 157 -15.77 1.25 44.24
N ALA G 158 -16.49 0.35 43.56
CA ALA G 158 -15.89 -0.91 43.15
C ALA G 158 -14.75 -0.70 42.16
N TYR G 159 -14.91 0.26 41.25
CA TYR G 159 -13.83 0.58 40.32
C TYR G 159 -12.60 1.13 41.07
N LEU G 160 -12.84 2.05 42.00
CA LEU G 160 -11.73 2.73 42.66
C LEU G 160 -10.98 1.80 43.59
N GLU G 161 -11.69 0.94 44.30
CA GLU G 161 -11.07 0.06 45.29
C GLU G 161 -10.53 -1.23 44.68
N ASP G 162 -11.04 -1.64 43.52
CA ASP G 162 -10.65 -2.90 42.91
C ASP G 162 -9.91 -2.66 41.57
N THR G 163 -10.62 -2.22 40.54
CA THR G 163 -10.01 -2.08 39.22
C THR G 163 -8.86 -1.08 39.24
N CYS G 164 -9.09 0.10 39.82
CA CYS G 164 -8.06 1.13 39.84
C CYS G 164 -6.83 0.67 40.61
N VAL G 165 -7.03 0.03 41.77
CA VAL G 165 -5.91 -0.44 42.57
C VAL G 165 -5.13 -1.52 41.83
N GLU G 166 -5.85 -2.50 41.26
CA GLU G 166 -5.18 -3.61 40.61
C GLU G 166 -4.33 -3.15 39.42
N TRP G 167 -4.87 -2.24 38.60
CA TRP G 167 -4.14 -1.82 37.41
C TRP G 167 -3.02 -0.83 37.73
N LEU G 168 -3.14 -0.07 38.82
CA LEU G 168 -2.01 0.75 39.25
C LEU G 168 -0.81 -0.11 39.62
N HIS G 169 -1.06 -1.26 40.27
CA HIS G 169 0.03 -2.19 40.55
C HIS G 169 0.68 -2.69 39.27
N LYS G 170 -0.13 -3.00 38.26
CA LYS G 170 0.39 -3.48 36.99
C LYS G 170 1.21 -2.39 36.29
N TYR G 171 0.66 -1.17 36.23
CA TYR G 171 1.38 -0.07 35.59
C TYR G 171 2.72 0.19 36.27
N LEU G 172 2.73 0.20 37.61
CA LEU G 172 3.97 0.42 38.34
C LEU G 172 5.00 -0.65 38.02
N GLU G 173 4.55 -1.90 37.82
CA GLU G 173 5.47 -2.98 37.46
C GLU G 173 5.93 -2.85 36.00
N LYS G 174 5.01 -2.50 35.10
CA LYS G 174 5.35 -2.43 33.68
C LYS G 174 6.27 -1.25 33.39
N GLY G 175 6.06 -0.12 34.06
CA GLY G 175 6.90 1.05 33.86
C GLY G 175 7.85 1.33 35.00
N LYS G 176 8.31 0.27 35.69
CA LYS G 176 9.12 0.47 36.89
C LYS G 176 10.43 1.20 36.57
N GLU G 177 11.00 0.95 35.39
CA GLU G 177 12.30 1.52 35.06
C GLU G 177 12.28 3.05 34.99
N THR G 178 11.11 3.63 34.77
CA THR G 178 10.95 5.09 34.78
C THR G 178 10.03 5.57 35.90
N LEU G 179 8.97 4.82 36.20
CA LEU G 179 8.05 5.24 37.25
C LEU G 179 8.67 5.10 38.64
N LEU G 180 9.46 4.05 38.85
CA LEU G 180 10.06 3.79 40.16
C LEU G 180 11.53 4.19 40.26
N HIS G 181 12.28 4.11 39.17
CA HIS G 181 13.66 4.58 39.16
C HIS G 181 13.65 6.06 38.78
N LEU G 182 13.90 6.92 39.75
CA LEU G 182 13.65 8.35 39.65
C LEU G 182 14.84 9.08 39.04
N GLU G 183 14.54 10.23 38.44
CA GLU G 183 15.55 11.03 37.74
C GLU G 183 15.90 12.27 38.54
N PRO G 184 17.12 12.37 39.08
CA PRO G 184 17.49 13.54 39.89
C PRO G 184 17.72 14.75 39.01
N PRO G 185 17.61 15.96 39.57
CA PRO G 185 17.84 17.16 38.75
C PRO G 185 19.31 17.35 38.39
N LYS G 186 19.52 17.86 37.18
CA LYS G 186 20.81 18.42 36.80
C LYS G 186 20.80 19.90 37.17
N THR G 187 21.80 20.33 37.92
CA THR G 187 21.76 21.64 38.58
C THR G 187 22.97 22.49 38.24
N HIS G 188 22.73 23.81 38.17
CA HIS G 188 23.79 24.79 38.04
C HIS G 188 23.24 26.16 38.41
N VAL G 189 24.15 27.11 38.65
CA VAL G 189 23.82 28.50 38.97
C VAL G 189 24.41 29.42 37.92
N THR G 190 23.58 30.34 37.43
CA THR G 190 24.01 31.39 36.51
C THR G 190 23.97 32.73 37.22
N HIS G 191 24.76 33.67 36.71
CA HIS G 191 24.99 34.96 37.34
C HIS G 191 24.75 36.07 36.32
N HIS G 192 23.87 37.00 36.65
CA HIS G 192 23.49 38.09 35.76
C HIS G 192 23.54 39.42 36.50
N PRO G 193 24.60 40.20 36.31
CA PRO G 193 24.69 41.50 36.98
C PRO G 193 23.60 42.46 36.51
N ILE G 194 22.89 43.04 37.48
CA ILE G 194 21.86 44.04 37.19
C ILE G 194 22.45 45.43 37.09
N SER G 195 23.35 45.77 38.01
CA SER G 195 23.95 47.09 38.04
C SER G 195 25.33 46.95 38.67
N ASP G 196 25.89 48.08 39.10
CA ASP G 196 27.19 48.04 39.76
C ASP G 196 27.10 47.44 41.15
N HIS G 197 25.92 47.46 41.78
CA HIS G 197 25.76 47.07 43.16
C HIS G 197 24.90 45.83 43.39
N GLU G 198 24.25 45.30 42.35
CA GLU G 198 23.39 44.14 42.52
C GLU G 198 23.55 43.19 41.34
N ALA G 199 23.25 41.92 41.59
CA ALA G 199 23.33 40.88 40.58
C ALA G 199 22.31 39.79 40.91
N THR G 200 21.88 39.08 39.88
CA THR G 200 20.96 37.97 40.03
C THR G 200 21.71 36.64 40.02
N LEU G 201 21.44 35.82 41.03
CA LEU G 201 21.86 34.43 41.05
C LEU G 201 20.65 33.55 40.79
N ARG G 202 20.70 32.76 39.72
CA ARG G 202 19.60 31.89 39.35
C ARG G 202 20.06 30.44 39.47
N CYS G 203 19.38 29.68 40.32
CA CYS G 203 19.68 28.27 40.55
C CYS G 203 18.76 27.40 39.70
N TRP G 204 19.34 26.62 38.80
CA TRP G 204 18.57 25.84 37.84
C TRP G 204 18.49 24.38 38.28
N ALA G 205 17.31 23.79 38.09
CA ALA G 205 17.10 22.36 38.28
C ALA G 205 16.41 21.84 37.03
N LEU G 206 17.10 20.97 36.28
CA LEU G 206 16.64 20.58 34.95
C LEU G 206 16.50 19.08 34.85
N GLY G 207 15.47 18.63 34.14
CA GLY G 207 15.36 17.24 33.77
C GLY G 207 15.10 16.27 34.89
N PHE G 208 14.32 16.66 35.89
CA PHE G 208 14.07 15.78 37.03
C PHE G 208 12.69 15.15 36.94
N TYR G 209 12.54 14.00 37.62
CA TYR G 209 11.28 13.31 37.74
C TYR G 209 11.32 12.58 39.08
N PRO G 210 10.26 12.67 39.90
CA PRO G 210 9.00 13.38 39.63
C PRO G 210 9.11 14.90 39.76
N ALA G 211 7.96 15.59 39.65
CA ALA G 211 7.97 17.04 39.59
C ALA G 211 8.24 17.68 40.95
N GLU G 212 7.99 16.97 42.05
CA GLU G 212 8.20 17.52 43.38
C GLU G 212 9.68 17.84 43.61
N ILE G 213 9.95 19.06 44.05
CA ILE G 213 11.32 19.52 44.31
C ILE G 213 11.23 20.77 45.18
N THR G 214 12.32 21.06 45.89
CA THR G 214 12.42 22.27 46.69
C THR G 214 13.75 22.94 46.41
N LEU G 215 13.69 24.24 46.09
CA LEU G 215 14.88 25.04 45.86
C LEU G 215 14.94 26.14 46.91
N THR G 216 16.07 26.22 47.62
CA THR G 216 16.22 27.19 48.70
C THR G 216 17.57 27.87 48.59
N TRP G 217 17.57 29.19 48.75
CA TRP G 217 18.80 29.98 48.78
C TRP G 217 19.17 30.29 50.23
N GLN G 218 20.45 30.09 50.55
CA GLN G 218 21.02 30.43 51.85
C GLN G 218 22.32 31.18 51.63
N GLN G 219 22.83 31.79 52.70
CA GLN G 219 24.13 32.46 52.63
C GLN G 219 24.78 32.40 53.99
N ASP G 220 26.09 32.15 54.00
CA ASP G 220 26.86 32.02 55.22
C ASP G 220 27.68 33.28 55.54
N GLY G 221 27.26 34.43 55.02
CA GLY G 221 27.93 35.69 55.28
C GLY G 221 27.39 36.38 56.51
N GLU G 222 27.60 37.69 56.54
CA GLU G 222 27.36 38.48 57.75
C GLU G 222 25.97 39.11 57.79
N GLY G 223 25.43 39.54 56.65
CA GLY G 223 24.18 40.25 56.61
C GLY G 223 22.97 39.34 56.62
N HIS G 224 21.84 39.91 56.19
CA HIS G 224 20.60 39.16 56.08
C HIS G 224 20.57 38.38 54.77
N THR G 225 19.51 37.61 54.57
CA THR G 225 19.33 36.78 53.38
C THR G 225 18.22 37.38 52.52
N GLN G 226 18.54 37.68 51.27
CA GLN G 226 17.58 38.31 50.38
C GLN G 226 16.47 37.33 50.00
N ASP G 227 15.38 37.88 49.45
CA ASP G 227 14.22 37.08 49.11
C ASP G 227 14.48 36.21 47.87
N THR G 228 13.72 35.14 47.75
CA THR G 228 13.88 34.16 46.67
C THR G 228 12.69 34.26 45.72
N GLU G 229 12.99 34.43 44.44
CA GLU G 229 11.98 34.37 43.38
C GLU G 229 11.93 32.95 42.82
N LEU G 230 10.75 32.33 42.88
CA LEU G 230 10.52 30.99 42.36
C LEU G 230 9.58 31.04 41.16
N VAL G 231 9.90 30.26 40.12
CA VAL G 231 8.96 30.05 39.02
C VAL G 231 8.30 28.69 39.23
N GLU G 232 7.06 28.59 38.75
CA GLU G 232 6.33 27.33 38.83
C GLU G 232 7.04 26.22 38.05
N THR G 233 6.99 25.02 38.61
CA THR G 233 7.54 23.83 37.96
C THR G 233 6.91 23.65 36.58
N ARG G 234 7.75 23.39 35.58
CA ARG G 234 7.35 23.36 34.19
C ARG G 234 7.87 22.11 33.51
N PRO G 235 7.11 21.57 32.55
CA PRO G 235 7.57 20.36 31.85
C PRO G 235 8.65 20.66 30.83
N ALA G 236 9.67 19.80 30.79
CA ALA G 236 10.73 19.94 29.82
C ALA G 236 10.32 19.50 28.42
N GLY G 237 9.30 18.65 28.32
CA GLY G 237 8.85 18.11 27.06
C GLY G 237 9.23 16.67 26.81
N ASP G 238 10.08 16.08 27.65
CA ASP G 238 10.52 14.71 27.48
C ASP G 238 10.09 13.81 28.64
N GLY G 239 9.13 14.26 29.45
CA GLY G 239 8.69 13.53 30.62
C GLY G 239 9.26 14.03 31.93
N THR G 240 10.31 14.84 31.88
CA THR G 240 10.92 15.42 33.07
C THR G 240 10.49 16.88 33.21
N PHE G 241 10.93 17.51 34.29
CA PHE G 241 10.46 18.84 34.66
C PHE G 241 11.63 19.77 34.92
N GLN G 242 11.32 21.06 35.02
CA GLN G 242 12.30 22.12 35.26
C GLN G 242 11.77 23.07 36.33
N LYS G 243 12.70 23.76 36.98
CA LYS G 243 12.37 24.83 37.92
C LYS G 243 13.64 25.62 38.18
N TRP G 244 13.47 26.90 38.53
CA TRP G 244 14.61 27.68 38.99
C TRP G 244 14.18 28.65 40.08
N ALA G 245 15.16 29.05 40.88
CA ALA G 245 14.97 29.96 42.00
C ALA G 245 16.05 31.02 41.93
N ALA G 246 15.66 32.29 42.00
CA ALA G 246 16.58 33.40 41.83
C ALA G 246 16.60 34.28 43.06
N VAL G 247 17.73 34.94 43.28
CA VAL G 247 17.91 35.89 44.36
C VAL G 247 18.79 37.02 43.85
N VAL G 248 18.50 38.24 44.28
CA VAL G 248 19.29 39.41 43.90
C VAL G 248 20.17 39.75 45.09
N VAL G 249 21.48 39.74 44.88
CA VAL G 249 22.42 39.88 45.99
C VAL G 249 23.34 41.06 45.75
N PRO G 250 23.88 41.66 46.81
CA PRO G 250 24.86 42.75 46.63
C PRO G 250 26.15 42.22 46.03
N SER G 251 26.70 42.99 45.09
CA SER G 251 27.97 42.61 44.47
C SER G 251 29.03 42.47 45.54
N GLY G 252 29.76 41.36 45.50
CA GLY G 252 30.72 41.01 46.53
C GLY G 252 30.24 39.99 47.52
N GLU G 253 28.94 39.70 47.55
CA GLU G 253 28.39 38.66 48.41
C GLU G 253 27.96 37.43 47.64
N GLU G 254 28.29 37.35 46.35
CA GLU G 254 27.78 36.27 45.50
C GLU G 254 28.29 34.91 45.98
N GLN G 255 29.56 34.81 46.33
CA GLN G 255 30.14 33.53 46.71
C GLN G 255 29.77 33.11 48.13
N ARG G 256 28.98 33.91 48.83
CA ARG G 256 28.44 33.51 50.13
C ARG G 256 27.13 32.75 50.00
N TYR G 257 26.42 32.93 48.88
CA TYR G 257 25.15 32.26 48.63
C TYR G 257 25.33 30.89 47.99
N THR G 258 24.62 29.91 48.54
CA THR G 258 24.55 28.56 48.02
C THR G 258 23.09 28.15 47.87
N CYS G 259 22.80 27.46 46.77
CA CYS G 259 21.46 26.94 46.49
C CYS G 259 21.36 25.52 47.02
N HIS G 260 20.30 25.24 47.76
CA HIS G 260 20.07 23.94 48.38
C HIS G 260 18.92 23.25 47.64
N VAL G 261 19.22 22.11 47.01
CA VAL G 261 18.27 21.41 46.15
C VAL G 261 17.93 20.08 46.79
N GLN G 262 16.64 19.84 47.00
CA GLN G 262 16.15 18.58 47.53
C GLN G 262 15.22 17.93 46.51
N HIS G 263 15.50 16.67 46.18
CA HIS G 263 14.67 15.91 45.26
C HIS G 263 14.76 14.44 45.63
N GLU G 264 13.65 13.72 45.41
CA GLU G 264 13.57 12.32 45.78
C GLU G 264 14.55 11.44 45.01
N GLY G 265 14.97 11.87 43.82
CA GLY G 265 15.95 11.15 43.03
C GLY G 265 17.39 11.32 43.46
N LEU G 266 17.65 12.23 44.41
CA LEU G 266 18.99 12.46 44.94
C LEU G 266 19.20 11.65 46.21
N PRO G 267 20.30 10.89 46.31
CA PRO G 267 20.54 10.15 47.57
C PRO G 267 20.66 11.07 48.77
N GLU G 268 21.18 12.28 48.57
CA GLU G 268 21.17 13.32 49.59
C GLU G 268 21.01 14.66 48.89
N PRO G 269 20.48 15.68 49.57
CA PRO G 269 20.34 16.99 48.93
C PRO G 269 21.70 17.57 48.51
N VAL G 270 21.68 18.33 47.42
CA VAL G 270 22.89 18.91 46.85
C VAL G 270 22.92 20.41 47.12
N THR G 271 24.11 20.91 47.41
CA THR G 271 24.35 22.33 47.58
C THR G 271 25.38 22.75 46.55
N LEU G 272 25.17 23.91 45.92
CA LEU G 272 26.10 24.41 44.91
C LEU G 272 26.20 25.93 45.00
N ARG G 273 27.35 26.42 44.54
CA ARG G 273 27.72 27.83 44.55
C ARG G 273 28.00 28.29 43.13
N TRP G 274 27.93 29.60 42.92
CA TRP G 274 28.30 30.15 41.62
C TRP G 274 29.81 30.10 41.43
N MET H 1 -20.56 30.68 34.61
CA MET H 1 -19.40 30.52 33.75
C MET H 1 -18.14 31.10 34.40
N ILE H 2 -17.15 30.25 34.62
CA ILE H 2 -15.88 30.63 35.23
C ILE H 2 -14.80 30.67 34.16
N GLN H 3 -14.07 31.77 34.10
CA GLN H 3 -13.00 31.96 33.13
C GLN H 3 -11.70 32.29 33.86
N ARG H 4 -10.59 31.76 33.35
CA ARG H 4 -9.28 31.96 33.95
C ARG H 4 -8.28 32.24 32.84
N THR H 5 -7.44 33.27 33.04
CA THR H 5 -6.46 33.61 32.02
C THR H 5 -5.24 32.71 32.14
N PRO H 6 -4.59 32.37 31.02
CA PRO H 6 -3.46 31.44 31.09
C PRO H 6 -2.19 32.09 31.63
N LYS H 7 -1.49 31.37 32.49
CA LYS H 7 -0.11 31.68 32.80
C LYS H 7 0.77 31.17 31.66
N ILE H 8 1.86 31.87 31.41
CA ILE H 8 2.69 31.63 30.22
C ILE H 8 4.15 31.59 30.65
N GLN H 9 4.82 30.48 30.30
CA GLN H 9 6.27 30.38 30.41
C GLN H 9 6.83 29.99 29.06
N VAL H 10 7.86 30.73 28.61
CA VAL H 10 8.58 30.42 27.39
C VAL H 10 10.02 30.09 27.78
N TYR H 11 10.53 28.98 27.27
CA TYR H 11 11.83 28.48 27.69
C TYR H 11 12.27 27.39 26.73
N SER H 12 13.54 26.99 26.86
CA SER H 12 14.11 25.92 26.07
C SER H 12 14.23 24.65 26.91
N ARG H 13 14.28 23.50 26.23
CA ARG H 13 14.38 22.24 26.94
C ARG H 13 15.76 22.05 27.55
N HIS H 14 16.80 22.43 26.83
CA HIS H 14 18.18 22.35 27.28
C HIS H 14 18.77 23.74 27.40
N PRO H 15 19.82 23.92 28.21
CA PRO H 15 20.48 25.23 28.27
C PRO H 15 20.93 25.66 26.89
N ALA H 16 20.60 26.89 26.53
CA ALA H 16 20.79 27.36 25.17
C ALA H 16 22.27 27.51 24.84
N GLU H 17 22.66 27.00 23.67
CA GLU H 17 23.99 27.22 23.10
C GLU H 17 23.79 27.59 21.64
N ASN H 18 24.41 28.69 21.21
CA ASN H 18 24.19 29.20 19.86
C ASN H 18 24.64 28.18 18.82
N GLY H 19 23.79 27.96 17.82
CA GLY H 19 24.09 27.03 16.76
C GLY H 19 23.85 25.56 17.09
N LYS H 20 23.34 25.25 18.27
CA LYS H 20 23.10 23.87 18.68
C LYS H 20 21.60 23.61 18.79
N SER H 21 21.15 22.51 18.18
CA SER H 21 19.73 22.21 18.07
C SER H 21 19.11 22.00 19.46
N ASN H 22 17.89 22.49 19.63
CA ASN H 22 17.25 22.51 20.94
C ASN H 22 15.75 22.38 20.75
N PHE H 23 14.98 22.70 21.81
CA PHE H 23 13.52 22.65 21.76
C PHE H 23 12.96 23.90 22.44
N LEU H 24 12.18 24.68 21.70
CA LEU H 24 11.53 25.86 22.25
C LEU H 24 10.16 25.48 22.80
N ASN H 25 9.93 25.79 24.08
CA ASN H 25 8.70 25.42 24.77
C ASN H 25 7.87 26.64 25.11
N CYS H 26 6.55 26.51 25.01
CA CYS H 26 5.60 27.49 25.54
C CYS H 26 4.60 26.74 26.39
N TYR H 27 4.67 26.92 27.71
CA TYR H 27 3.82 26.21 28.65
C TYR H 27 2.72 27.16 29.12
N VAL H 28 1.48 26.84 28.80
CA VAL H 28 0.32 27.58 29.26
C VAL H 28 -0.45 26.71 30.24
N SER H 29 -0.87 27.31 31.36
CA SER H 29 -1.58 26.59 32.41
C SER H 29 -2.56 27.53 33.08
N GLY H 30 -3.40 26.95 33.94
CA GLY H 30 -4.30 27.73 34.75
C GLY H 30 -5.41 28.45 34.01
N PHE H 31 -5.77 28.00 32.80
CA PHE H 31 -6.75 28.70 32.01
C PHE H 31 -8.04 27.87 31.86
N HIS H 32 -9.13 28.60 31.60
CA HIS H 32 -10.46 28.05 31.41
C HIS H 32 -11.30 29.08 30.66
N PRO H 33 -12.05 28.69 29.61
CA PRO H 33 -12.20 27.33 29.10
C PRO H 33 -10.99 26.82 28.32
N SER H 34 -11.12 25.63 27.74
CA SER H 34 -9.98 24.94 27.15
C SER H 34 -9.58 25.51 25.79
N ASP H 35 -10.50 26.17 25.08
CA ASP H 35 -10.15 26.74 23.79
C ASP H 35 -9.07 27.79 23.95
N ILE H 36 -7.97 27.60 23.24
CA ILE H 36 -6.83 28.50 23.30
C ILE H 36 -6.09 28.43 21.98
N GLU H 37 -5.36 29.51 21.66
CA GLU H 37 -4.57 29.61 20.45
C GLU H 37 -3.14 29.97 20.86
N VAL H 38 -2.18 29.13 20.49
CA VAL H 38 -0.79 29.32 20.87
C VAL H 38 0.07 29.17 19.62
N ASP H 39 0.88 30.18 19.34
CA ASP H 39 1.81 30.16 18.21
C ASP H 39 3.22 30.44 18.72
N LEU H 40 4.20 29.77 18.12
CA LEU H 40 5.61 30.03 18.39
C LEU H 40 6.17 30.86 17.24
N LEU H 41 6.89 31.92 17.58
CA LEU H 41 7.30 32.92 16.60
C LEU H 41 8.81 32.98 16.48
N LYS H 42 9.28 33.25 15.27
CA LYS H 42 10.69 33.51 14.98
C LYS H 42 10.76 34.81 14.21
N ASN H 43 11.34 35.85 14.84
CA ASN H 43 11.41 37.18 14.25
C ASN H 43 10.03 37.68 13.84
N GLY H 44 9.03 37.39 14.68
CA GLY H 44 7.68 37.82 14.44
C GLY H 44 6.87 36.93 13.51
N GLU H 45 7.49 35.99 12.81
CA GLU H 45 6.79 35.12 11.89
C GLU H 45 6.51 33.76 12.54
N ARG H 46 5.37 33.18 12.18
CA ARG H 46 4.89 31.96 12.80
C ARG H 46 5.75 30.77 12.36
N ILE H 47 6.16 29.96 13.33
CA ILE H 47 6.91 28.74 13.04
C ILE H 47 5.93 27.65 12.62
N GLU H 48 6.30 26.88 11.60
CA GLU H 48 5.38 25.98 10.92
C GLU H 48 4.94 24.81 11.78
N LYS H 49 5.84 23.85 12.03
CA LYS H 49 5.46 22.58 12.66
C LYS H 49 5.60 22.69 14.17
N VAL H 50 4.52 23.11 14.82
CA VAL H 50 4.45 23.25 16.27
C VAL H 50 3.49 22.21 16.81
N GLU H 51 3.98 21.37 17.71
CA GLU H 51 3.16 20.35 18.35
C GLU H 51 2.78 20.78 19.76
N HIS H 52 1.79 20.08 20.32
CA HIS H 52 1.38 20.32 21.70
C HIS H 52 1.03 19.00 22.35
N SER H 53 1.02 19.00 23.68
CA SER H 53 0.67 17.83 24.45
C SER H 53 -0.86 17.66 24.51
N ASP H 54 -1.28 16.55 25.11
CA ASP H 54 -2.70 16.26 25.25
C ASP H 54 -3.31 17.13 26.35
N LEU H 55 -4.55 17.55 26.14
CA LEU H 55 -5.22 18.47 27.05
C LEU H 55 -5.47 17.78 28.39
N SER H 56 -4.99 18.39 29.47
CA SER H 56 -5.24 17.92 30.82
C SER H 56 -5.56 19.11 31.71
N PHE H 57 -6.02 18.84 32.92
CA PHE H 57 -6.39 19.91 33.84
C PHE H 57 -6.00 19.55 35.26
N SER H 58 -6.05 20.55 36.14
CA SER H 58 -5.63 20.43 37.53
C SER H 58 -6.85 20.25 38.44
N LYS H 59 -6.59 20.23 39.75
CA LYS H 59 -7.64 20.01 40.73
C LYS H 59 -8.66 21.14 40.76
N ASP H 60 -8.26 22.35 40.36
CA ASP H 60 -9.17 23.48 40.28
C ASP H 60 -9.90 23.56 38.95
N TRP H 61 -9.74 22.55 38.10
CA TRP H 61 -10.35 22.36 36.78
C TRP H 61 -9.68 23.18 35.69
N SER H 62 -8.64 23.96 36.00
CA SER H 62 -7.98 24.77 35.00
C SER H 62 -7.05 23.92 34.15
N PHE H 63 -6.97 24.25 32.87
CA PHE H 63 -6.27 23.45 31.88
C PHE H 63 -4.79 23.83 31.79
N TYR H 64 -4.01 22.92 31.21
CA TYR H 64 -2.60 23.20 30.91
C TYR H 64 -2.19 22.44 29.66
N LEU H 65 -1.36 23.07 28.85
CA LEU H 65 -0.86 22.50 27.60
C LEU H 65 0.58 22.92 27.41
N LEU H 66 1.37 22.05 26.81
CA LEU H 66 2.75 22.35 26.44
C LEU H 66 2.86 22.37 24.92
N TYR H 67 3.22 23.53 24.37
CA TYR H 67 3.52 23.67 22.95
C TYR H 67 5.03 23.69 22.76
N TYR H 68 5.51 23.10 21.68
CA TYR H 68 6.94 22.96 21.50
C TYR H 68 7.28 22.79 20.03
N THR H 69 8.53 23.12 19.70
CA THR H 69 9.07 22.91 18.36
C THR H 69 10.58 22.83 18.46
N GLU H 70 11.18 22.21 17.45
CA GLU H 70 12.64 22.22 17.33
C GLU H 70 13.10 23.60 16.85
N PHE H 71 14.18 24.09 17.44
CA PHE H 71 14.75 25.35 16.98
C PHE H 71 16.24 25.37 17.30
N THR H 72 16.93 26.31 16.68
CA THR H 72 18.36 26.53 16.91
C THR H 72 18.57 27.94 17.41
N PRO H 73 18.87 28.15 18.70
CA PRO H 73 19.02 29.51 19.20
C PRO H 73 20.24 30.19 18.61
N THR H 74 20.09 31.49 18.32
CA THR H 74 21.18 32.32 17.83
C THR H 74 21.15 33.64 18.58
N GLU H 75 22.19 34.45 18.35
CA GLU H 75 22.25 35.78 18.97
C GLU H 75 21.37 36.80 18.28
N LYS H 76 21.01 36.59 17.00
CA LYS H 76 20.32 37.60 16.22
C LYS H 76 18.83 37.34 16.08
N ASP H 77 18.35 36.15 16.41
CA ASP H 77 16.96 35.78 16.17
C ASP H 77 16.16 35.88 17.47
N GLU H 78 14.99 36.51 17.39
CA GLU H 78 14.11 36.70 18.54
C GLU H 78 12.98 35.68 18.47
N TYR H 79 12.84 34.89 19.53
CA TYR H 79 11.79 33.89 19.64
C TYR H 79 10.78 34.31 20.70
N ALA H 80 9.51 33.97 20.46
CA ALA H 80 8.45 34.41 21.35
C ALA H 80 7.28 33.45 21.23
N CYS H 81 6.40 33.50 22.23
CA CYS H 81 5.14 32.79 22.20
C CYS H 81 4.00 33.79 22.13
N ARG H 82 3.02 33.51 21.30
CA ARG H 82 1.83 34.35 21.15
C ARG H 82 0.61 33.56 21.58
N VAL H 83 -0.11 34.09 22.56
CA VAL H 83 -1.21 33.39 23.21
C VAL H 83 -2.47 34.23 23.09
N ASN H 84 -3.54 33.62 22.59
CA ASN H 84 -4.86 34.23 22.54
C ASN H 84 -5.85 33.34 23.27
N HIS H 85 -6.81 33.98 23.93
CA HIS H 85 -7.75 33.30 24.81
C HIS H 85 -8.90 34.27 25.07
N VAL H 86 -10.04 33.71 25.47
CA VAL H 86 -11.23 34.53 25.69
C VAL H 86 -11.00 35.57 26.78
N THR H 87 -10.13 35.26 27.75
CA THR H 87 -9.84 36.20 28.83
C THR H 87 -8.95 37.36 28.40
N LEU H 88 -8.37 37.30 27.21
CA LEU H 88 -7.38 38.27 26.77
C LEU H 88 -8.02 39.30 25.84
N SER H 89 -7.96 40.58 26.23
CA SER H 89 -8.47 41.65 25.38
C SER H 89 -7.71 41.71 24.06
N GLN H 90 -6.43 41.33 24.07
CA GLN H 90 -5.61 41.27 22.88
C GLN H 90 -4.64 40.11 23.05
N PRO H 91 -4.14 39.53 21.96
CA PRO H 91 -3.17 38.44 22.08
C PRO H 91 -1.93 38.89 22.85
N LYS H 92 -1.44 38.02 23.72
CA LYS H 92 -0.29 38.31 24.56
C LYS H 92 0.95 37.67 23.96
N ILE H 93 2.03 38.43 23.89
CA ILE H 93 3.30 37.97 23.35
C ILE H 93 4.34 37.95 24.46
N VAL H 94 4.98 36.80 24.66
CA VAL H 94 6.04 36.65 25.65
C VAL H 94 7.30 36.24 24.91
N LYS H 95 8.33 37.08 24.99
CA LYS H 95 9.58 36.81 24.29
C LYS H 95 10.41 35.78 25.05
N TRP H 96 11.14 34.96 24.30
CA TRP H 96 12.02 33.99 24.92
C TRP H 96 13.27 34.67 25.46
N ASP H 97 13.61 34.36 26.70
CA ASP H 97 14.83 34.83 27.35
C ASP H 97 15.61 33.59 27.78
N ARG H 98 16.80 33.40 27.19
CA ARG H 98 17.54 32.17 27.43
C ARG H 98 17.98 32.01 28.88
N ASP H 99 17.98 33.09 29.66
CA ASP H 99 18.34 33.04 31.07
C ASP H 99 17.14 32.78 31.96
N MET H 100 16.00 32.38 31.40
CA MET H 100 14.80 32.15 32.18
C MET H 100 13.97 30.99 31.63
N ARG I 1 36.55 27.03 5.38
CA ARG I 1 36.67 28.45 5.06
C ARG I 1 37.25 28.65 3.67
N GLN I 2 37.09 29.85 3.12
CA GLN I 2 37.52 30.15 1.76
C GLN I 2 38.97 30.60 1.74
N PRO I 3 39.61 30.59 0.57
CA PRO I 3 41.02 31.01 0.51
C PRO I 3 41.20 32.44 0.98
N ALA I 4 42.34 32.70 1.63
CA ALA I 4 42.64 34.05 2.08
C ALA I 4 42.97 34.96 0.90
N LYS I 5 43.75 34.46 -0.06
CA LYS I 5 44.20 35.23 -1.21
C LYS I 5 43.69 34.56 -2.47
N ALA I 6 42.92 35.32 -3.29
CA ALA I 6 42.43 34.84 -4.57
C ALA I 6 43.44 35.13 -5.66
N PRO I 7 43.54 34.24 -6.66
CA PRO I 7 44.57 34.42 -7.70
C PRO I 7 44.33 35.67 -8.53
N LEU I 8 45.44 36.25 -8.99
CA LEU I 8 45.41 37.37 -9.91
C LEU I 8 45.48 36.85 -11.35
N LEU I 9 44.74 37.52 -12.23
CA LEU I 9 44.62 37.08 -13.61
C LEU I 9 45.31 38.02 -14.59
N ARG J 1 15.52 -17.38 -9.44
CA ARG J 1 16.15 -16.36 -10.26
C ARG J 1 17.13 -16.98 -11.26
N GLN J 2 17.55 -16.18 -12.23
CA GLN J 2 18.46 -16.64 -13.28
C GLN J 2 19.90 -16.49 -12.82
N PRO J 3 20.86 -17.09 -13.54
CA PRO J 3 22.27 -16.89 -13.19
C PRO J 3 22.65 -15.43 -13.26
N ALA J 4 23.52 -15.01 -12.34
CA ALA J 4 23.96 -13.63 -12.31
C ALA J 4 24.97 -13.32 -13.40
N LYS J 5 25.67 -14.32 -13.92
CA LYS J 5 26.67 -14.12 -14.96
C LYS J 5 26.48 -15.18 -16.03
N ALA J 6 26.28 -14.74 -17.29
CA ALA J 6 26.13 -15.70 -18.37
C ALA J 6 27.50 -16.06 -18.95
N PRO J 7 27.67 -17.33 -19.37
CA PRO J 7 28.97 -17.75 -19.90
C PRO J 7 29.35 -17.01 -21.17
N LEU J 8 30.65 -16.80 -21.33
CA LEU J 8 31.23 -16.31 -22.58
C LEU J 8 31.57 -17.49 -23.47
N LEU J 9 31.24 -17.37 -24.76
CA LEU J 9 31.54 -18.43 -25.71
C LEU J 9 32.74 -18.06 -26.57
N ARG K 1 -31.44 -38.61 -6.99
CA ARG K 1 -32.84 -38.88 -7.26
C ARG K 1 -33.73 -38.39 -6.12
N GLN K 2 -34.81 -37.73 -6.47
CA GLN K 2 -35.74 -37.21 -5.46
C GLN K 2 -36.82 -38.24 -5.17
N PRO K 3 -37.53 -38.10 -4.04
CA PRO K 3 -38.61 -39.04 -3.73
C PRO K 3 -39.71 -38.99 -4.77
N ALA K 4 -40.30 -40.14 -5.04
CA ALA K 4 -41.37 -40.22 -6.04
C ALA K 4 -42.68 -39.64 -5.53
N LYS K 5 -42.91 -39.69 -4.22
CA LYS K 5 -44.16 -39.24 -3.63
C LYS K 5 -43.87 -38.34 -2.44
N ALA K 6 -44.26 -37.07 -2.56
CA ALA K 6 -44.13 -36.13 -1.45
C ALA K 6 -45.22 -36.38 -0.42
N PRO K 7 -44.93 -36.16 0.87
CA PRO K 7 -45.92 -36.44 1.91
C PRO K 7 -47.10 -35.47 1.86
N LEU K 8 -48.29 -35.99 2.18
CA LEU K 8 -49.46 -35.16 2.36
C LEU K 8 -49.47 -34.58 3.77
N LEU K 9 -49.77 -33.30 3.88
CA LEU K 9 -49.85 -32.66 5.19
C LEU K 9 -51.30 -32.51 5.63
N ARG L 1 -6.41 1.46 33.91
CA ARG L 1 -7.73 1.14 33.35
C ARG L 1 -8.79 2.11 33.86
N GLN L 2 -9.58 2.65 32.94
CA GLN L 2 -10.61 3.64 33.26
C GLN L 2 -11.93 2.94 33.52
N PRO L 3 -12.91 3.64 34.11
CA PRO L 3 -14.20 3.02 34.37
C PRO L 3 -14.93 2.67 33.08
N ALA L 4 -15.63 1.54 33.10
CA ALA L 4 -16.32 1.08 31.90
C ALA L 4 -17.53 1.94 31.58
N LYS L 5 -18.24 2.40 32.60
CA LYS L 5 -19.46 3.18 32.43
C LYS L 5 -19.37 4.47 33.23
N ALA L 6 -19.47 5.60 32.55
CA ALA L 6 -19.51 6.87 33.22
C ALA L 6 -20.91 7.15 33.77
N PRO L 7 -21.00 7.89 34.87
CA PRO L 7 -22.34 8.20 35.43
C PRO L 7 -23.15 9.07 34.47
N LEU L 8 -24.47 8.97 34.60
CA LEU L 8 -25.40 9.81 33.88
C LEU L 8 -25.89 10.89 34.81
N LEU L 9 -25.74 12.15 34.40
CA LEU L 9 -26.05 13.29 35.25
C LEU L 9 -27.49 13.76 35.09
S SO4 M . 23.61 46.08 -8.38
O1 SO4 M . 24.72 46.26 -7.46
O2 SO4 M . 23.46 47.27 -9.21
O3 SO4 M . 23.86 44.93 -9.24
O4 SO4 M . 22.37 45.85 -7.64
S SO4 N . 19.42 42.39 -5.35
O1 SO4 N . 19.67 43.11 -4.10
O2 SO4 N . 19.98 43.14 -6.46
O3 SO4 N . 20.05 41.07 -5.28
O4 SO4 N . 17.99 42.22 -5.53
ZN ZN O . -8.57 -26.98 -9.39
S SO4 P . 24.89 -17.63 -8.99
O1 SO4 P . 26.25 -17.47 -8.48
O2 SO4 P . 23.99 -16.73 -8.28
O3 SO4 P . 24.86 -17.32 -10.42
O4 SO4 P . 24.47 -19.01 -8.79
S SO4 Q . 20.98 -15.34 -3.49
O1 SO4 Q . 20.62 -15.64 -2.11
O2 SO4 Q . 22.20 -14.56 -3.52
O3 SO4 Q . 21.18 -16.59 -4.22
O4 SO4 Q . 19.90 -14.59 -4.12
S SO4 R . 15.11 1.14 -14.86
O1 SO4 R . 16.20 0.30 -14.37
O2 SO4 R . 15.53 2.54 -14.87
O3 SO4 R . 14.75 0.72 -16.22
O4 SO4 R . 13.96 0.99 -13.98
S SO4 S . -43.29 -35.29 -21.48
O1 SO4 S . -44.60 -35.14 -20.84
O2 SO4 S . -42.33 -34.40 -20.85
O3 SO4 S . -43.40 -34.94 -22.90
O4 SO4 S . -42.84 -36.67 -21.36
S SO4 T . -6.24 20.52 18.26
O1 SO4 T . -6.07 19.78 19.51
O2 SO4 T . -4.95 21.10 17.88
O3 SO4 T . -6.70 19.63 17.22
O4 SO4 T . -7.21 21.60 18.46
#